data_4YYG
# 
_entry.id   4YYG 
# 
_audit_conform.dict_name       mmcif_pdbx.dic 
_audit_conform.dict_version    5.379 
_audit_conform.dict_location   http://mmcif.pdb.org/dictionaries/ascii/mmcif_pdbx.dic 
# 
loop_
_database_2.database_id 
_database_2.database_code 
_database_2.pdbx_database_accession 
_database_2.pdbx_DOI 
PDB   4YYG         pdb_00004yyg 10.2210/pdb4yyg/pdb 
WWPDB D_1000208297 ?            ?                   
# 
loop_
_pdbx_database_related.content_type 
_pdbx_database_related.db_id 
_pdbx_database_related.db_name 
_pdbx_database_related.details 
unspecified 4YY4 PDB . 
unspecified 4YY6 PDB . 
unspecified 4YYD PDB . 
unspecified 4YYH PDB . 
unspecified 4YYI PDB . 
unspecified 4YYJ PDB . 
unspecified 4YYK PDB . 
unspecified 4YYM PDB . 
unspecified 4YYN PDB . 
# 
_pdbx_database_status.status_code                     REL 
_pdbx_database_status.status_code_sf                  REL 
_pdbx_database_status.status_code_mr                  ? 
_pdbx_database_status.entry_id                        4YYG 
_pdbx_database_status.recvd_initial_deposition_date   2015-03-23 
_pdbx_database_status.SG_entry                        N 
_pdbx_database_status.deposit_site                    RCSB 
_pdbx_database_status.process_site                    RCSB 
_pdbx_database_status.status_code_cs                  ? 
_pdbx_database_status.methods_development_category    ? 
_pdbx_database_status.pdb_format_compatible           Y 
_pdbx_database_status.status_code_nmr_data            ? 
# 
loop_
_audit_author.name 
_audit_author.pdbx_ordinal 
'Tang, Y.'      1 
'Bellon, S.'    2 
'Cochran, A.G.' 3 
'Poy, F.'       4 
# 
_citation.abstract                  ? 
_citation.abstract_id_CAS           ? 
_citation.book_id_ISBN              ? 
_citation.book_publisher            ? 
_citation.book_publisher_city       ? 
_citation.book_title                ? 
_citation.coordinate_linkage        ? 
_citation.country                   UK 
_citation.database_id_Medline       ? 
_citation.details                   ? 
_citation.id                        primary 
_citation.journal_abbrev            Structure 
_citation.journal_id_ASTM           STRUE6 
_citation.journal_id_CSD            2005 
_citation.journal_id_ISSN           0969-2126 
_citation.journal_full              ? 
_citation.journal_issue             ? 
_citation.journal_volume            23 
_citation.language                  ? 
_citation.page_first                1801 
_citation.page_last                 1814 
_citation.title                     
'A Subset of Human Bromodomains Recognizes Butyryllysine and Crotonyllysine Histone Peptide Modifications.' 
_citation.year                      2015 
_citation.database_id_CSD           ? 
_citation.pdbx_database_id_DOI      10.1016/j.str.2015.08.004 
_citation.pdbx_database_id_PubMed   26365797 
_citation.unpublished_flag          ? 
# 
loop_
_citation_author.citation_id 
_citation_author.name 
_citation_author.ordinal 
_citation_author.identifier_ORCID 
primary 'Flynn, E.M.'   1 ? 
primary 'Huang, O.W.'   2 ? 
primary 'Poy, F.'       3 ? 
primary 'Oppikofer, M.' 4 ? 
primary 'Bellon, S.F.'  5 ? 
primary 'Tang, Y.'      6 ? 
primary 'Cochran, A.G.' 7 ? 
# 
_cell.angle_alpha                  90.000 
_cell.angle_alpha_esd              ? 
_cell.angle_beta                   90.000 
_cell.angle_beta_esd               ? 
_cell.angle_gamma                  90.000 
_cell.angle_gamma_esd              ? 
_cell.entry_id                     4YYG 
_cell.details                      ? 
_cell.formula_units_Z              ? 
_cell.length_a                     35.117 
_cell.length_a_esd                 ? 
_cell.length_b                     69.825 
_cell.length_b_esd                 ? 
_cell.length_c                     104.554 
_cell.length_c_esd                 ? 
_cell.volume                       ? 
_cell.volume_esd                   ? 
_cell.Z_PDB                        8 
_cell.reciprocal_angle_alpha       ? 
_cell.reciprocal_angle_beta        ? 
_cell.reciprocal_angle_gamma       ? 
_cell.reciprocal_angle_alpha_esd   ? 
_cell.reciprocal_angle_beta_esd    ? 
_cell.reciprocal_angle_gamma_esd   ? 
_cell.reciprocal_length_a          ? 
_cell.reciprocal_length_b          ? 
_cell.reciprocal_length_c          ? 
_cell.reciprocal_length_a_esd      ? 
_cell.reciprocal_length_b_esd      ? 
_cell.reciprocal_length_c_esd      ? 
_cell.pdbx_unique_axis             ? 
# 
_symmetry.entry_id                         4YYG 
_symmetry.cell_setting                     ? 
_symmetry.Int_Tables_number                20 
_symmetry.space_group_name_Hall            ? 
_symmetry.space_group_name_H-M             'C 2 2 21' 
_symmetry.pdbx_full_space_group_name_H-M   ? 
# 
loop_
_entity.id 
_entity.type 
_entity.src_method 
_entity.pdbx_description 
_entity.formula_weight 
_entity.pdbx_number_of_molecules 
_entity.pdbx_ec 
_entity.pdbx_mutation 
_entity.pdbx_fragment 
_entity.details 
1 polymer man 'Bromodomain-containing protein 9' 12444.461 1  ? ? 'bromodomain (UNP residues 17-123)'   ? 
2 polymer syn 'Histone H4'                       1114.279  1  ? ? 'N-terminal tail (UNP residues 2-12)' 
'lysine residues butyrylated' 
3 water   nat water                              18.015    21 ? ? ?                                     ? 
# 
_entity_name_com.entity_id   1 
_entity_name_com.name        'Rhabdomyosarcoma antigen MU-RMS-40.8, BRD9' 
# 
loop_
_entity_poly.entity_id 
_entity_poly.type 
_entity_poly.nstd_linkage 
_entity_poly.nstd_monomer 
_entity_poly.pdbx_seq_one_letter_code 
_entity_poly.pdbx_seq_one_letter_code_can 
_entity_poly.pdbx_strand_id 
_entity_poly.pdbx_target_identifier 
1 'polypeptide(L)' no no  
;GSAENESTPIQQLLEHFLRQLQRKDPHGFFAFPVTDAIAPGYSMIIKHPMDFGTMKDKIVANEYKSVTEFKADFKLMCDN
AMTYNRPDTVYYKLAKKILHAGFKMMSK
;
;GSAENESTPIQQLLEHFLRQLQRKDPHGFFAFPVTDAIAPGYSMIIKHPMDFGTMKDKIVANEYKSVTEFKADFKLMCDN
AMTYNRPDTVYYKLAKKILHAGFKMMSK
;
A ? 
2 'polypeptide(L)' no yes 'SGRG(BTK)GG(BTK)GLG' SGRGXGGXGLG B ? 
# 
loop_
_entity_poly_seq.entity_id 
_entity_poly_seq.num 
_entity_poly_seq.mon_id 
_entity_poly_seq.hetero 
1 1   GLY n 
1 2   SER n 
1 3   ALA n 
1 4   GLU n 
1 5   ASN n 
1 6   GLU n 
1 7   SER n 
1 8   THR n 
1 9   PRO n 
1 10  ILE n 
1 11  GLN n 
1 12  GLN n 
1 13  LEU n 
1 14  LEU n 
1 15  GLU n 
1 16  HIS n 
1 17  PHE n 
1 18  LEU n 
1 19  ARG n 
1 20  GLN n 
1 21  LEU n 
1 22  GLN n 
1 23  ARG n 
1 24  LYS n 
1 25  ASP n 
1 26  PRO n 
1 27  HIS n 
1 28  GLY n 
1 29  PHE n 
1 30  PHE n 
1 31  ALA n 
1 32  PHE n 
1 33  PRO n 
1 34  VAL n 
1 35  THR n 
1 36  ASP n 
1 37  ALA n 
1 38  ILE n 
1 39  ALA n 
1 40  PRO n 
1 41  GLY n 
1 42  TYR n 
1 43  SER n 
1 44  MET n 
1 45  ILE n 
1 46  ILE n 
1 47  LYS n 
1 48  HIS n 
1 49  PRO n 
1 50  MET n 
1 51  ASP n 
1 52  PHE n 
1 53  GLY n 
1 54  THR n 
1 55  MET n 
1 56  LYS n 
1 57  ASP n 
1 58  LYS n 
1 59  ILE n 
1 60  VAL n 
1 61  ALA n 
1 62  ASN n 
1 63  GLU n 
1 64  TYR n 
1 65  LYS n 
1 66  SER n 
1 67  VAL n 
1 68  THR n 
1 69  GLU n 
1 70  PHE n 
1 71  LYS n 
1 72  ALA n 
1 73  ASP n 
1 74  PHE n 
1 75  LYS n 
1 76  LEU n 
1 77  MET n 
1 78  CYS n 
1 79  ASP n 
1 80  ASN n 
1 81  ALA n 
1 82  MET n 
1 83  THR n 
1 84  TYR n 
1 85  ASN n 
1 86  ARG n 
1 87  PRO n 
1 88  ASP n 
1 89  THR n 
1 90  VAL n 
1 91  TYR n 
1 92  TYR n 
1 93  LYS n 
1 94  LEU n 
1 95  ALA n 
1 96  LYS n 
1 97  LYS n 
1 98  ILE n 
1 99  LEU n 
1 100 HIS n 
1 101 ALA n 
1 102 GLY n 
1 103 PHE n 
1 104 LYS n 
1 105 MET n 
1 106 MET n 
1 107 SER n 
1 108 LYS n 
2 1   SER n 
2 2   GLY n 
2 3   ARG n 
2 4   GLY n 
2 5   BTK n 
2 6   GLY n 
2 7   GLY n 
2 8   BTK n 
2 9   GLY n 
2 10  LEU n 
2 11  GLY n 
# 
_entity_src_gen.entity_id                          1 
_entity_src_gen.pdbx_src_id                        1 
_entity_src_gen.pdbx_alt_source_flag               sample 
_entity_src_gen.pdbx_seq_type                      'Biological sequence' 
_entity_src_gen.pdbx_beg_seq_num                   1 
_entity_src_gen.pdbx_end_seq_num                   108 
_entity_src_gen.gene_src_common_name               Human 
_entity_src_gen.gene_src_genus                     ? 
_entity_src_gen.pdbx_gene_src_gene                 'BRD9, UNQ3040/PRO9856' 
_entity_src_gen.gene_src_species                   ? 
_entity_src_gen.gene_src_strain                    ? 
_entity_src_gen.gene_src_tissue                    ? 
_entity_src_gen.gene_src_tissue_fraction           ? 
_entity_src_gen.gene_src_details                   ? 
_entity_src_gen.pdbx_gene_src_fragment             ? 
_entity_src_gen.pdbx_gene_src_scientific_name      'Homo sapiens' 
_entity_src_gen.pdbx_gene_src_ncbi_taxonomy_id     9606 
_entity_src_gen.pdbx_gene_src_variant              ? 
_entity_src_gen.pdbx_gene_src_cell_line            ? 
_entity_src_gen.pdbx_gene_src_atcc                 ? 
_entity_src_gen.pdbx_gene_src_organ                ? 
_entity_src_gen.pdbx_gene_src_organelle            ? 
_entity_src_gen.pdbx_gene_src_cell                 ? 
_entity_src_gen.pdbx_gene_src_cellular_location    ? 
_entity_src_gen.host_org_common_name               ? 
_entity_src_gen.pdbx_host_org_scientific_name      'Escherichia coli BL21(DE3)' 
_entity_src_gen.pdbx_host_org_ncbi_taxonomy_id     469008 
_entity_src_gen.host_org_genus                     ? 
_entity_src_gen.pdbx_host_org_gene                 ? 
_entity_src_gen.pdbx_host_org_organ                ? 
_entity_src_gen.host_org_species                   ? 
_entity_src_gen.pdbx_host_org_tissue               ? 
_entity_src_gen.pdbx_host_org_tissue_fraction      ? 
_entity_src_gen.pdbx_host_org_strain               ? 
_entity_src_gen.pdbx_host_org_variant              ? 
_entity_src_gen.pdbx_host_org_cell_line            ? 
_entity_src_gen.pdbx_host_org_atcc                 ? 
_entity_src_gen.pdbx_host_org_culture_collection   ? 
_entity_src_gen.pdbx_host_org_cell                 ? 
_entity_src_gen.pdbx_host_org_organelle            ? 
_entity_src_gen.pdbx_host_org_cellular_location    ? 
_entity_src_gen.pdbx_host_org_vector_type          plasmid 
_entity_src_gen.pdbx_host_org_vector               ? 
_entity_src_gen.host_org_details                   ? 
_entity_src_gen.expression_system_id               ? 
_entity_src_gen.plasmid_name                       pRSF 
_entity_src_gen.plasmid_details                    ? 
_entity_src_gen.pdbx_description                   ? 
# 
_pdbx_entity_src_syn.entity_id              2 
_pdbx_entity_src_syn.pdbx_src_id            1 
_pdbx_entity_src_syn.pdbx_alt_source_flag   sample 
_pdbx_entity_src_syn.pdbx_beg_seq_num       1 
_pdbx_entity_src_syn.pdbx_end_seq_num       11 
_pdbx_entity_src_syn.organism_scientific    'Homo sapiens' 
_pdbx_entity_src_syn.organism_common_name   Human 
_pdbx_entity_src_syn.ncbi_taxonomy_id       9606 
_pdbx_entity_src_syn.details                ? 
# 
loop_
_struct_ref.id 
_struct_ref.db_name 
_struct_ref.db_code 
_struct_ref.pdbx_db_accession 
_struct_ref.pdbx_db_isoform 
_struct_ref.entity_id 
_struct_ref.pdbx_seq_one_letter_code 
_struct_ref.pdbx_align_begin 
1 UNP BRD9_HUMAN Q9H8M2 Q9H8M2-1 1 
;SAENESTPIQQLLEHFLRQLQRKDPHGFFAFPVTDAIAPGYSMIIKHPMDFGTMKDKIVANEYKSVTEFKADFKLMCDNA
MTYNRPDTVYYKLAKKILHAGFKMMSK
;
17 
2 UNP H4_HUMAN   P62805 ?        2 SGRGKGGKGLG 2  
# 
loop_
_struct_ref_seq.align_id 
_struct_ref_seq.ref_id 
_struct_ref_seq.pdbx_PDB_id_code 
_struct_ref_seq.pdbx_strand_id 
_struct_ref_seq.seq_align_beg 
_struct_ref_seq.pdbx_seq_align_beg_ins_code 
_struct_ref_seq.seq_align_end 
_struct_ref_seq.pdbx_seq_align_end_ins_code 
_struct_ref_seq.pdbx_db_accession 
_struct_ref_seq.db_align_beg 
_struct_ref_seq.pdbx_db_align_beg_ins_code 
_struct_ref_seq.db_align_end 
_struct_ref_seq.pdbx_db_align_end_ins_code 
_struct_ref_seq.pdbx_auth_seq_align_beg 
_struct_ref_seq.pdbx_auth_seq_align_end 
1 1 4YYG A 2 ? 108 ? Q9H8M2 17 ? 123 ? 17 123 
2 2 4YYG B 1 ? 11  ? P62805 2  ? 12  ? 1  11  
# 
_struct_ref_seq_dif.align_id                     1 
_struct_ref_seq_dif.pdbx_pdb_id_code             4YYG 
_struct_ref_seq_dif.mon_id                       GLY 
_struct_ref_seq_dif.pdbx_pdb_strand_id           A 
_struct_ref_seq_dif.seq_num                      1 
_struct_ref_seq_dif.pdbx_pdb_ins_code            ? 
_struct_ref_seq_dif.pdbx_seq_db_name             UNP 
_struct_ref_seq_dif.pdbx_seq_db_accession_code   Q9H8M2 
_struct_ref_seq_dif.db_mon_id                    ? 
_struct_ref_seq_dif.pdbx_seq_db_seq_num          ? 
_struct_ref_seq_dif.details                      'expression tag' 
_struct_ref_seq_dif.pdbx_auth_seq_num            16 
_struct_ref_seq_dif.pdbx_ordinal                 1 
# 
loop_
_chem_comp.id 
_chem_comp.type 
_chem_comp.mon_nstd_flag 
_chem_comp.name 
_chem_comp.pdbx_synonyms 
_chem_comp.formula 
_chem_comp.formula_weight 
ALA 'L-peptide linking' y ALANINE                ? 'C3 H7 N O2'     89.093  
ARG 'L-peptide linking' y ARGININE               ? 'C6 H15 N4 O2 1' 175.209 
ASN 'L-peptide linking' y ASPARAGINE             ? 'C4 H8 N2 O3'    132.118 
ASP 'L-peptide linking' y 'ASPARTIC ACID'        ? 'C4 H7 N O4'     133.103 
BTK 'L-peptide linking' n N~6~-butanoyl-L-lysine ? 'C10 H20 N2 O3'  216.277 
CYS 'L-peptide linking' y CYSTEINE               ? 'C3 H7 N O2 S'   121.158 
GLN 'L-peptide linking' y GLUTAMINE              ? 'C5 H10 N2 O3'   146.144 
GLU 'L-peptide linking' y 'GLUTAMIC ACID'        ? 'C5 H9 N O4'     147.129 
GLY 'peptide linking'   y GLYCINE                ? 'C2 H5 N O2'     75.067  
HIS 'L-peptide linking' y HISTIDINE              ? 'C6 H10 N3 O2 1' 156.162 
HOH non-polymer         . WATER                  ? 'H2 O'           18.015  
ILE 'L-peptide linking' y ISOLEUCINE             ? 'C6 H13 N O2'    131.173 
LEU 'L-peptide linking' y LEUCINE                ? 'C6 H13 N O2'    131.173 
LYS 'L-peptide linking' y LYSINE                 ? 'C6 H15 N2 O2 1' 147.195 
MET 'L-peptide linking' y METHIONINE             ? 'C5 H11 N O2 S'  149.211 
PHE 'L-peptide linking' y PHENYLALANINE          ? 'C9 H11 N O2'    165.189 
PRO 'L-peptide linking' y PROLINE                ? 'C5 H9 N O2'     115.130 
SER 'L-peptide linking' y SERINE                 ? 'C3 H7 N O3'     105.093 
THR 'L-peptide linking' y THREONINE              ? 'C4 H9 N O3'     119.119 
TYR 'L-peptide linking' y TYROSINE               ? 'C9 H11 N O3'    181.189 
VAL 'L-peptide linking' y VALINE                 ? 'C5 H11 N O2'    117.146 
# 
_exptl.absorpt_coefficient_mu     ? 
_exptl.absorpt_correction_T_max   ? 
_exptl.absorpt_correction_T_min   ? 
_exptl.absorpt_correction_type    ? 
_exptl.absorpt_process_details    ? 
_exptl.entry_id                   4YYG 
_exptl.crystals_number            1 
_exptl.details                    ? 
_exptl.method                     'X-RAY DIFFRACTION' 
_exptl.method_details             ? 
# 
_exptl_crystal.colour                      ? 
_exptl_crystal.density_diffrn              ? 
_exptl_crystal.density_Matthews            2.58 
_exptl_crystal.density_method              ? 
_exptl_crystal.density_percent_sol         52.24 
_exptl_crystal.description                 ? 
_exptl_crystal.F_000                       ? 
_exptl_crystal.id                          1 
_exptl_crystal.preparation                 ? 
_exptl_crystal.size_max                    ? 
_exptl_crystal.size_mid                    ? 
_exptl_crystal.size_min                    ? 
_exptl_crystal.size_rad                    ? 
_exptl_crystal.colour_lustre               ? 
_exptl_crystal.colour_modifier             ? 
_exptl_crystal.colour_primary              ? 
_exptl_crystal.density_meas                ? 
_exptl_crystal.density_meas_esd            ? 
_exptl_crystal.density_meas_gt             ? 
_exptl_crystal.density_meas_lt             ? 
_exptl_crystal.density_meas_temp           ? 
_exptl_crystal.density_meas_temp_esd       ? 
_exptl_crystal.density_meas_temp_gt        ? 
_exptl_crystal.density_meas_temp_lt        ? 
_exptl_crystal.pdbx_crystal_image_url      ? 
_exptl_crystal.pdbx_crystal_image_format   ? 
_exptl_crystal.pdbx_mosaicity              ? 
_exptl_crystal.pdbx_mosaicity_esd          ? 
# 
_exptl_crystal_grow.apparatus       ? 
_exptl_crystal_grow.atmosphere      ? 
_exptl_crystal_grow.crystal_id      1 
_exptl_crystal_grow.details         ? 
_exptl_crystal_grow.method          'VAPOR DIFFUSION, SITTING DROP' 
_exptl_crystal_grow.method_ref      ? 
_exptl_crystal_grow.pH              6.5 
_exptl_crystal_grow.pressure        ? 
_exptl_crystal_grow.pressure_esd    ? 
_exptl_crystal_grow.seeding         ? 
_exptl_crystal_grow.seeding_ref     ? 
_exptl_crystal_grow.temp            277 
_exptl_crystal_grow.temp_details    ? 
_exptl_crystal_grow.temp_esd        ? 
_exptl_crystal_grow.time            ? 
_exptl_crystal_grow.pdbx_details    '0.05 M calcium chloride dihydrate, 0.1 M Bis-Tris, pH 6.5, 30% v/v PEG550 MME' 
_exptl_crystal_grow.pdbx_pH_range   ? 
# 
_diffrn.ambient_environment    ? 
_diffrn.ambient_temp           100 
_diffrn.ambient_temp_details   ? 
_diffrn.ambient_temp_esd       ? 
_diffrn.crystal_id             1 
_diffrn.crystal_support        ? 
_diffrn.crystal_treatment      ? 
_diffrn.details                ? 
_diffrn.id                     1 
_diffrn.ambient_pressure       ? 
_diffrn.ambient_pressure_esd   ? 
_diffrn.ambient_pressure_gt    ? 
_diffrn.ambient_pressure_lt    ? 
_diffrn.ambient_temp_gt        ? 
_diffrn.ambient_temp_lt        ? 
# 
_diffrn_detector.details                      ? 
_diffrn_detector.detector                     CCD 
_diffrn_detector.diffrn_id                    1 
_diffrn_detector.type                         'RAYONIX MX300-HS' 
_diffrn_detector.area_resol_mean              ? 
_diffrn_detector.dtime                        ? 
_diffrn_detector.pdbx_frames_total            ? 
_diffrn_detector.pdbx_collection_time_total   ? 
_diffrn_detector.pdbx_collection_date         2013-02-24 
# 
_diffrn_radiation.collimation                      ? 
_diffrn_radiation.diffrn_id                        1 
_diffrn_radiation.filter_edge                      ? 
_diffrn_radiation.inhomogeneity                    ? 
_diffrn_radiation.monochromator                    'Si(111)' 
_diffrn_radiation.polarisn_norm                    ? 
_diffrn_radiation.polarisn_ratio                   ? 
_diffrn_radiation.probe                            ? 
_diffrn_radiation.type                             ? 
_diffrn_radiation.xray_symbol                      ? 
_diffrn_radiation.wavelength_id                    1 
_diffrn_radiation.pdbx_monochromatic_or_laue_m_l   M 
_diffrn_radiation.pdbx_wavelength_list             ? 
_diffrn_radiation.pdbx_wavelength                  ? 
_diffrn_radiation.pdbx_diffrn_protocol             'SINGLE WAVELENGTH' 
_diffrn_radiation.pdbx_analyzer                    ? 
_diffrn_radiation.pdbx_scattering_type             x-ray 
# 
_diffrn_radiation_wavelength.id           1 
_diffrn_radiation_wavelength.wavelength   1.000 
_diffrn_radiation_wavelength.wt           1.0 
# 
_diffrn_source.current                     ? 
_diffrn_source.details                     ? 
_diffrn_source.diffrn_id                   1 
_diffrn_source.power                       ? 
_diffrn_source.size                        ? 
_diffrn_source.source                      SYNCHROTRON 
_diffrn_source.target                      ? 
_diffrn_source.type                        'APS BEAMLINE 22-ID' 
_diffrn_source.voltage                     ? 
_diffrn_source.take-off_angle              ? 
_diffrn_source.pdbx_wavelength_list        1.000 
_diffrn_source.pdbx_wavelength             ? 
_diffrn_source.pdbx_synchrotron_beamline   22-ID 
_diffrn_source.pdbx_synchrotron_site       APS 
# 
_reflns.B_iso_Wilson_estimate            ? 
_reflns.entry_id                         4YYG 
_reflns.data_reduction_details           ? 
_reflns.data_reduction_method            ? 
_reflns.d_resolution_high                2.000 
_reflns.d_resolution_low                 50.000 
_reflns.details                          ? 
_reflns.limit_h_max                      ? 
_reflns.limit_h_min                      ? 
_reflns.limit_k_max                      ? 
_reflns.limit_k_min                      ? 
_reflns.limit_l_max                      ? 
_reflns.limit_l_min                      ? 
_reflns.number_all                       ? 
_reflns.number_obs                       8638 
_reflns.observed_criterion               ? 
_reflns.observed_criterion_F_max         ? 
_reflns.observed_criterion_F_min         ? 
_reflns.observed_criterion_I_max         ? 
_reflns.observed_criterion_I_min         ? 
_reflns.observed_criterion_sigma_F       ? 
_reflns.observed_criterion_sigma_I       ? 
_reflns.percent_possible_obs             95.200 
_reflns.R_free_details                   ? 
_reflns.Rmerge_F_all                     ? 
_reflns.Rmerge_F_obs                     ? 
_reflns.Friedel_coverage                 ? 
_reflns.number_gt                        ? 
_reflns.threshold_expression             ? 
_reflns.pdbx_redundancy                  4.300 
_reflns.pdbx_Rmerge_I_obs                0.091 
_reflns.pdbx_Rmerge_I_all                ? 
_reflns.pdbx_Rsym_value                  ? 
_reflns.pdbx_netI_over_av_sigmaI         14.661 
_reflns.pdbx_netI_over_sigmaI            8.000 
_reflns.pdbx_res_netI_over_av_sigmaI_2   ? 
_reflns.pdbx_res_netI_over_sigmaI_2      ? 
_reflns.pdbx_chi_squared                 1.043 
_reflns.pdbx_scaling_rejects             ? 
_reflns.pdbx_d_res_high_opt              ? 
_reflns.pdbx_d_res_low_opt               ? 
_reflns.pdbx_d_res_opt_method            ? 
_reflns.phase_calculation_details        ? 
_reflns.pdbx_Rrim_I_all                  ? 
_reflns.pdbx_Rpim_I_all                  ? 
_reflns.pdbx_d_opt                       ? 
_reflns.pdbx_number_measured_all         36832 
_reflns.pdbx_diffrn_id                   1 
_reflns.pdbx_ordinal                     1 
_reflns.pdbx_CC_half                     ? 
_reflns.pdbx_R_split                     ? 
# 
loop_
_reflns_shell.d_res_high 
_reflns_shell.d_res_low 
_reflns_shell.meanI_over_sigI_all 
_reflns_shell.meanI_over_sigI_obs 
_reflns_shell.number_measured_all 
_reflns_shell.number_measured_obs 
_reflns_shell.number_possible 
_reflns_shell.number_unique_all 
_reflns_shell.number_unique_obs 
_reflns_shell.percent_possible_all 
_reflns_shell.percent_possible_obs 
_reflns_shell.Rmerge_F_all 
_reflns_shell.Rmerge_F_obs 
_reflns_shell.Rmerge_I_all 
_reflns_shell.Rmerge_I_obs 
_reflns_shell.meanI_over_sigI_gt 
_reflns_shell.meanI_over_uI_all 
_reflns_shell.meanI_over_uI_gt 
_reflns_shell.number_measured_gt 
_reflns_shell.number_unique_gt 
_reflns_shell.percent_possible_gt 
_reflns_shell.Rmerge_F_gt 
_reflns_shell.Rmerge_I_gt 
_reflns_shell.pdbx_redundancy 
_reflns_shell.pdbx_Rsym_value 
_reflns_shell.pdbx_chi_squared 
_reflns_shell.pdbx_netI_over_sigmaI_all 
_reflns_shell.pdbx_netI_over_sigmaI_obs 
_reflns_shell.pdbx_Rrim_I_all 
_reflns_shell.pdbx_Rpim_I_all 
_reflns_shell.pdbx_rejects 
_reflns_shell.pdbx_ordinal 
_reflns_shell.pdbx_diffrn_id 
_reflns_shell.pdbx_CC_half 
_reflns_shell.pdbx_R_split 
2.000 2.070  ? ? ? ? ? 747 ? 83.500 ? ? ? ? 0.632 ? ? ? ? ? ? ? ? 4.000 ? 1.014 ? ? ? ? 0 1  1 ? ? 
2.070 2.150  ? ? ? ? ? 828 ? 94.800 ? ? ? ? 0.538 ? ? ? ? ? ? ? ? 4.000 ? 1.044 ? ? ? ? 0 2  1 ? ? 
2.150 2.250  ? ? ? ? ? 853 ? 95.300 ? ? ? ? 0.358 ? ? ? ? ? ? ? ? 4.300 ? 1.045 ? ? ? ? 0 3  1 ? ? 
2.250 2.370  ? ? ? ? ? 856 ? 97.500 ? ? ? ? 0.369 ? ? ? ? ? ? ? ? 4.500 ? 1.044 ? ? ? ? 0 4  1 ? ? 
2.370 2.520  ? ? ? ? ? 884 ? 97.600 ? ? ? ? 0.250 ? ? ? ? ? ? ? ? 4.500 ? 1.053 ? ? ? ? 0 5  1 ? ? 
2.520 2.710  ? ? ? ? ? 881 ? 98.300 ? ? ? ? 0.202 ? ? ? ? ? ? ? ? 4.500 ? 1.074 ? ? ? ? 0 6  1 ? ? 
2.710 2.990  ? ? ? ? ? 881 ? 97.100 ? ? ? ? 0.121 ? ? ? ? ? ? ? ? 4.400 ? 1.047 ? ? ? ? 0 7  1 ? ? 
2.990 3.420  ? ? ? ? ? 874 ? 97.300 ? ? ? ? 0.074 ? ? ? ? ? ? ? ? 4.300 ? 1.054 ? ? ? ? 0 8  1 ? ? 
3.420 4.310  ? ? ? ? ? 863 ? 92.300 ? ? ? ? 0.049 ? ? ? ? ? ? ? ? 4.000 ? 1.018 ? ? ? ? 0 9  1 ? ? 
4.310 50.000 ? ? ? ? ? 971 ? 98.300 ? ? ? ? 0.048 ? ? ? ? ? ? ? ? 4.100 ? 1.026 ? ? ? ? 0 10 1 ? ? 
# 
_refine.aniso_B[1][1]                            3.4200 
_refine.aniso_B[1][2]                            0.0000 
_refine.aniso_B[1][3]                            0.0000 
_refine.aniso_B[2][2]                            -5.0700 
_refine.aniso_B[2][3]                            -0.0000 
_refine.aniso_B[3][3]                            1.6500 
_refine.B_iso_max                                81.460 
_refine.B_iso_mean                               35.9800 
_refine.B_iso_min                                21.140 
_refine.correlation_coeff_Fo_to_Fc               0.9300 
_refine.correlation_coeff_Fo_to_Fc_free          0.8940 
_refine.details                                  ? 
_refine.diff_density_max                         ? 
_refine.diff_density_max_esd                     ? 
_refine.diff_density_min                         ? 
_refine.diff_density_min_esd                     ? 
_refine.diff_density_rms                         ? 
_refine.diff_density_rms_esd                     ? 
_refine.entry_id                                 4YYG 
_refine.pdbx_refine_id                           'X-RAY DIFFRACTION' 
_refine.ls_abs_structure_details                 ? 
_refine.ls_abs_structure_Flack                   ? 
_refine.ls_abs_structure_Flack_esd               ? 
_refine.ls_abs_structure_Rogers                  ? 
_refine.ls_abs_structure_Rogers_esd              ? 
_refine.ls_d_res_high                            2.1000 
_refine.ls_d_res_low                             33.1200 
_refine.ls_extinction_coef                       ? 
_refine.ls_extinction_coef_esd                   ? 
_refine.ls_extinction_expression                 ? 
_refine.ls_extinction_method                     ? 
_refine.ls_goodness_of_fit_all                   ? 
_refine.ls_goodness_of_fit_all_esd               ? 
_refine.ls_goodness_of_fit_obs                   ? 
_refine.ls_goodness_of_fit_obs_esd               ? 
_refine.ls_hydrogen_treatment                    ? 
_refine.ls_matrix_type                           ? 
_refine.ls_number_constraints                    ? 
_refine.ls_number_parameters                     ? 
_refine.ls_number_reflns_all                     ? 
_refine.ls_number_reflns_obs                     7156 
_refine.ls_number_reflns_R_free                  346 
_refine.ls_number_reflns_R_work                  ? 
_refine.ls_number_restraints                     ? 
_refine.ls_percent_reflns_obs                    95.8000 
_refine.ls_percent_reflns_R_free                 4.6000 
_refine.ls_R_factor_all                          ? 
_refine.ls_R_factor_obs                          0.2557 
_refine.ls_R_factor_R_free                       0.3115 
_refine.ls_R_factor_R_free_error                 ? 
_refine.ls_R_factor_R_free_error_details         ? 
_refine.ls_R_factor_R_work                       0.2530 
_refine.ls_R_Fsqd_factor_obs                     ? 
_refine.ls_R_I_factor_obs                        ? 
_refine.ls_redundancy_reflns_all                 ? 
_refine.ls_redundancy_reflns_obs                 ? 
_refine.ls_restrained_S_all                      ? 
_refine.ls_restrained_S_obs                      ? 
_refine.ls_shift_over_esd_max                    ? 
_refine.ls_shift_over_esd_mean                   ? 
_refine.ls_structure_factor_coef                 ? 
_refine.ls_weighting_details                     ? 
_refine.ls_weighting_scheme                      ? 
_refine.ls_wR_factor_all                         ? 
_refine.ls_wR_factor_obs                         ? 
_refine.ls_wR_factor_R_free                      ? 
_refine.ls_wR_factor_R_work                      ? 
_refine.occupancy_max                            ? 
_refine.occupancy_min                            ? 
_refine.solvent_model_details                    MASK 
_refine.solvent_model_param_bsol                 ? 
_refine.solvent_model_param_ksol                 ? 
_refine.ls_R_factor_gt                           ? 
_refine.ls_goodness_of_fit_gt                    ? 
_refine.ls_goodness_of_fit_ref                   ? 
_refine.ls_shift_over_su_max                     ? 
_refine.ls_shift_over_su_max_lt                  ? 
_refine.ls_shift_over_su_mean                    ? 
_refine.ls_shift_over_su_mean_lt                 ? 
_refine.pdbx_ls_sigma_I                          ? 
_refine.pdbx_ls_sigma_F                          0.000 
_refine.pdbx_ls_sigma_Fsqd                       ? 
_refine.pdbx_data_cutoff_high_absF               ? 
_refine.pdbx_data_cutoff_high_rms_absF           ? 
_refine.pdbx_data_cutoff_low_absF                ? 
_refine.pdbx_isotropic_thermal_model             ? 
_refine.pdbx_ls_cross_valid_method               THROUGHOUT 
_refine.pdbx_method_to_determine_struct          'MOLECULAR REPLACEMENT' 
_refine.pdbx_starting_model                      'PDB entry 3HME' 
_refine.pdbx_stereochemistry_target_values       'MAXIMUM LIKELIHOOD' 
_refine.pdbx_R_Free_selection_details            RANDOM 
_refine.pdbx_stereochem_target_val_spec_case     ? 
_refine.pdbx_overall_ESU_R                       0.0560 
_refine.pdbx_overall_ESU_R_Free                  0.0500 
_refine.pdbx_solvent_vdw_probe_radii             1.2000 
_refine.pdbx_solvent_ion_probe_radii             0.8000 
_refine.pdbx_solvent_shrinkage_radii             0.8000 
_refine.pdbx_real_space_R                        ? 
_refine.pdbx_density_correlation                 ? 
_refine.pdbx_pd_number_of_powder_patterns        ? 
_refine.pdbx_pd_number_of_points                 ? 
_refine.pdbx_pd_meas_number_of_points            ? 
_refine.pdbx_pd_proc_ls_prof_R_factor            ? 
_refine.pdbx_pd_proc_ls_prof_wR_factor           ? 
_refine.pdbx_pd_Marquardt_correlation_coeff      ? 
_refine.pdbx_pd_Fsqrd_R_factor                   ? 
_refine.pdbx_pd_ls_matrix_band_width             ? 
_refine.pdbx_overall_phase_error                 ? 
_refine.pdbx_overall_SU_R_free_Cruickshank_DPI   ? 
_refine.pdbx_overall_SU_R_free_Blow_DPI          ? 
_refine.pdbx_overall_SU_R_Blow_DPI               ? 
_refine.pdbx_TLS_residual_ADP_flag               ? 
_refine.pdbx_diffrn_id                           1 
_refine.overall_SU_B                             12.5430 
_refine.overall_SU_ML                            0.1630 
_refine.overall_SU_R_Cruickshank_DPI             ? 
_refine.overall_SU_R_free                        ? 
_refine.overall_FOM_free_R_set                   ? 
_refine.overall_FOM_work_R_set                   ? 
_refine.pdbx_average_fsc_overall                 ? 
_refine.pdbx_average_fsc_work                    ? 
_refine.pdbx_average_fsc_free                    ? 
# 
_refine_hist.cycle_id                         final 
_refine_hist.pdbx_refine_id                   'X-RAY DIFFRACTION' 
_refine_hist.d_res_high                       2.1000 
_refine_hist.d_res_low                        33.1200 
_refine_hist.pdbx_number_atoms_ligand         22 
_refine_hist.number_atoms_solvent             21 
_refine_hist.number_atoms_total               858 
_refine_hist.pdbx_number_residues_total       100 
_refine_hist.pdbx_B_iso_mean_ligand           43.33 
_refine_hist.pdbx_B_iso_mean_solvent          33.87 
_refine_hist.pdbx_number_atoms_protein        815 
_refine_hist.pdbx_number_atoms_nucleic_acid   0 
# 
loop_
_refine_ls_restr.pdbx_refine_id 
_refine_ls_restr.criterion 
_refine_ls_restr.dev_ideal 
_refine_ls_restr.dev_ideal_target 
_refine_ls_restr.number 
_refine_ls_restr.rejects 
_refine_ls_restr.type 
_refine_ls_restr.weight 
_refine_ls_restr.pdbx_restraint_function 
'X-RAY DIFFRACTION' ? 0.016  0.019  858  ? r_bond_refined_d       ? ? 
'X-RAY DIFFRACTION' ? 1.967  1.972  1149 ? r_angle_refined_deg    ? ? 
'X-RAY DIFFRACTION' ? 4.971  5.000  101  ? r_dihedral_angle_1_deg ? ? 
'X-RAY DIFFRACTION' ? 37.947 23.784 37   ? r_dihedral_angle_2_deg ? ? 
'X-RAY DIFFRACTION' ? 18.897 15.000 155  ? r_dihedral_angle_3_deg ? ? 
'X-RAY DIFFRACTION' ? 11.999 15.000 3    ? r_dihedral_angle_4_deg ? ? 
'X-RAY DIFFRACTION' ? 0.132  0.200  120  ? r_chiral_restr         ? ? 
'X-RAY DIFFRACTION' ? 0.009  0.021  636  ? r_gen_planes_refined   ? ? 
'X-RAY DIFFRACTION' ? 2.639  2.777  410  ? r_mcbond_it            ? ? 
'X-RAY DIFFRACTION' ? 3.360  4.143  509  ? r_mcangle_it           ? ? 
'X-RAY DIFFRACTION' ? 3.525  3.047  448  ? r_scbond_it            ? ? 
# 
_refine_ls_shell.pdbx_refine_id                   'X-RAY DIFFRACTION' 
_refine_ls_shell.d_res_high                       2.1000 
_refine_ls_shell.d_res_low                        2.1540 
_refine_ls_shell.number_reflns_all                535 
_refine_ls_shell.number_reflns_obs                ? 
_refine_ls_shell.number_reflns_R_free             24 
_refine_ls_shell.number_reflns_R_work             511 
_refine_ls_shell.percent_reflns_obs               95.8800 
_refine_ls_shell.percent_reflns_R_free            ? 
_refine_ls_shell.R_factor_all                     ? 
_refine_ls_shell.R_factor_obs                     ? 
_refine_ls_shell.R_factor_R_free                  0.3540 
_refine_ls_shell.R_factor_R_free_error            ? 
_refine_ls_shell.R_factor_R_work                  0.2720 
_refine_ls_shell.redundancy_reflns_all            ? 
_refine_ls_shell.redundancy_reflns_obs            ? 
_refine_ls_shell.wR_factor_all                    ? 
_refine_ls_shell.wR_factor_obs                    ? 
_refine_ls_shell.wR_factor_R_free                 ? 
_refine_ls_shell.wR_factor_R_work                 ? 
_refine_ls_shell.pdbx_total_number_of_bins_used   20 
_refine_ls_shell.pdbx_phase_error                 ? 
_refine_ls_shell.pdbx_fsc_work                    ? 
_refine_ls_shell.pdbx_fsc_free                    ? 
# 
_struct.entry_id                     4YYG 
_struct.title                        'Crystal structure of BRD9 Bromodomain bound to a butyryllysine peptide' 
_struct.pdbx_model_details           ? 
_struct.pdbx_formula_weight          ? 
_struct.pdbx_formula_weight_method   ? 
_struct.pdbx_model_type_details      ? 
_struct.pdbx_CASP_flag               ? 
# 
_struct_keywords.entry_id        4YYG 
_struct_keywords.text            'Bromodomain-butyryllysine complex, PROTEIN BINDING' 
_struct_keywords.pdbx_keywords   'PROTEIN BINDING' 
# 
loop_
_struct_asym.id 
_struct_asym.pdbx_blank_PDB_chainid_flag 
_struct_asym.pdbx_modified 
_struct_asym.entity_id 
_struct_asym.details 
A N N 1 ? 
B N N 2 ? 
C N N 3 ? 
D N N 3 ? 
# 
loop_
_struct_conf.conf_type_id 
_struct_conf.id 
_struct_conf.pdbx_PDB_helix_id 
_struct_conf.beg_label_comp_id 
_struct_conf.beg_label_asym_id 
_struct_conf.beg_label_seq_id 
_struct_conf.pdbx_beg_PDB_ins_code 
_struct_conf.end_label_comp_id 
_struct_conf.end_label_asym_id 
_struct_conf.end_label_seq_id 
_struct_conf.pdbx_end_PDB_ins_code 
_struct_conf.beg_auth_comp_id 
_struct_conf.beg_auth_asym_id 
_struct_conf.beg_auth_seq_id 
_struct_conf.end_auth_comp_id 
_struct_conf.end_auth_asym_id 
_struct_conf.end_auth_seq_id 
_struct_conf.pdbx_PDB_helix_class 
_struct_conf.details 
_struct_conf.pdbx_PDB_helix_length 
HELX_P HELX_P1 AA1 ILE A 10 ? LYS A 24  ? ILE A 25  LYS A 39  1 ? 15 
HELX_P HELX_P2 AA2 GLY A 41 ? ILE A 46  ? GLY A 56  ILE A 61  1 ? 6  
HELX_P HELX_P3 AA3 ASP A 51 ? ALA A 61  ? ASP A 66  ALA A 76  1 ? 11 
HELX_P HELX_P4 AA4 SER A 66 ? ASN A 85  ? SER A 81  ASN A 100 1 ? 20 
HELX_P HELX_P5 AA5 THR A 89 ? SER A 107 ? THR A 104 SER A 122 1 ? 19 
# 
_struct_conf_type.id          HELX_P 
_struct_conf_type.criteria    ? 
_struct_conf_type.reference   ? 
# 
_struct_conn.id                            covale1 
_struct_conn.conn_type_id                  covale 
_struct_conn.pdbx_leaving_atom_flag        both 
_struct_conn.pdbx_PDB_id                   ? 
_struct_conn.ptnr1_label_asym_id           B 
_struct_conn.ptnr1_label_comp_id           GLY 
_struct_conn.ptnr1_label_seq_id            7 
_struct_conn.ptnr1_label_atom_id           C 
_struct_conn.pdbx_ptnr1_label_alt_id       ? 
_struct_conn.pdbx_ptnr1_PDB_ins_code       ? 
_struct_conn.pdbx_ptnr1_standard_comp_id   ? 
_struct_conn.ptnr1_symmetry                1_555 
_struct_conn.ptnr2_label_asym_id           B 
_struct_conn.ptnr2_label_comp_id           BTK 
_struct_conn.ptnr2_label_seq_id            8 
_struct_conn.ptnr2_label_atom_id           N 
_struct_conn.pdbx_ptnr2_label_alt_id       ? 
_struct_conn.pdbx_ptnr2_PDB_ins_code       ? 
_struct_conn.ptnr1_auth_asym_id            B 
_struct_conn.ptnr1_auth_comp_id            GLY 
_struct_conn.ptnr1_auth_seq_id             7 
_struct_conn.ptnr2_auth_asym_id            B 
_struct_conn.ptnr2_auth_comp_id            BTK 
_struct_conn.ptnr2_auth_seq_id             8 
_struct_conn.ptnr2_symmetry                1_555 
_struct_conn.pdbx_ptnr3_label_atom_id      ? 
_struct_conn.pdbx_ptnr3_label_seq_id       ? 
_struct_conn.pdbx_ptnr3_label_comp_id      ? 
_struct_conn.pdbx_ptnr3_label_asym_id      ? 
_struct_conn.pdbx_ptnr3_label_alt_id       ? 
_struct_conn.pdbx_ptnr3_PDB_ins_code       ? 
_struct_conn.details                       ? 
_struct_conn.pdbx_dist_value               1.325 
_struct_conn.pdbx_value_order              ? 
_struct_conn.pdbx_role                     ? 
# 
_struct_conn_type.id          covale 
_struct_conn_type.criteria    ? 
_struct_conn_type.reference   ? 
# 
_atom_sites.entry_id                    4YYG 
_atom_sites.fract_transf_matrix[1][1]   -0.00661656 
_atom_sites.fract_transf_matrix[1][2]   -0.02664515 
_atom_sites.fract_transf_matrix[1][3]   0.00755907 
_atom_sites.fract_transf_matrix[2][1]   -0.00537305 
_atom_sites.fract_transf_matrix[2][2]   -0.00237148 
_atom_sites.fract_transf_matrix[2][3]   -0.01306239 
_atom_sites.fract_transf_matrix[3][1]   0.00858241 
_atom_sites.fract_transf_matrix[3][2]   -0.00297926 
_atom_sites.fract_transf_matrix[3][3]   -0.00298938 
_atom_sites.fract_transf_vector[1]      -0.235199 
_atom_sites.fract_transf_vector[2]      -0.173735 
_atom_sites.fract_transf_vector[3]      -0.118122 
# 
loop_
_atom_type.symbol 
C 
N 
O 
S 
# 
loop_
_atom_site.group_PDB 
_atom_site.id 
_atom_site.type_symbol 
_atom_site.label_atom_id 
_atom_site.label_alt_id 
_atom_site.label_comp_id 
_atom_site.label_asym_id 
_atom_site.label_entity_id 
_atom_site.label_seq_id 
_atom_site.pdbx_PDB_ins_code 
_atom_site.Cartn_x 
_atom_site.Cartn_y 
_atom_site.Cartn_z 
_atom_site.occupancy 
_atom_site.B_iso_or_equiv 
_atom_site.pdbx_formal_charge 
_atom_site.auth_seq_id 
_atom_site.auth_comp_id 
_atom_site.auth_asym_id 
_atom_site.auth_atom_id 
_atom_site.pdbx_PDB_model_num 
ATOM   1   N N   . THR A 1 8   ? -14.128 4.657   -14.577 1.00 55.15 ? 23  THR A N   1 
ATOM   2   C CA  . THR A 1 8   ? -14.009 6.086   -15.060 1.00 64.68 ? 23  THR A CA  1 
ATOM   3   C C   . THR A 1 8   ? -14.789 7.187   -14.275 1.00 62.15 ? 23  THR A C   1 
ATOM   4   O O   . THR A 1 8   ? -14.235 8.266   -14.058 1.00 70.35 ? 23  THR A O   1 
ATOM   5   C CB  . THR A 1 8   ? -14.266 6.243   -16.588 1.00 67.97 ? 23  THR A CB  1 
ATOM   6   O OG1 . THR A 1 8   ? -15.105 5.174   -17.068 1.00 75.14 ? 23  THR A OG1 1 
ATOM   7   C CG2 . THR A 1 8   ? -12.943 6.252   -17.370 1.00 64.96 ? 23  THR A CG2 1 
ATOM   8   N N   . PRO A 1 9   ? -16.061 6.942   -13.856 1.00 59.40 ? 24  PRO A N   1 
ATOM   9   C CA  . PRO A 1 9   ? -16.621 7.913   -12.889 1.00 55.65 ? 24  PRO A CA  1 
ATOM   10  C C   . PRO A 1 9   ? -15.833 7.950   -11.553 1.00 47.56 ? 24  PRO A C   1 
ATOM   11  O O   . PRO A 1 9   ? -15.904 8.945   -10.820 1.00 47.75 ? 24  PRO A O   1 
ATOM   12  C CB  . PRO A 1 9   ? -18.058 7.406   -12.676 1.00 54.44 ? 24  PRO A CB  1 
ATOM   13  C CG  . PRO A 1 9   ? -17.992 5.962   -13.046 1.00 55.73 ? 24  PRO A CG  1 
ATOM   14  C CD  . PRO A 1 9   ? -17.081 5.947   -14.243 1.00 57.76 ? 24  PRO A CD  1 
ATOM   15  N N   . ILE A 1 10  ? -15.054 6.895   -11.275 1.00 44.27 ? 25  ILE A N   1 
ATOM   16  C CA  . ILE A 1 10  ? -14.251 6.816   -10.041 1.00 40.30 ? 25  ILE A CA  1 
ATOM   17  C C   . ILE A 1 10  ? -12.803 7.297   -10.115 1.00 37.44 ? 25  ILE A C   1 
ATOM   18  O O   . ILE A 1 10  ? -12.219 7.661   -9.097  1.00 37.30 ? 25  ILE A O   1 
ATOM   19  C CB  . ILE A 1 10  ? -14.220 5.397   -9.411  1.00 38.96 ? 25  ILE A CB  1 
ATOM   20  C CG1 . ILE A 1 10  ? -13.480 4.415   -10.293 1.00 34.77 ? 25  ILE A CG1 1 
ATOM   21  C CG2 . ILE A 1 10  ? -15.604 4.878   -9.012  1.00 39.63 ? 25  ILE A CG2 1 
ATOM   22  C CD1 . ILE A 1 10  ? -13.830 3.011   -9.933  1.00 33.78 ? 25  ILE A CD1 1 
ATOM   23  N N   . GLN A 1 11  ? -12.228 7.324   -11.309 1.00 39.94 ? 26  GLN A N   1 
ATOM   24  C CA  . GLN A 1 11  ? -10.824 7.700   -11.494 1.00 35.68 ? 26  GLN A CA  1 
ATOM   25  C C   . GLN A 1 11  ? -10.402 8.937   -10.730 1.00 32.89 ? 26  GLN A C   1 
ATOM   26  O O   . GLN A 1 11  ? -9.408  8.899   -9.987  1.00 32.18 ? 26  GLN A O   1 
ATOM   27  C CB  . GLN A 1 11  ? -10.534 7.941   -12.974 1.00 39.75 ? 26  GLN A CB  1 
ATOM   28  C CG  . GLN A 1 11  ? -9.679  6.869   -13.590 1.00 49.62 ? 26  GLN A CG  1 
ATOM   29  C CD  . GLN A 1 11  ? -8.843  7.409   -14.737 1.00 57.11 ? 26  GLN A CD  1 
ATOM   30  O OE1 . GLN A 1 11  ? -9.118  8.480   -15.270 1.00 61.59 ? 26  GLN A OE1 1 
ATOM   31  N NE2 . GLN A 1 11  ? -7.817  6.656   -15.128 1.00 59.94 ? 26  GLN A NE2 1 
ATOM   32  N N   . GLN A 1 12  ? -11.137 10.042  -10.893 1.00 32.73 ? 27  GLN A N   1 
ATOM   33  C CA  . GLN A 1 12  ? -10.786 11.282  -10.168 1.00 31.53 ? 27  GLN A CA  1 
ATOM   34  C C   . GLN A 1 12  ? -10.812 11.114  -8.657  1.00 31.45 ? 27  GLN A C   1 
ATOM   35  O O   . GLN A 1 12  ? -9.923  11.616  -7.978  1.00 30.12 ? 27  GLN A O   1 
ATOM   36  C CB  . GLN A 1 12  ? -11.631 12.460  -10.609 1.00 34.04 ? 27  GLN A CB  1 
ATOM   37  C CG  . GLN A 1 12  ? -11.179 12.967  -11.974 1.00 36.63 ? 27  GLN A CG  1 
ATOM   38  C CD  . GLN A 1 12  ? -11.727 14.350  -12.233 1.00 44.11 ? 27  GLN A CD  1 
ATOM   39  O OE1 . GLN A 1 12  ? -11.509 15.261  -11.430 1.00 41.77 ? 27  GLN A OE1 1 
ATOM   40  N NE2 . GLN A 1 12  ? -12.485 14.512  -13.344 1.00 44.34 ? 27  GLN A NE2 1 
ATOM   41  N N   . LEU A 1 13  ? -11.764 10.304  -8.182  1.00 31.73 ? 28  LEU A N   1 
ATOM   42  C CA  . LEU A 1 13  ? -11.892 9.985   -6.779  1.00 32.89 ? 28  LEU A CA  1 
ATOM   43  C C   . LEU A 1 13  ? -10.759 9.087   -6.286  1.00 32.42 ? 28  LEU A C   1 
ATOM   44  O O   . LEU A 1 13  ? -10.188 9.363   -5.221  1.00 33.44 ? 28  LEU A O   1 
ATOM   45  C CB  . LEU A 1 13  ? -13.262 9.351   -6.513  1.00 30.38 ? 28  LEU A CB  1 
ATOM   46  C CG  . LEU A 1 13  ? -13.371 8.790   -5.092  1.00 27.83 ? 28  LEU A CG  1 
ATOM   47  C CD1 . LEU A 1 13  ? -13.251 9.941   -4.061  1.00 27.82 ? 28  LEU A CD1 1 
ATOM   48  C CD2 . LEU A 1 13  ? -14.595 7.859   -4.926  1.00 25.54 ? 28  LEU A CD2 1 
ATOM   49  N N   . LEU A 1 14  ? -10.384 8.058   -7.066  1.00 29.05 ? 29  LEU A N   1 
ATOM   50  C CA  . LEU A 1 14  ? -9.231  7.187   -6.677  1.00 26.05 ? 29  LEU A CA  1 
ATOM   51  C C   . LEU A 1 14  ? -7.914  7.943   -6.675  1.00 26.09 ? 29  LEU A C   1 
ATOM   52  O O   . LEU A 1 14  ? -7.017  7.655   -5.839  1.00 24.80 ? 29  LEU A O   1 
ATOM   53  C CB  . LEU A 1 14  ? -9.120  5.935   -7.588  1.00 26.50 ? 29  LEU A CB  1 
ATOM   54  C CG  . LEU A 1 14  ? -10.308 4.979   -7.671  1.00 27.09 ? 29  LEU A CG  1 
ATOM   55  C CD1 . LEU A 1 14  ? -9.835  3.669   -8.235  1.00 27.03 ? 29  LEU A CD1 1 
ATOM   56  C CD2 . LEU A 1 14  ? -10.937 4.681   -6.316  1.00 25.21 ? 29  LEU A CD2 1 
ATOM   57  N N   . GLU A 1 15  ? -7.801  8.948   -7.530  1.00 26.22 ? 30  GLU A N   1 
ATOM   58  C CA  . GLU A 1 15  ? -6.544  9.772   -7.618  1.00 28.69 ? 30  GLU A CA  1 
ATOM   59  C C   . GLU A 1 15  ? -6.409  10.644  -6.347  1.00 27.94 ? 30  GLU A C   1 
ATOM   60  O O   . GLU A 1 15  ? -5.303  10.845  -5.836  1.00 23.70 ? 30  GLU A O   1 
ATOM   61  C CB  . GLU A 1 15  ? -6.529  10.675  -8.878  1.00 34.97 ? 30  GLU A CB  1 
ATOM   62  C CG  . GLU A 1 15  ? -6.445  9.902   -10.194 1.00 39.20 ? 30  GLU A CG  1 
ATOM   63  C CD  . GLU A 1 15  ? -6.571  10.752  -11.464 1.00 51.30 ? 30  GLU A CD  1 
ATOM   64  O OE1 . GLU A 1 15  ? -7.115  11.898  -11.410 1.00 48.01 ? 30  GLU A OE1 1 
ATOM   65  O OE2 . GLU A 1 15  ? -6.131  10.231  -12.547 1.00 53.69 ? 30  GLU A OE2 1 
ATOM   66  N N   . HIS A 1 16  ? -7.561  11.153  -5.866  1.00 27.19 ? 31  HIS A N   1 
ATOM   67  C CA  . HIS A 1 16  ? -7.616  11.920  -4.673  1.00 27.20 ? 31  HIS A CA  1 
ATOM   68  C C   . HIS A 1 16  ? -7.276  10.989  -3.495  1.00 27.11 ? 31  HIS A C   1 
ATOM   69  O O   . HIS A 1 16  ? -6.450  11.312  -2.653  1.00 29.09 ? 31  HIS A O   1 
ATOM   70  C CB  . HIS A 1 16  ? -9.008  12.525  -4.464  1.00 31.53 ? 31  HIS A CB  1 
ATOM   71  C CG  . HIS A 1 16  ? -9.145  13.116  -3.103  1.00 31.74 ? 31  HIS A CG  1 
ATOM   72  N ND1 . HIS A 1 16  ? -8.509  14.289  -2.749  1.00 34.39 ? 31  HIS A ND1 1 
ATOM   73  C CD2 . HIS A 1 16  ? -9.714  12.647  -1.977  1.00 26.00 ? 31  HIS A CD2 1 
ATOM   74  C CE1 . HIS A 1 16  ? -8.808  14.588  -1.498  1.00 26.25 ? 31  HIS A CE1 1 
ATOM   75  N NE2 . HIS A 1 16  ? -9.465  13.565  -0.989  1.00 27.89 ? 31  HIS A NE2 1 
ATOM   76  N N   . PHE A 1 17  ? -7.873  9.813   -3.463  1.00 25.98 ? 32  PHE A N   1 
ATOM   77  C CA  . PHE A 1 17  ? -7.554  8.812   -2.430  1.00 29.71 ? 32  PHE A CA  1 
ATOM   78  C C   . PHE A 1 17  ? -6.054  8.506   -2.447  1.00 30.68 ? 32  PHE A C   1 
ATOM   79  O O   . PHE A 1 17  ? -5.346  8.717   -1.454  1.00 29.43 ? 32  PHE A O   1 
ATOM   80  C CB  . PHE A 1 17  ? -8.329  7.519   -2.649  1.00 27.53 ? 32  PHE A CB  1 
ATOM   81  C CG  . PHE A 1 17  ? -9.764  7.574   -2.226  1.00 31.90 ? 32  PHE A CG  1 
ATOM   82  C CD1 . PHE A 1 17  ? -10.270 8.674   -1.564  1.00 35.00 ? 32  PHE A CD1 1 
ATOM   83  C CD2 . PHE A 1 17  ? -10.589 6.483   -2.425  1.00 33.90 ? 32  PHE A CD2 1 
ATOM   84  C CE1 . PHE A 1 17  ? -11.596 8.726   -1.148  1.00 37.10 ? 32  PHE A CE1 1 
ATOM   85  C CE2 . PHE A 1 17  ? -11.906 6.506   -2.000  1.00 38.39 ? 32  PHE A CE2 1 
ATOM   86  C CZ  . PHE A 1 17  ? -12.412 7.635   -1.348  1.00 35.83 ? 32  PHE A CZ  1 
ATOM   87  N N   . LEU A 1 18  ? -5.558  8.056   -3.592  1.00 29.65 ? 33  LEU A N   1 
ATOM   88  C CA  . LEU A 1 18  ? -4.103  7.861   -3.712  1.00 32.90 ? 33  LEU A CA  1 
ATOM   89  C C   . LEU A 1 18  ? -3.271  9.025   -3.138  1.00 34.61 ? 33  LEU A C   1 
ATOM   90  O O   . LEU A 1 18  ? -2.489  8.784   -2.247  1.00 32.55 ? 33  LEU A O   1 
ATOM   91  C CB  . LEU A 1 18  ? -3.680  7.541   -5.136  1.00 30.16 ? 33  LEU A CB  1 
ATOM   92  C CG  . LEU A 1 18  ? -2.236  7.029   -5.205  1.00 31.72 ? 33  LEU A CG  1 
ATOM   93  C CD1 . LEU A 1 18  ? -1.981  5.794   -4.326  1.00 30.11 ? 33  LEU A CD1 1 
ATOM   94  C CD2 . LEU A 1 18  ? -1.982  6.753   -6.676  1.00 30.00 ? 33  LEU A CD2 1 
ATOM   95  N N   . ARG A 1 19  ? -3.506  10.265  -3.582  1.00 33.81 ? 34  ARG A N   1 
ATOM   96  C CA  . ARG A 1 19  ? -2.732  11.401  -3.112  1.00 34.49 ? 34  ARG A CA  1 
ATOM   97  C C   . ARG A 1 19  ? -2.773  11.579  -1.628  1.00 29.61 ? 34  ARG A C   1 
ATOM   98  O O   . ARG A 1 19  ? -1.791  11.939  -1.023  1.00 26.58 ? 34  ARG A O   1 
ATOM   99  C CB  . ARG A 1 19  ? -3.273  12.717  -3.686  1.00 39.23 ? 34  ARG A CB  1 
ATOM   100 C CG  . ARG A 1 19  ? -2.510  13.229  -4.895  1.00 50.03 ? 34  ARG A CG  1 
ATOM   101 C CD  . ARG A 1 19  ? -3.021  14.614  -5.331  1.00 52.93 ? 34  ARG A CD  1 
ATOM   102 N NE  . ARG A 1 19  ? -4.482  14.654  -5.551  1.00 55.49 ? 34  ARG A NE  1 
ATOM   103 C CZ  . ARG A 1 19  ? -5.099  14.417  -6.723  1.00 52.28 ? 34  ARG A CZ  1 
ATOM   104 N NH1 . ARG A 1 19  ? -4.386  14.108  -7.823  1.00 48.10 ? 34  ARG A NH1 1 
ATOM   105 N NH2 . ARG A 1 19  ? -6.430  14.490  -6.800  1.00 45.52 ? 34  ARG A NH2 1 
ATOM   106 N N   . GLN A 1 20  ? -3.961  11.415  -1.060  1.00 30.07 ? 35  GLN A N   1 
ATOM   107 C CA  . GLN A 1 20  ? -4.176  11.533  0.375   1.00 28.95 ? 35  GLN A CA  1 
ATOM   108 C C   . GLN A 1 20  ? -3.389  10.496  1.172   1.00 31.06 ? 35  GLN A C   1 
ATOM   109 O O   . GLN A 1 20  ? -2.687  10.800  2.162   1.00 29.37 ? 35  GLN A O   1 
ATOM   110 C CB  . GLN A 1 20  ? -5.666  11.386  0.642   1.00 26.23 ? 35  GLN A CB  1 
ATOM   111 C CG  . GLN A 1 20  ? -6.465  12.670  0.351   1.00 29.84 ? 35  GLN A CG  1 
ATOM   112 C CD  . GLN A 1 20  ? -5.886  13.919  1.062   1.00 27.10 ? 35  GLN A CD  1 
ATOM   113 O OE1 . GLN A 1 20  ? -4.868  14.407  0.690   1.00 31.28 ? 35  GLN A OE1 1 
ATOM   114 N NE2 . GLN A 1 20  ? -6.602  14.461  2.020   1.00 29.14 ? 35  GLN A NE2 1 
ATOM   115 N N   . LEU A 1 21  ? -3.490  9.259   0.714   1.00 30.23 ? 36  LEU A N   1 
ATOM   116 C CA  . LEU A 1 21  ? -2.711  8.183   1.313   1.00 30.60 ? 36  LEU A CA  1 
ATOM   117 C C   . LEU A 1 21  ? -1.168  8.348   1.217   1.00 31.69 ? 36  LEU A C   1 
ATOM   118 O O   . LEU A 1 21  ? -0.470  8.127   2.204   1.00 31.85 ? 36  LEU A O   1 
ATOM   119 C CB  . LEU A 1 21  ? -3.158  6.848   0.743   1.00 27.48 ? 36  LEU A CB  1 
ATOM   120 C CG  . LEU A 1 21  ? -4.673  6.560   0.909   1.00 32.85 ? 36  LEU A CG  1 
ATOM   121 C CD1 . LEU A 1 21  ? -5.172  5.432   0.034   1.00 27.08 ? 36  LEU A CD1 1 
ATOM   122 C CD2 . LEU A 1 21  ? -5.078  6.333   2.368   1.00 24.91 ? 36  LEU A CD2 1 
ATOM   123 N N   . GLN A 1 22  ? -0.639  8.738   0.069   1.00 32.02 ? 37  GLN A N   1 
ATOM   124 C CA  . GLN A 1 22  ? 0.825   8.953   0.034   1.00 38.45 ? 37  GLN A CA  1 
ATOM   125 C C   . GLN A 1 22  ? 1.236   10.061  0.942   1.00 35.02 ? 37  GLN A C   1 
ATOM   126 O O   . GLN A 1 22  ? 2.322   10.048  1.481   1.00 35.90 ? 37  GLN A O   1 
ATOM   127 C CB  . GLN A 1 22  ? 1.341   9.281   -1.343  1.00 36.41 ? 37  GLN A CB  1 
ATOM   128 C CG  . GLN A 1 22  ? 0.739   8.401   -2.400  1.00 37.98 ? 37  GLN A CG  1 
ATOM   129 C CD  . GLN A 1 22  ? 1.298   8.734   -3.769  1.00 42.43 ? 37  GLN A CD  1 
ATOM   130 O OE1 . GLN A 1 22  ? 0.927   9.740   -4.367  1.00 47.06 ? 37  GLN A OE1 1 
ATOM   131 N NE2 . GLN A 1 22  ? 2.178   7.887   -4.279  1.00 37.79 ? 37  GLN A NE2 1 
ATOM   132 N N   . ARG A 1 23  ? 0.368   11.039  1.124   1.00 36.43 ? 38  ARG A N   1 
ATOM   133 C CA  . ARG A 1 23  ? 0.706   12.136  2.022   1.00 37.09 ? 38  ARG A CA  1 
ATOM   134 C C   . ARG A 1 23  ? 0.963   11.617  3.431   1.00 31.99 ? 38  ARG A C   1 
ATOM   135 O O   . ARG A 1 23  ? 1.759   12.204  4.177   1.00 33.81 ? 38  ARG A O   1 
ATOM   136 C CB  . ARG A 1 23  ? -0.381  13.214  1.994   1.00 42.64 ? 38  ARG A CB  1 
ATOM   137 C CG  . ARG A 1 23  ? -0.586  13.699  0.553   1.00 50.37 ? 38  ARG A CG  1 
ATOM   138 C CD  . ARG A 1 23  ? -0.527  15.216  0.351   1.00 54.51 ? 38  ARG A CD  1 
ATOM   139 N NE  . ARG A 1 23  ? -1.726  15.895  0.796   1.00 50.81 ? 38  ARG A NE  1 
ATOM   140 C CZ  . ARG A 1 23  ? -2.622  16.487  -0.017  1.00 64.58 ? 38  ARG A CZ  1 
ATOM   141 N NH1 . ARG A 1 23  ? -3.707  17.101  0.492   1.00 56.53 ? 38  ARG A NH1 1 
ATOM   142 N NH2 . ARG A 1 23  ? -2.455  16.485  -1.340  1.00 56.64 ? 38  ARG A NH2 1 
ATOM   143 N N   . LYS A 1 24  ? 0.323   10.502  3.771   1.00 31.36 ? 39  LYS A N   1 
ATOM   144 C CA  . LYS A 1 24  ? 0.562   9.818   5.064   1.00 32.03 ? 39  LYS A CA  1 
ATOM   145 C C   . LYS A 1 24  ? 1.882   9.034   5.141   1.00 33.70 ? 39  LYS A C   1 
ATOM   146 O O   . LYS A 1 24  ? 2.284   8.625   6.216   1.00 34.63 ? 39  LYS A O   1 
ATOM   147 C CB  . LYS A 1 24  ? -0.610  8.907   5.433   1.00 34.22 ? 39  LYS A CB  1 
ATOM   148 C CG  . LYS A 1 24  ? -1.971  9.581   5.586   1.00 35.15 ? 39  LYS A CG  1 
ATOM   149 C CD  . LYS A 1 24  ? -3.004  8.447   5.540   1.00 40.93 ? 39  LYS A CD  1 
ATOM   150 C CE  . LYS A 1 24  ? -4.417  8.869   6.006   1.00 42.04 ? 39  LYS A CE  1 
ATOM   151 N NZ  . LYS A 1 24  ? -5.112  9.810   5.078   1.00 38.60 ? 39  LYS A NZ  1 
ATOM   152 N N   . ASP A 1 25  ? 2.570   8.818   4.008   1.00 35.06 ? 40  ASP A N   1 
ATOM   153 C CA  . ASP A 1 25  ? 3.883   8.096   4.046   1.00 33.31 ? 40  ASP A CA  1 
ATOM   154 C C   . ASP A 1 25  ? 5.018   8.977   3.508   1.00 34.28 ? 40  ASP A C   1 
ATOM   155 O O   . ASP A 1 25  ? 5.592   8.652   2.491   1.00 33.07 ? 40  ASP A O   1 
ATOM   156 C CB  . ASP A 1 25  ? 3.761   6.838   3.179   1.00 33.49 ? 40  ASP A CB  1 
ATOM   157 C CG  . ASP A 1 25  ? 5.086   6.245   2.780   1.00 31.33 ? 40  ASP A CG  1 
ATOM   158 O OD1 . ASP A 1 25  ? 6.003   6.272   3.645   1.00 26.64 ? 40  ASP A OD1 1 
ATOM   159 O OD2 . ASP A 1 25  ? 5.164   5.745   1.614   1.00 29.21 ? 40  ASP A OD2 1 
ATOM   160 N N   . PRO A 1 26  ? 5.357   10.068  4.198   1.00 35.02 ? 41  PRO A N   1 
ATOM   161 C CA  . PRO A 1 26  ? 6.241   11.082  3.629   1.00 34.24 ? 41  PRO A CA  1 
ATOM   162 C C   . PRO A 1 26  ? 7.654   10.547  3.406   1.00 35.96 ? 41  PRO A C   1 
ATOM   163 O O   . PRO A 1 26  ? 8.409   11.090  2.608   1.00 33.14 ? 41  PRO A O   1 
ATOM   164 C CB  . PRO A 1 26  ? 6.287   12.161  4.712   1.00 39.42 ? 41  PRO A CB  1 
ATOM   165 C CG  . PRO A 1 26  ? 5.888   11.464  5.965   1.00 36.83 ? 41  PRO A CG  1 
ATOM   166 C CD  . PRO A 1 26  ? 4.969   10.367  5.588   1.00 34.55 ? 41  PRO A CD  1 
ATOM   167 N N   . HIS A 1 27  ? 8.019   9.471   4.076   1.00 36.22 ? 42  HIS A N   1 
ATOM   168 C CA  . HIS A 1 27  ? 9.283   8.876   3.796   1.00 31.83 ? 42  HIS A CA  1 
ATOM   169 C C   . HIS A 1 27  ? 9.324   8.093   2.510   1.00 32.01 ? 42  HIS A C   1 
ATOM   170 O O   . HIS A 1 27  ? 10.391  7.774   2.050   1.00 32.33 ? 42  HIS A O   1 
ATOM   171 C CB  . HIS A 1 27  ? 9.706   8.020   4.951   1.00 34.03 ? 42  HIS A CB  1 
ATOM   172 C CG  . HIS A 1 27  ? 10.001  8.797   6.184   1.00 38.98 ? 42  HIS A CG  1 
ATOM   173 N ND1 . HIS A 1 27  ? 11.134  9.580   6.311   1.00 42.41 ? 42  HIS A ND1 1 
ATOM   174 C CD2 . HIS A 1 27  ? 9.343   8.882   7.363   1.00 38.42 ? 42  HIS A CD2 1 
ATOM   175 C CE1 . HIS A 1 27  ? 11.137  10.146  7.507   1.00 43.58 ? 42  HIS A CE1 1 
ATOM   176 N NE2 . HIS A 1 27  ? 10.069  9.726   8.166   1.00 43.43 ? 42  HIS A NE2 1 
ATOM   177 N N   . GLY A 1 28  ? 8.183   7.753   1.908   1.00 30.94 ? 43  GLY A N   1 
ATOM   178 C CA  . GLY A 1 28  ? 8.247   7.029   0.660   1.00 27.56 ? 43  GLY A CA  1 
ATOM   179 C C   . GLY A 1 28  ? 8.418   5.518   0.831   1.00 34.65 ? 43  GLY A C   1 
ATOM   180 O O   . GLY A 1 28  ? 8.832   4.794   -0.126  1.00 32.96 ? 43  GLY A O   1 
ATOM   181 N N   . PHE A 1 29  ? 8.068   5.011   2.009   1.00 33.52 ? 44  PHE A N   1 
ATOM   182 C CA  . PHE A 1 29  ? 8.283   3.591   2.343   1.00 33.60 ? 44  PHE A CA  1 
ATOM   183 C C   . PHE A 1 29  ? 7.491   2.666   1.462   1.00 34.03 ? 44  PHE A C   1 
ATOM   184 O O   . PHE A 1 29  ? 7.976   1.563   1.026   1.00 29.86 ? 44  PHE A O   1 
ATOM   185 C CB  . PHE A 1 29  ? 7.987   3.319   3.798   1.00 39.21 ? 44  PHE A CB  1 
ATOM   186 C CG  . PHE A 1 29  ? 9.000   3.945   4.738   1.00 40.68 ? 44  PHE A CG  1 
ATOM   187 C CD1 . PHE A 1 29  ? 10.310  4.235   4.293   1.00 39.39 ? 44  PHE A CD1 1 
ATOM   188 C CD2 . PHE A 1 29  ? 8.665   4.234   6.065   1.00 42.00 ? 44  PHE A CD2 1 
ATOM   189 C CE1 . PHE A 1 29  ? 11.272  4.790   5.149   1.00 43.21 ? 44  PHE A CE1 1 
ATOM   190 C CE2 . PHE A 1 29  ? 9.619   4.788   6.922   1.00 38.96 ? 44  PHE A CE2 1 
ATOM   191 C CZ  . PHE A 1 29  ? 10.925  5.076   6.467   1.00 40.53 ? 44  PHE A CZ  1 
ATOM   192 N N   . PHE A 1 30  ? 6.302   3.158   1.152   1.00 28.46 ? 45  PHE A N   1 
ATOM   193 C CA  . PHE A 1 30  ? 5.328   2.419   0.415   1.00 29.91 ? 45  PHE A CA  1 
ATOM   194 C C   . PHE A 1 30  ? 5.323   2.808   -1.065  1.00 26.93 ? 45  PHE A C   1 
ATOM   195 O O   . PHE A 1 30  ? 4.428   2.409   -1.745  1.00 25.53 ? 45  PHE A O   1 
ATOM   196 C CB  . PHE A 1 30  ? 3.948   2.693   1.005   1.00 29.89 ? 45  PHE A CB  1 
ATOM   197 C CG  . PHE A 1 30  ? 3.700   1.962   2.302   1.00 30.01 ? 45  PHE A CG  1 
ATOM   198 C CD1 . PHE A 1 30  ? 3.546   0.571   2.316   1.00 31.14 ? 45  PHE A CD1 1 
ATOM   199 C CD2 . PHE A 1 30  ? 3.596   2.659   3.488   1.00 31.09 ? 45  PHE A CD2 1 
ATOM   200 C CE1 . PHE A 1 30  ? 3.307   -0.108  3.507   1.00 30.30 ? 45  PHE A CE1 1 
ATOM   201 C CE2 . PHE A 1 30  ? 3.373   2.011   4.705   1.00 32.49 ? 45  PHE A CE2 1 
ATOM   202 C CZ  . PHE A 1 30  ? 3.226   0.608   4.731   1.00 30.41 ? 45  PHE A CZ  1 
ATOM   203 N N   . ALA A 1 31  ? 6.316   3.569   -1.520  1.00 23.13 ? 46  ALA A N   1 
ATOM   204 C CA  . ALA A 1 31  ? 6.333   4.123   -2.894  1.00 30.63 ? 46  ALA A CA  1 
ATOM   205 C C   . ALA A 1 31  ? 6.510   3.143   -4.050  1.00 28.93 ? 46  ALA A C   1 
ATOM   206 O O   . ALA A 1 31  ? 5.864   3.316   -5.090  1.00 32.41 ? 46  ALA A O   1 
ATOM   207 C CB  . ALA A 1 31  ? 7.361   5.249   -3.038  1.00 25.49 ? 46  ALA A CB  1 
ATOM   208 N N   . PHE A 1 32  ? 7.403   2.174   -3.902  1.00 26.12 ? 47  PHE A N   1 
ATOM   209 C CA  . PHE A 1 32  ? 7.876   1.373   -5.010  1.00 28.02 ? 47  PHE A CA  1 
ATOM   210 C C   . PHE A 1 32  ? 7.852   -0.083  -4.545  1.00 28.91 ? 47  PHE A C   1 
ATOM   211 O O   . PHE A 1 32  ? 7.835   -0.327  -3.345  1.00 25.70 ? 47  PHE A O   1 
ATOM   212 C CB  . PHE A 1 32  ? 9.315   1.839   -5.408  1.00 31.50 ? 47  PHE A CB  1 
ATOM   213 C CG  . PHE A 1 32  ? 9.351   3.261   -5.848  1.00 42.18 ? 47  PHE A CG  1 
ATOM   214 C CD1 . PHE A 1 32  ? 8.407   3.748   -6.829  1.00 43.05 ? 47  PHE A CD1 1 
ATOM   215 C CD2 . PHE A 1 32  ? 10.274  4.178   -5.274  1.00 45.59 ? 47  PHE A CD2 1 
ATOM   216 C CE1 . PHE A 1 32  ? 8.409   5.104   -7.223  1.00 44.39 ? 47  PHE A CE1 1 
ATOM   217 C CE2 . PHE A 1 32  ? 10.289  5.521   -5.707  1.00 51.93 ? 47  PHE A CE2 1 
ATOM   218 C CZ  . PHE A 1 32  ? 9.356   5.985   -6.668  1.00 49.33 ? 47  PHE A CZ  1 
ATOM   219 N N   . PRO A 1 33  ? 7.850   -1.055  -5.476  1.00 28.09 ? 48  PRO A N   1 
ATOM   220 C CA  . PRO A 1 33  ? 7.846   -2.414  -4.934  1.00 31.99 ? 48  PRO A CA  1 
ATOM   221 C C   . PRO A 1 33  ? 9.089   -2.716  -4.068  1.00 30.62 ? 48  PRO A C   1 
ATOM   222 O O   . PRO A 1 33  ? 10.179  -2.220  -4.328  1.00 29.08 ? 48  PRO A O   1 
ATOM   223 C CB  . PRO A 1 33  ? 7.806   -3.297  -6.214  1.00 34.80 ? 48  PRO A CB  1 
ATOM   224 C CG  . PRO A 1 33  ? 7.368   -2.368  -7.317  1.00 31.19 ? 48  PRO A CG  1 
ATOM   225 C CD  . PRO A 1 33  ? 8.030   -1.072  -6.943  1.00 32.86 ? 48  PRO A CD  1 
ATOM   226 N N   . VAL A 1 34  ? 8.913   -3.539  -3.040  1.00 30.22 ? 49  VAL A N   1 
ATOM   227 C CA  . VAL A 1 34  ? 9.977   -3.971  -2.191  1.00 30.29 ? 49  VAL A CA  1 
ATOM   228 C C   . VAL A 1 34  ? 10.744  -5.092  -2.863  1.00 34.43 ? 49  VAL A C   1 
ATOM   229 O O   . VAL A 1 34  ? 10.148  -6.019  -3.363  1.00 39.04 ? 49  VAL A O   1 
ATOM   230 C CB  . VAL A 1 34  ? 9.383   -4.610  -0.934  1.00 30.68 ? 49  VAL A CB  1 
ATOM   231 C CG1 . VAL A 1 34  ? 10.472  -5.296  -0.152  1.00 29.83 ? 49  VAL A CG1 1 
ATOM   232 C CG2 . VAL A 1 34  ? 8.649   -3.571  -0.091  1.00 30.12 ? 49  VAL A CG2 1 
ATOM   233 N N   . THR A 1 35  ? 12.057  -5.084  -2.789  1.00 34.08 ? 50  THR A N   1 
ATOM   234 C CA  . THR A 1 35  ? 12.783  -6.161  -3.463  1.00 35.24 ? 50  THR A CA  1 
ATOM   235 C C   . THR A 1 35  ? 13.495  -7.029  -2.432  1.00 34.67 ? 50  THR A C   1 
ATOM   236 O O   . THR A 1 35  ? 13.766  -6.577  -1.308  1.00 35.08 ? 50  THR A O   1 
ATOM   237 C CB  . THR A 1 35  ? 13.818  -5.578  -4.436  1.00 36.39 ? 50  THR A CB  1 
ATOM   238 O OG1 . THR A 1 35  ? 14.784  -4.873  -3.676  1.00 34.59 ? 50  THR A OG1 1 
ATOM   239 C CG2 . THR A 1 35  ? 13.160  -4.613  -5.473  1.00 35.79 ? 50  THR A CG2 1 
ATOM   240 N N   . ASP A 1 36  ? 13.789  -8.277  -2.799  1.00 35.23 ? 51  ASP A N   1 
ATOM   241 C CA  . ASP A 1 36  ? 14.606  -9.156  -1.953  1.00 38.46 ? 51  ASP A CA  1 
ATOM   242 C C   . ASP A 1 36  ? 15.958  -8.564  -1.440  1.00 34.99 ? 51  ASP A C   1 
ATOM   243 O O   . ASP A 1 36  ? 16.314  -8.836  -0.291  1.00 33.99 ? 51  ASP A O   1 
ATOM   244 C CB  . ASP A 1 36  ? 14.780  -10.548 -2.593  1.00 41.57 ? 51  ASP A CB  1 
ATOM   245 C CG  . ASP A 1 36  ? 13.511  -11.373 -2.553  1.00 39.52 ? 51  ASP A CG  1 
ATOM   246 O OD1 . ASP A 1 36  ? 12.480  -10.900 -1.982  1.00 36.74 ? 51  ASP A OD1 1 
ATOM   247 O OD2 . ASP A 1 36  ? 13.559  -12.498 -3.084  1.00 41.95 ? 51  ASP A OD2 1 
ATOM   248 N N   . ALA A 1 37  ? 16.642  -7.723  -2.226  1.00 38.83 ? 52  ALA A N   1 
ATOM   249 C CA  . ALA A 1 37  ? 17.878  -7.013  -1.787  1.00 37.21 ? 52  ALA A CA  1 
ATOM   250 C C   . ALA A 1 37  ? 17.639  -5.994  -0.679  1.00 38.36 ? 52  ALA A C   1 
ATOM   251 O O   . ALA A 1 37  ? 18.464  -5.792  0.197   1.00 40.65 ? 52  ALA A O   1 
ATOM   252 C CB  . ALA A 1 37  ? 18.572  -6.319  -2.948  1.00 35.26 ? 52  ALA A CB  1 
ATOM   253 N N   . ILE A 1 38  ? 16.512  -5.326  -0.721  1.00 36.09 ? 53  ILE A N   1 
ATOM   254 C CA  . ILE A 1 38  ? 16.155  -4.417  0.378   1.00 33.59 ? 53  ILE A CA  1 
ATOM   255 C C   . ILE A 1 38  ? 15.637  -5.211  1.571   1.00 31.45 ? 53  ILE A C   1 
ATOM   256 O O   . ILE A 1 38  ? 15.861  -4.846  2.733   1.00 32.00 ? 53  ILE A O   1 
ATOM   257 C CB  . ILE A 1 38  ? 15.024  -3.520  -0.138  1.00 37.40 ? 53  ILE A CB  1 
ATOM   258 C CG1 . ILE A 1 38  ? 15.580  -2.558  -1.172  1.00 38.33 ? 53  ILE A CG1 1 
ATOM   259 C CG2 . ILE A 1 38  ? 14.167  -2.887  0.968   1.00 30.50 ? 53  ILE A CG2 1 
ATOM   260 C CD1 . ILE A 1 38  ? 14.471  -2.049  -2.068  1.00 42.35 ? 53  ILE A CD1 1 
ATOM   261 N N   . ALA A 1 39  ? 14.874  -6.266  1.298   1.00 29.35 ? 54  ALA A N   1 
ATOM   262 C CA  . ALA A 1 39  ? 14.193  -6.993  2.352   1.00 28.65 ? 54  ALA A CA  1 
ATOM   263 C C   . ALA A 1 39  ? 14.403  -8.504  2.241   1.00 31.70 ? 54  ALA A C   1 
ATOM   264 O O   . ALA A 1 39  ? 13.624  -9.187  1.573   1.00 30.81 ? 54  ALA A O   1 
ATOM   265 C CB  . ALA A 1 39  ? 12.740  -6.640  2.364   1.00 26.29 ? 54  ALA A CB  1 
ATOM   266 N N   . PRO A 1 40  ? 15.453  -9.025  2.906   1.00 29.93 ? 55  PRO A N   1 
ATOM   267 C CA  . PRO A 1 40  ? 15.832  -10.420 2.684   1.00 31.19 ? 55  PRO A CA  1 
ATOM   268 C C   . PRO A 1 40  ? 14.635  -11.364 2.809   1.00 30.77 ? 55  PRO A C   1 
ATOM   269 O O   . PRO A 1 40  ? 13.805  -11.200 3.717   1.00 33.18 ? 55  PRO A O   1 
ATOM   270 C CB  . PRO A 1 40  ? 16.909  -10.649 3.764   1.00 30.99 ? 55  PRO A CB  1 
ATOM   271 C CG  . PRO A 1 40  ? 17.588  -9.305  3.848   1.00 32.25 ? 55  PRO A CG  1 
ATOM   272 C CD  . PRO A 1 40  ? 16.413  -8.348  3.809   1.00 32.97 ? 55  PRO A CD  1 
ATOM   273 N N   . GLY A 1 41  ? 14.475  -12.277 1.850   1.00 31.21 ? 56  GLY A N   1 
ATOM   274 C CA  . GLY A 1 41  ? 13.413  -13.321 1.915   1.00 27.57 ? 56  GLY A CA  1 
ATOM   275 C C   . GLY A 1 41  ? 12.008  -12.825 1.624   1.00 29.96 ? 56  GLY A C   1 
ATOM   276 O O   . GLY A 1 41  ? 11.043  -13.565 1.722   1.00 30.46 ? 56  GLY A O   1 
ATOM   277 N N   . TYR A 1 42  ? 11.874  -11.572 1.226   1.00 27.19 ? 57  TYR A N   1 
ATOM   278 C CA  . TYR A 1 42  ? 10.545  -11.001 1.020   1.00 27.69 ? 57  TYR A CA  1 
ATOM   279 C C   . TYR A 1 42  ? 9.673   -11.806 0.033   1.00 32.05 ? 57  TYR A C   1 
ATOM   280 O O   . TYR A 1 42  ? 8.556   -12.187 0.339   1.00 31.91 ? 57  TYR A O   1 
ATOM   281 C CB  . TYR A 1 42  ? 10.718  -9.545  0.574   1.00 24.21 ? 57  TYR A CB  1 
ATOM   282 C CG  . TYR A 1 42  ? 9.445   -8.758  0.637   1.00 29.98 ? 57  TYR A CG  1 
ATOM   283 C CD1 . TYR A 1 42  ? 9.079   -8.134  1.821   1.00 27.07 ? 57  TYR A CD1 1 
ATOM   284 C CD2 . TYR A 1 42  ? 8.591   -8.632  -0.489  1.00 25.49 ? 57  TYR A CD2 1 
ATOM   285 C CE1 . TYR A 1 42  ? 7.908   -7.420  1.928   1.00 28.21 ? 57  TYR A CE1 1 
ATOM   286 C CE2 . TYR A 1 42  ? 7.409   -7.906  -0.396  1.00 28.27 ? 57  TYR A CE2 1 
ATOM   287 C CZ  . TYR A 1 42  ? 7.062   -7.300  0.825   1.00 26.18 ? 57  TYR A CZ  1 
ATOM   288 O OH  . TYR A 1 42  ? 5.929   -6.530  0.994   1.00 22.52 ? 57  TYR A OH  1 
ATOM   289 N N   . SER A 1 43  ? 10.155  -12.046 -1.184  1.00 34.19 ? 58  SER A N   1 
ATOM   290 C CA  . SER A 1 43  ? 9.345   -12.835 -2.127  1.00 38.48 ? 58  SER A CA  1 
ATOM   291 C C   . SER A 1 43  ? 9.079   -14.283 -1.609  1.00 38.17 ? 58  SER A C   1 
ATOM   292 O O   . SER A 1 43  ? 8.185   -14.998 -2.070  1.00 39.38 ? 58  SER A O   1 
ATOM   293 C CB  . SER A 1 43  ? 10.010  -12.855 -3.502  1.00 36.66 ? 58  SER A CB  1 
ATOM   294 O OG  . SER A 1 43  ? 11.266  -13.554 -3.455  1.00 41.15 ? 58  SER A OG  1 
ATOM   295 N N   . MET A 1 44  ? 9.846   -14.725 -0.633  1.00 36.17 ? 59  MET A N   1 
ATOM   296 C CA  . MET A 1 44  ? 9.558   -16.035 -0.075  1.00 37.50 ? 59  MET A CA  1 
ATOM   297 C C   . MET A 1 44  ? 8.327   -15.971 0.867   1.00 36.84 ? 59  MET A C   1 
ATOM   298 O O   . MET A 1 44  ? 7.513   -16.891 0.912   1.00 39.60 ? 59  MET A O   1 
ATOM   299 C CB  . MET A 1 44  ? 10.800  -16.586 0.619   1.00 33.99 ? 59  MET A CB  1 
ATOM   300 C CG  . MET A 1 44  ? 10.492  -17.648 1.657   1.00 35.13 ? 59  MET A CG  1 
ATOM   301 S SD  . MET A 1 44  ? 11.977  -18.398 2.363   1.00 33.42 ? 59  MET A SD  1 
ATOM   302 C CE  . MET A 1 44  ? 12.174  -17.332 3.797   1.00 35.24 ? 59  MET A CE  1 
ATOM   303 N N   . ILE A 1 45  ? 8.184   -14.854 1.564   1.00 34.03 ? 60  ILE A N   1 
ATOM   304 C CA  . ILE A 1 45  ? 7.149   -14.655 2.606   1.00 34.09 ? 60  ILE A CA  1 
ATOM   305 C C   . ILE A 1 45  ? 5.908   -13.971 2.076   1.00 34.01 ? 60  ILE A C   1 
ATOM   306 O O   . ILE A 1 45  ? 4.782   -14.244 2.538   1.00 29.41 ? 60  ILE A O   1 
ATOM   307 C CB  . ILE A 1 45  ? 7.736   -13.761 3.718   1.00 36.19 ? 60  ILE A CB  1 
ATOM   308 C CG1 . ILE A 1 45  ? 8.997   -14.446 4.285   1.00 31.96 ? 60  ILE A CG1 1 
ATOM   309 C CG2 . ILE A 1 45  ? 6.690   -13.351 4.769   1.00 34.02 ? 60  ILE A CG2 1 
ATOM   310 C CD1 . ILE A 1 45  ? 9.751   -13.570 5.250   1.00 35.81 ? 60  ILE A CD1 1 
ATOM   311 N N   . ILE A 1 46  ? 6.106   -13.056 1.129   1.00 31.14 ? 61  ILE A N   1 
ATOM   312 C CA  . ILE A 1 46  ? 4.990   -12.269 0.631   1.00 31.67 ? 61  ILE A CA  1 
ATOM   313 C C   . ILE A 1 46  ? 4.557   -12.733 -0.791  1.00 33.11 ? 61  ILE A C   1 
ATOM   314 O O   . ILE A 1 46  ? 5.302   -12.575 -1.740  1.00 33.97 ? 61  ILE A O   1 
ATOM   315 C CB  . ILE A 1 46  ? 5.311   -10.742 0.687   1.00 27.01 ? 61  ILE A CB  1 
ATOM   316 C CG1 . ILE A 1 46  ? 5.593   -10.256 2.165   1.00 27.80 ? 61  ILE A CG1 1 
ATOM   317 C CG2 . ILE A 1 46  ? 4.183   -10.004 0.037   1.00 29.45 ? 61  ILE A CG2 1 
ATOM   318 C CD1 . ILE A 1 46  ? 4.400   -10.300 3.146   1.00 29.21 ? 61  ILE A CD1 1 
ATOM   319 N N   . LYS A 1 47  ? 3.329   -13.225 -0.929  1.00 33.83 ? 62  LYS A N   1 
ATOM   320 C CA  . LYS A 1 47  ? 2.861   -13.839 -2.175  1.00 37.59 ? 62  LYS A CA  1 
ATOM   321 C C   . LYS A 1 47  ? 2.351   -12.893 -3.253  1.00 36.09 ? 62  LYS A C   1 
ATOM   322 O O   . LYS A 1 47  ? 2.426   -13.206 -4.447  1.00 42.04 ? 62  LYS A O   1 
ATOM   323 C CB  . LYS A 1 47  ? 1.723   -14.792 -1.848  1.00 44.10 ? 62  LYS A CB  1 
ATOM   324 C CG  . LYS A 1 47  ? 2.066   -16.069 -1.100  1.00 48.35 ? 62  LYS A CG  1 
ATOM   325 C CD  . LYS A 1 47  ? 0.757   -16.865 -0.952  1.00 56.04 ? 62  LYS A CD  1 
ATOM   326 C CE  . LYS A 1 47  ? 0.891   -18.102 -0.061  1.00 61.29 ? 62  LYS A CE  1 
ATOM   327 N NZ  . LYS A 1 47  ? 0.929   -17.741 1.391   1.00 57.77 ? 62  LYS A NZ  1 
ATOM   328 N N   . HIS A 1 48  ? 1.763   -11.769 -2.853  1.00 37.47 ? 63  HIS A N   1 
ATOM   329 C CA  . HIS A 1 48  ? 1.170   -10.802 -3.806  1.00 35.07 ? 63  HIS A CA  1 
ATOM   330 C C   . HIS A 1 48  ? 1.603   -9.408  -3.372  1.00 34.52 ? 63  HIS A C   1 
ATOM   331 O O   . HIS A 1 48  ? 0.980   -8.783  -2.485  1.00 31.96 ? 63  HIS A O   1 
ATOM   332 C CB  . HIS A 1 48  ? -0.342  -10.884 -3.846  1.00 37.11 ? 63  HIS A CB  1 
ATOM   333 C CG  . HIS A 1 48  ? -0.868  -12.239 -4.183  1.00 40.04 ? 63  HIS A CG  1 
ATOM   334 N ND1 . HIS A 1 48  ? -1.321  -13.118 -3.220  1.00 40.10 ? 63  HIS A ND1 1 
ATOM   335 C CD2 . HIS A 1 48  ? -1.010  -12.869 -5.375  1.00 35.93 ? 63  HIS A CD2 1 
ATOM   336 C CE1 . HIS A 1 48  ? -1.723  -14.230 -3.808  1.00 42.54 ? 63  HIS A CE1 1 
ATOM   337 N NE2 . HIS A 1 48  ? -1.535  -14.108 -5.110  1.00 39.00 ? 63  HIS A NE2 1 
ATOM   338 N N   . PRO A 1 49  ? 2.734   -8.934  -3.924  1.00 32.20 ? 64  PRO A N   1 
ATOM   339 C CA  . PRO A 1 49  ? 3.182   -7.626  -3.371  1.00 32.72 ? 64  PRO A CA  1 
ATOM   340 C C   . PRO A 1 49  ? 2.336   -6.459  -3.921  1.00 29.52 ? 64  PRO A C   1 
ATOM   341 O O   . PRO A 1 49  ? 1.685   -6.618  -4.927  1.00 28.50 ? 64  PRO A O   1 
ATOM   342 C CB  . PRO A 1 49  ? 4.639   -7.518  -3.863  1.00 33.74 ? 64  PRO A CB  1 
ATOM   343 C CG  . PRO A 1 49  ? 4.690   -8.381  -5.108  1.00 36.16 ? 64  PRO A CG  1 
ATOM   344 C CD  . PRO A 1 49  ? 3.741   -9.546  -4.816  1.00 33.34 ? 64  PRO A CD  1 
ATOM   345 N N   . MET A 1 50  ? 2.404   -5.277  -3.309  1.00 25.60 ? 65  MET A N   1 
ATOM   346 C CA  . MET A 1 50  ? 1.677   -4.106  -3.816  1.00 27.30 ? 65  MET A CA  1 
ATOM   347 C C   . MET A 1 50  ? 2.370   -2.898  -3.223  1.00 26.54 ? 65  MET A C   1 
ATOM   348 O O   . MET A 1 50  ? 2.981   -2.996  -2.139  1.00 28.42 ? 65  MET A O   1 
ATOM   349 C CB  . MET A 1 50  ? 0.210   -4.191  -3.260  1.00 25.78 ? 65  MET A CB  1 
ATOM   350 C CG  . MET A 1 50  ? -0.763  -3.157  -3.770  1.00 26.57 ? 65  MET A CG  1 
ATOM   351 S SD  . MET A 1 50  ? -0.657  -2.813  -5.563  1.00 31.27 ? 65  MET A SD  1 
ATOM   352 C CE  . MET A 1 50  ? -0.957  -4.464  -6.234  1.00 29.29 ? 65  MET A CE  1 
ATOM   353 N N   . ASP A 1 51  ? 2.231   -1.770  -3.873  1.00 26.63 ? 66  ASP A N   1 
ATOM   354 C CA  . ASP A 1 51  ? 2.920   -0.543  -3.518  1.00 29.20 ? 66  ASP A CA  1 
ATOM   355 C C   . ASP A 1 51  ? 2.103   0.625   -4.132  1.00 29.36 ? 66  ASP A C   1 
ATOM   356 O O   . ASP A 1 51  ? 1.325   0.404   -5.060  1.00 25.38 ? 66  ASP A O   1 
ATOM   357 C CB  . ASP A 1 51  ? 4.354   -0.572  -4.083  1.00 26.67 ? 66  ASP A CB  1 
ATOM   358 C CG  . ASP A 1 51  ? 4.353   -0.542  -5.608  1.00 33.01 ? 66  ASP A CG  1 
ATOM   359 O OD1 . ASP A 1 51  ? 4.203   -1.620  -6.218  1.00 35.30 ? 66  ASP A OD1 1 
ATOM   360 O OD2 . ASP A 1 51  ? 4.473   0.572   -6.187  1.00 32.43 ? 66  ASP A OD2 1 
ATOM   361 N N   . PHE A 1 52  ? 2.301   1.857   -3.626  1.00 27.24 ? 67  PHE A N   1 
ATOM   362 C CA  . PHE A 1 52  ? 1.665   3.067   -4.175  1.00 29.64 ? 67  PHE A CA  1 
ATOM   363 C C   . PHE A 1 52  ? 1.893   3.289   -5.708  1.00 31.52 ? 67  PHE A C   1 
ATOM   364 O O   . PHE A 1 52  ? 0.972   3.630   -6.438  1.00 29.18 ? 67  PHE A O   1 
ATOM   365 C CB  . PHE A 1 52  ? 2.108   4.305   -3.382  1.00 27.02 ? 67  PHE A CB  1 
ATOM   366 C CG  . PHE A 1 52  ? 1.406   4.440   -2.058  1.00 27.27 ? 67  PHE A CG  1 
ATOM   367 C CD1 . PHE A 1 52  ? 0.074   4.051   -1.951  1.00 24.57 ? 67  PHE A CD1 1 
ATOM   368 C CD2 . PHE A 1 52  ? 2.037   5.010   -0.969  1.00 27.78 ? 67  PHE A CD2 1 
ATOM   369 C CE1 . PHE A 1 52  ? -0.620  4.174   -0.762  1.00 28.31 ? 67  PHE A CE1 1 
ATOM   370 C CE2 . PHE A 1 52  ? 1.362   5.131   0.248   1.00 30.46 ? 67  PHE A CE2 1 
ATOM   371 C CZ  . PHE A 1 52  ? 0.037   4.719   0.360   1.00 30.62 ? 67  PHE A CZ  1 
ATOM   372 N N   . GLY A 1 53  ? 3.121   3.084   -6.183  1.00 32.36 ? 68  GLY A N   1 
ATOM   373 C CA  . GLY A 1 53  ? 3.464   3.273   -7.591  1.00 31.36 ? 68  GLY A CA  1 
ATOM   374 C C   . GLY A 1 53  ? 2.716   2.324   -8.495  1.00 31.28 ? 68  GLY A C   1 
ATOM   375 O O   . GLY A 1 53  ? 2.290   2.683   -9.600  1.00 39.35 ? 68  GLY A O   1 
ATOM   376 N N   . THR A 1 54  ? 2.549   1.094   -8.040  1.00 32.61 ? 69  THR A N   1 
ATOM   377 C CA  . THR A 1 54  ? 1.757   0.097   -8.776  1.00 31.00 ? 69  THR A CA  1 
ATOM   378 C C   . THR A 1 54  ? 0.295   0.511   -8.795  1.00 27.61 ? 69  THR A C   1 
ATOM   379 O O   . THR A 1 54  ? -0.383  0.421   -9.827  1.00 25.86 ? 69  THR A O   1 
ATOM   380 C CB  . THR A 1 54  ? 1.964   -1.332  -8.188  1.00 30.75 ? 69  THR A CB  1 
ATOM   381 O OG1 . THR A 1 54  ? 3.298   -1.741  -8.449  1.00 35.73 ? 69  THR A OG1 1 
ATOM   382 C CG2 . THR A 1 54  ? 1.032   -2.376  -8.832  1.00 29.37 ? 69  THR A CG2 1 
ATOM   383 N N   . MET A 1 55  ? -0.192  1.024   -7.665  1.00 25.14 ? 70  MET A N   1 
ATOM   384 C CA  . MET A 1 55  ? -1.600  1.449   -7.585  1.00 30.74 ? 70  MET A CA  1 
ATOM   385 C C   . MET A 1 55  ? -1.925  2.653   -8.492  1.00 29.41 ? 70  MET A C   1 
ATOM   386 O O   . MET A 1 55  ? -2.967  2.658   -9.159  1.00 29.52 ? 70  MET A O   1 
ATOM   387 C CB  . MET A 1 55  ? -2.042  1.739   -6.137  1.00 32.58 ? 70  MET A CB  1 
ATOM   388 C CG  . MET A 1 55  ? -2.426  0.505   -5.329  1.00 34.30 ? 70  MET A CG  1 
ATOM   389 S SD  . MET A 1 55  ? -2.363  0.901   -3.521  1.00 33.41 ? 70  MET A SD  1 
ATOM   390 C CE  . MET A 1 55  ? -3.589  2.193   -3.377  1.00 39.55 ? 70  MET A CE  1 
ATOM   391 N N   . LYS A 1 56  ? -1.022  3.643   -8.496  1.00 26.27 ? 71  LYS A N   1 
ATOM   392 C CA  . LYS A 1 56  ? -1.052  4.778   -9.404  1.00 29.80 ? 71  LYS A CA  1 
ATOM   393 C C   . LYS A 1 56  ? -1.194  4.331   -10.858 1.00 31.60 ? 71  LYS A C   1 
ATOM   394 O O   . LYS A 1 56  ? -1.966  4.906   -11.578 1.00 33.60 ? 71  LYS A O   1 
ATOM   395 C CB  . LYS A 1 56  ? 0.243   5.591   -9.308  1.00 33.76 ? 71  LYS A CB  1 
ATOM   396 C CG  . LYS A 1 56  ? 0.256   6.869   -10.179 1.00 37.00 ? 71  LYS A CG  1 
ATOM   397 C CD  . LYS A 1 56  ? 0.868   8.048   -9.409  1.00 39.07 ? 71  LYS A CD  1 
ATOM   398 C CE  . LYS A 1 56  ? 1.600   9.056   -10.295 1.00 44.78 ? 71  LYS A CE  1 
ATOM   399 N NZ  . LYS A 1 56  ? 0.699   9.857   -11.194 1.00 42.85 ? 71  LYS A NZ  1 
ATOM   400 N N   . ASP A 1 57  ? -0.498  3.275   -11.259 1.00 30.89 ? 72  ASP A N   1 
ATOM   401 C CA  . ASP A 1 57  ? -0.521  2.826   -12.661 1.00 35.28 ? 72  ASP A CA  1 
ATOM   402 C C   . ASP A 1 57  ? -1.834  2.151   -13.061 1.00 34.10 ? 72  ASP A C   1 
ATOM   403 O O   . ASP A 1 57  ? -2.318  2.334   -14.175 1.00 35.59 ? 72  ASP A O   1 
ATOM   404 C CB  . ASP A 1 57  ? 0.671   1.856   -12.910 1.00 40.76 ? 72  ASP A CB  1 
ATOM   405 C CG  . ASP A 1 57  ? 2.014   2.594   -12.941 1.00 42.96 ? 72  ASP A CG  1 
ATOM   406 O OD1 . ASP A 1 57  ? 2.059   3.703   -13.504 1.00 46.79 ? 72  ASP A OD1 1 
ATOM   407 O OD2 . ASP A 1 57  ? 3.016   2.095   -12.407 1.00 43.71 ? 72  ASP A OD2 1 
ATOM   408 N N   . LYS A 1 58  ? -2.325  1.309   -12.167 1.00 30.66 ? 73  LYS A N   1 
ATOM   409 C CA  . LYS A 1 58  ? -3.598  0.610   -12.242 1.00 33.31 ? 73  LYS A CA  1 
ATOM   410 C C   . LYS A 1 58  ? -4.778  1.608   -12.417 1.00 34.22 ? 73  LYS A C   1 
ATOM   411 O O   . LYS A 1 58  ? -5.682  1.389   -13.240 1.00 35.12 ? 73  LYS A O   1 
ATOM   412 C CB  . LYS A 1 58  ? -3.796  -0.136  -10.913 1.00 32.98 ? 73  LYS A CB  1 
ATOM   413 C CG  . LYS A 1 58  ? -3.039  -1.425  -10.681 1.00 33.51 ? 73  LYS A CG  1 
ATOM   414 C CD  . LYS A 1 58  ? -4.029  -2.550  -10.817 1.00 35.07 ? 73  LYS A CD  1 
ATOM   415 C CE  . LYS A 1 58  ? -3.943  -3.548  -9.715  1.00 35.64 ? 73  LYS A CE  1 
ATOM   416 N NZ  . LYS A 1 58  ? -5.295  -3.927  -9.176  1.00 32.77 ? 73  LYS A NZ  1 
ATOM   417 N N   . ILE A 1 59  ? -4.775  2.678   -11.617 1.00 28.72 ? 74  ILE A N   1 
ATOM   418 C CA  . ILE A 1 59  ? -5.736  3.769   -11.731 1.00 30.70 ? 74  ILE A CA  1 
ATOM   419 C C   . ILE A 1 59  ? -5.680  4.305   -13.162 1.00 33.64 ? 74  ILE A C   1 
ATOM   420 O O   . ILE A 1 59  ? -6.687  4.248   -13.832 1.00 35.64 ? 74  ILE A O   1 
ATOM   421 C CB  . ILE A 1 59  ? -5.424  4.957   -10.769 1.00 28.84 ? 74  ILE A CB  1 
ATOM   422 C CG1 . ILE A 1 59  ? -5.667  4.596   -9.296  1.00 25.15 ? 74  ILE A CG1 1 
ATOM   423 C CG2 . ILE A 1 59  ? -6.233  6.199   -11.114 1.00 30.88 ? 74  ILE A CG2 1 
ATOM   424 C CD1 . ILE A 1 59  ? -5.359  5.767   -8.425  1.00 23.56 ? 74  ILE A CD1 1 
ATOM   425 N N   . VAL A 1 60  ? -4.503  4.752   -13.643 1.00 34.95 ? 75  VAL A N   1 
ATOM   426 C CA  . VAL A 1 60  ? -4.393  5.301   -15.039 1.00 38.08 ? 75  VAL A CA  1 
ATOM   427 C C   . VAL A 1 60  ? -4.690  4.268   -16.122 1.00 40.11 ? 75  VAL A C   1 
ATOM   428 O O   . VAL A 1 60  ? -5.222  4.611   -17.164 1.00 44.93 ? 75  VAL A O   1 
ATOM   429 C CB  . VAL A 1 60  ? -3.015  5.957   -15.347 1.00 40.25 ? 75  VAL A CB  1 
ATOM   430 C CG1 . VAL A 1 60  ? -3.129  6.853   -16.600 1.00 38.86 ? 75  VAL A CG1 1 
ATOM   431 C CG2 . VAL A 1 60  ? -2.552  6.794   -14.148 1.00 38.58 ? 75  VAL A CG2 1 
ATOM   432 N N   . ALA A 1 61  ? -4.326  3.005   -15.895 1.00 39.08 ? 76  ALA A N   1 
ATOM   433 C CA  . ALA A 1 61  ? -4.688  1.942   -16.826 1.00 42.81 ? 76  ALA A CA  1 
ATOM   434 C C   . ALA A 1 61  ? -6.142  1.546   -16.738 1.00 43.41 ? 76  ALA A C   1 
ATOM   435 O O   . ALA A 1 61  ? -6.524  0.598   -17.424 1.00 44.50 ? 76  ALA A O   1 
ATOM   436 C CB  . ALA A 1 61  ? -3.816  0.707   -16.640 1.00 42.15 ? 76  ALA A CB  1 
ATOM   437 N N   . ASN A 1 62  ? -6.946  2.239   -15.912 1.00 43.42 ? 77  ASN A N   1 
ATOM   438 C CA  . ASN A 1 62  ? -8.364  1.901   -15.689 1.00 45.24 ? 77  ASN A CA  1 
ATOM   439 C C   . ASN A 1 62  ? -8.568  0.470   -15.218 1.00 44.18 ? 77  ASN A C   1 
ATOM   440 O O   . ASN A 1 62  ? -9.448  -0.243  -15.709 1.00 47.59 ? 77  ASN A O   1 
ATOM   441 C CB  . ASN A 1 62  ? -9.193  2.140   -16.986 1.00 56.03 ? 77  ASN A CB  1 
ATOM   442 C CG  . ASN A 1 62  ? -9.884  3.491   -17.001 1.00 62.36 ? 77  ASN A CG  1 
ATOM   443 O OD1 . ASN A 1 62  ? -9.829  4.251   -16.017 1.00 69.85 ? 77  ASN A OD1 1 
ATOM   444 N ND2 . ASN A 1 62  ? -10.571 3.787   -18.104 1.00 64.82 ? 77  ASN A ND2 1 
ATOM   445 N N   . GLU A 1 63  ? -7.734  0.007   -14.299 1.00 41.21 ? 78  GLU A N   1 
ATOM   446 C CA  . GLU A 1 63  ? -7.892  -1.361  -13.827 1.00 43.54 ? 78  GLU A CA  1 
ATOM   447 C C   . GLU A 1 63  ? -8.797  -1.469  -12.598 1.00 42.18 ? 78  GLU A C   1 
ATOM   448 O O   . GLU A 1 63  ? -9.290  -2.548  -12.258 1.00 40.93 ? 78  GLU A O   1 
ATOM   449 C CB  . GLU A 1 63  ? -6.534  -2.001  -13.544 1.00 49.40 ? 78  GLU A CB  1 
ATOM   450 C CG  . GLU A 1 63  ? -5.532  -1.797  -14.672 1.00 55.18 ? 78  GLU A CG  1 
ATOM   451 C CD  . GLU A 1 63  ? -4.501  -2.918  -14.765 1.00 63.04 ? 78  GLU A CD  1 
ATOM   452 O OE1 . GLU A 1 63  ? -4.859  -4.124  -14.614 1.00 65.56 ? 78  GLU A OE1 1 
ATOM   453 O OE2 . GLU A 1 63  ? -3.332  -2.581  -15.003 1.00 58.14 ? 78  GLU A OE2 1 
ATOM   454 N N   . TYR A 1 64  ? -9.012  -0.372  -11.902 1.00 39.29 ? 79  TYR A N   1 
ATOM   455 C CA  . TYR A 1 64  ? -9.944  -0.439  -10.776 1.00 36.25 ? 79  TYR A CA  1 
ATOM   456 C C   . TYR A 1 64  ? -11.341 -0.283  -11.327 1.00 40.97 ? 79  TYR A C   1 
ATOM   457 O O   . TYR A 1 64  ? -11.642 0.694   -11.979 1.00 37.72 ? 79  TYR A O   1 
ATOM   458 C CB  . TYR A 1 64  ? -9.585  0.605   -9.737  1.00 35.73 ? 79  TYR A CB  1 
ATOM   459 C CG  . TYR A 1 64  ? -8.281  0.254   -9.072  1.00 32.23 ? 79  TYR A CG  1 
ATOM   460 C CD1 . TYR A 1 64  ? -8.122  -0.968  -8.437  1.00 31.89 ? 79  TYR A CD1 1 
ATOM   461 C CD2 . TYR A 1 64  ? -7.204  1.150   -9.072  1.00 35.07 ? 79  TYR A CD2 1 
ATOM   462 C CE1 . TYR A 1 64  ? -6.939  -1.309  -7.822  1.00 32.62 ? 79  TYR A CE1 1 
ATOM   463 C CE2 . TYR A 1 64  ? -6.009  0.837   -8.423  1.00 32.36 ? 79  TYR A CE2 1 
ATOM   464 C CZ  . TYR A 1 64  ? -5.891  -0.382  -7.799  1.00 31.72 ? 79  TYR A CZ  1 
ATOM   465 O OH  . TYR A 1 64  ? -4.708  -0.692  -7.221  1.00 32.16 ? 79  TYR A OH  1 
ATOM   466 N N   . LYS A 1 65  ? -12.154 -1.313  -11.148 1.00 40.80 ? 80  LYS A N   1 
ATOM   467 C CA  . LYS A 1 65  ? -13.517 -1.207  -11.542 1.00 41.36 ? 80  LYS A CA  1 
ATOM   468 C C   . LYS A 1 65  ? -14.395 -0.692  -10.405 1.00 40.70 ? 80  LYS A C   1 
ATOM   469 O O   . LYS A 1 65  ? -15.482 -0.226  -10.653 1.00 47.70 ? 80  LYS A O   1 
ATOM   470 C CB  . LYS A 1 65  ? -14.000 -2.510  -12.191 1.00 44.50 ? 80  LYS A CB  1 
ATOM   471 C CG  . LYS A 1 65  ? -13.238 -2.810  -13.490 1.00 49.53 ? 80  LYS A CG  1 
ATOM   472 C CD  . LYS A 1 65  ? -13.153 -1.578  -14.420 1.00 54.11 ? 80  LYS A CD  1 
ATOM   473 C CE  . LYS A 1 65  ? -12.049 -1.678  -15.484 1.00 58.92 ? 80  LYS A CE  1 
ATOM   474 N NZ  . LYS A 1 65  ? -12.170 -0.657  -16.588 1.00 56.85 ? 80  LYS A NZ  1 
ATOM   475 N N   . SER A 1 66  ? -13.912 -0.659  -9.168  1.00 38.47 ? 81  SER A N   1 
ATOM   476 C CA  . SER A 1 66  ? -14.781 -0.122  -8.099  1.00 36.33 ? 81  SER A CA  1 
ATOM   477 C C   . SER A 1 66  ? -13.922 0.352   -6.957  1.00 32.81 ? 81  SER A C   1 
ATOM   478 O O   . SER A 1 66  ? -12.788 -0.072  -6.853  1.00 29.07 ? 81  SER A O   1 
ATOM   479 C CB  . SER A 1 66  ? -15.690 -1.239  -7.588  1.00 33.75 ? 81  SER A CB  1 
ATOM   480 O OG  . SER A 1 66  ? -14.854 -2.300  -7.135  1.00 37.17 ? 81  SER A OG  1 
ATOM   481 N N   . VAL A 1 67  ? -14.459 1.199   -6.102  1.00 30.60 ? 82  VAL A N   1 
ATOM   482 C CA  . VAL A 1 67  ? -13.704 1.648   -4.957  1.00 34.58 ? 82  VAL A CA  1 
ATOM   483 C C   . VAL A 1 67  ? -13.235 0.506   -4.038  1.00 32.74 ? 82  VAL A C   1 
ATOM   484 O O   . VAL A 1 67  ? -12.147 0.575   -3.418  1.00 36.41 ? 82  VAL A O   1 
ATOM   485 C CB  . VAL A 1 67  ? -14.524 2.631   -4.142  1.00 37.02 ? 82  VAL A CB  1 
ATOM   486 C CG1 . VAL A 1 67  ? -13.691 3.131   -2.961  1.00 33.82 ? 82  VAL A CG1 1 
ATOM   487 C CG2 . VAL A 1 67  ? -14.970 3.779   -5.050  1.00 36.26 ? 82  VAL A CG2 1 
ATOM   488 N N   . THR A 1 68  ? -14.061 -0.534  -3.959  1.00 31.94 ? 83  THR A N   1 
ATOM   489 C CA  . THR A 1 68  ? -13.755 -1.764  -3.233  1.00 29.77 ? 83  THR A CA  1 
ATOM   490 C C   . THR A 1 68  ? -12.461 -2.458  -3.710  1.00 31.16 ? 83  THR A C   1 
ATOM   491 O O   . THR A 1 68  ? -11.659 -2.917  -2.877  1.00 29.67 ? 83  THR A O   1 
ATOM   492 C CB  . THR A 1 68  ? -14.958 -2.771  -3.208  1.00 30.82 ? 83  THR A CB  1 
ATOM   493 O OG1 . THR A 1 68  ? -16.166 -2.098  -2.873  1.00 31.96 ? 83  THR A OG1 1 
ATOM   494 C CG2 . THR A 1 68  ? -14.801 -3.811  -2.069  1.00 29.40 ? 83  THR A CG2 1 
ATOM   495 N N   . GLU A 1 69  ? -12.256 -2.586  -5.031  1.00 32.13 ? 84  GLU A N   1 
ATOM   496 C CA  . GLU A 1 69  ? -10.997 -3.208  -5.542  1.00 30.41 ? 84  GLU A CA  1 
ATOM   497 C C   . GLU A 1 69  ? -9.809  -2.324  -5.160  1.00 30.76 ? 84  GLU A C   1 
ATOM   498 O O   . GLU A 1 69  ? -8.688  -2.809  -4.869  1.00 29.17 ? 84  GLU A O   1 
ATOM   499 C CB  . GLU A 1 69  ? -11.006 -3.243  -7.045  1.00 33.68 ? 84  GLU A CB  1 
ATOM   500 C CG  . GLU A 1 69  ? -11.916 -4.328  -7.600  1.00 38.33 ? 84  GLU A CG  1 
ATOM   501 C CD  . GLU A 1 69  ? -11.937 -4.296  -9.110  1.00 44.97 ? 84  GLU A CD  1 
ATOM   502 O OE1 . GLU A 1 69  ? -11.255 -3.434  -9.738  1.00 45.98 ? 84  GLU A OE1 1 
ATOM   503 O OE2 . GLU A 1 69  ? -12.670 -5.122  -9.668  1.00 47.66 ? 84  GLU A OE2 1 
ATOM   504 N N   . PHE A 1 70  ? -10.045 -1.013  -5.245  1.00 27.72 ? 85  PHE A N   1 
ATOM   505 C CA  . PHE A 1 70  ? -8.974  -0.088  -4.915  1.00 29.27 ? 85  PHE A CA  1 
ATOM   506 C C   . PHE A 1 70  ? -8.542  -0.304  -3.453  1.00 28.83 ? 85  PHE A C   1 
ATOM   507 O O   . PHE A 1 70  ? -7.339  -0.385  -3.115  1.00 29.25 ? 85  PHE A O   1 
ATOM   508 C CB  . PHE A 1 70  ? -9.423  1.367   -5.030  1.00 23.36 ? 85  PHE A CB  1 
ATOM   509 C CG  . PHE A 1 70  ? -8.330  2.357   -4.720  1.00 24.47 ? 85  PHE A CG  1 
ATOM   510 C CD1 . PHE A 1 70  ? -7.262  2.526   -5.602  1.00 27.53 ? 85  PHE A CD1 1 
ATOM   511 C CD2 . PHE A 1 70  ? -8.352  3.132   -3.575  1.00 24.24 ? 85  PHE A CD2 1 
ATOM   512 C CE1 . PHE A 1 70  ? -6.240  3.461   -5.349  1.00 26.33 ? 85  PHE A CE1 1 
ATOM   513 C CE2 . PHE A 1 70  ? -7.383  4.106   -3.340  1.00 24.26 ? 85  PHE A CE2 1 
ATOM   514 C CZ  . PHE A 1 70  ? -6.286  4.240   -4.218  1.00 26.07 ? 85  PHE A CZ  1 
ATOM   515 N N   . LYS A 1 71  ? -9.533  -0.277  -2.598  1.00 28.63 ? 86  LYS A N   1 
ATOM   516 C CA  . LYS A 1 71  ? -9.308  -0.378  -1.161  1.00 28.26 ? 86  LYS A CA  1 
ATOM   517 C C   . LYS A 1 71  ? -8.600  -1.666  -0.814  1.00 30.43 ? 86  LYS A C   1 
ATOM   518 O O   . LYS A 1 71  ? -7.702  -1.667  0.029   1.00 30.26 ? 86  LYS A O   1 
ATOM   519 C CB  . LYS A 1 71  ? -10.655 -0.390  -0.430  1.00 29.02 ? 86  LYS A CB  1 
ATOM   520 C CG  . LYS A 1 71  ? -11.261 0.947   -0.096  1.00 28.67 ? 86  LYS A CG  1 
ATOM   521 C CD  . LYS A 1 71  ? -12.706 0.689   0.425   1.00 33.59 ? 86  LYS A CD  1 
ATOM   522 C CE  . LYS A 1 71  ? -12.940 1.595   1.618   1.00 38.32 ? 86  LYS A CE  1 
ATOM   523 N NZ  . LYS A 1 71  ? -14.226 1.409   2.337   1.00 43.72 ? 86  LYS A NZ  1 
ATOM   524 N N   . ALA A 1 72  ? -9.018  -2.761  -1.433  1.00 30.84 ? 87  ALA A N   1 
ATOM   525 C CA  . ALA A 1 72  ? -8.372  -4.046  -1.177  1.00 28.91 ? 87  ALA A CA  1 
ATOM   526 C C   . ALA A 1 72  ? -6.912  -4.096  -1.667  1.00 30.70 ? 87  ALA A C   1 
ATOM   527 O O   . ALA A 1 72  ? -6.094  -4.750  -1.026  1.00 25.32 ? 87  ALA A O   1 
ATOM   528 C CB  . ALA A 1 72  ? -9.217  -5.188  -1.750  1.00 36.14 ? 87  ALA A CB  1 
ATOM   529 N N   . ASP A 1 73  ? -6.549  -3.377  -2.740  1.00 27.92 ? 88  ASP A N   1 
ATOM   530 C CA  . ASP A 1 73  ? -5.095  -3.181  -2.948  1.00 29.88 ? 88  ASP A CA  1 
ATOM   531 C C   . ASP A 1 73  ? -4.386  -2.436  -1.814  1.00 30.65 ? 88  ASP A C   1 
ATOM   532 O O   . ASP A 1 73  ? -3.279  -2.780  -1.451  1.00 26.86 ? 88  ASP A O   1 
ATOM   533 C CB  . ASP A 1 73  ? -4.784  -2.516  -4.293  1.00 28.99 ? 88  ASP A CB  1 
ATOM   534 C CG  . ASP A 1 73  ? -4.536  -3.546  -5.409  1.00 30.21 ? 88  ASP A CG  1 
ATOM   535 O OD1 . ASP A 1 73  ? -4.602  -4.774  -5.108  1.00 26.80 ? 88  ASP A OD1 1 
ATOM   536 O OD2 . ASP A 1 73  ? -4.267  -3.150  -6.571  1.00 28.74 ? 88  ASP A OD2 1 
ATOM   537 N N   . PHE A 1 74  ? -4.999  -1.378  -1.293  1.00 31.07 ? 89  PHE A N   1 
ATOM   538 C CA  . PHE A 1 74  ? -4.334  -0.584  -0.242  1.00 30.59 ? 89  PHE A CA  1 
ATOM   539 C C   . PHE A 1 74  ? -4.144  -1.456  1.013   1.00 27.66 ? 89  PHE A C   1 
ATOM   540 O O   . PHE A 1 74  ? -3.120  -1.444  1.675   1.00 28.33 ? 89  PHE A O   1 
ATOM   541 C CB  . PHE A 1 74  ? -5.139  0.690   0.082   1.00 29.03 ? 89  PHE A CB  1 
ATOM   542 C CG  . PHE A 1 74  ? -4.644  1.429   1.306   1.00 33.27 ? 89  PHE A CG  1 
ATOM   543 C CD1 . PHE A 1 74  ? -3.433  2.102   1.285   1.00 31.67 ? 89  PHE A CD1 1 
ATOM   544 C CD2 . PHE A 1 74  ? -5.405  1.483   2.475   1.00 34.32 ? 89  PHE A CD2 1 
ATOM   545 C CE1 . PHE A 1 74  ? -2.961  2.767   2.409   1.00 29.53 ? 89  PHE A CE1 1 
ATOM   546 C CE2 . PHE A 1 74  ? -4.961  2.206   3.565   1.00 35.01 ? 89  PHE A CE2 1 
ATOM   547 C CZ  . PHE A 1 74  ? -3.735  2.830   3.525   1.00 33.84 ? 89  PHE A CZ  1 
ATOM   548 N N   . LYS A 1 75  ? -5.167  -2.219  1.320   1.00 32.15 ? 90  LYS A N   1 
ATOM   549 C CA  . LYS A 1 75  ? -5.181  -3.087  2.476   1.00 29.79 ? 90  LYS A CA  1 
ATOM   550 C C   . LYS A 1 75  ? -4.158  -4.174  2.247   1.00 28.84 ? 90  LYS A C   1 
ATOM   551 O O   . LYS A 1 75  ? -3.459  -4.503  3.177   1.00 27.44 ? 90  LYS A O   1 
ATOM   552 C CB  . LYS A 1 75  ? -6.559  -3.715  2.625   1.00 32.22 ? 90  LYS A CB  1 
ATOM   553 C CG  . LYS A 1 75  ? -6.641  -4.769  3.723   1.00 30.62 ? 90  LYS A CG  1 
ATOM   554 C CD  . LYS A 1 75  ? -8.093  -5.154  4.106   1.00 35.11 ? 90  LYS A CD  1 
ATOM   555 C CE  . LYS A 1 75  ? -8.119  -5.642  5.579   1.00 36.55 ? 90  LYS A CE  1 
ATOM   556 N NZ  . LYS A 1 75  ? -7.287  -6.835  5.903   1.00 34.01 ? 90  LYS A NZ  1 
ATOM   557 N N   . LEU A 1 76  ? -4.106  -4.751  1.039   1.00 26.85 ? 91  LEU A N   1 
ATOM   558 C CA  . LEU A 1 76  ? -3.087  -5.774  0.731   1.00 29.07 ? 91  LEU A CA  1 
ATOM   559 C C   . LEU A 1 76  ? -1.667  -5.298  0.989   1.00 27.16 ? 91  LEU A C   1 
ATOM   560 O O   . LEU A 1 76  ? -0.840  -6.008  1.548   1.00 34.61 ? 91  LEU A O   1 
ATOM   561 C CB  . LEU A 1 76  ? -3.159  -6.197  -0.731  1.00 27.13 ? 91  LEU A CB  1 
ATOM   562 C CG  . LEU A 1 76  ? -1.944  -7.073  -1.208  1.00 27.56 ? 91  LEU A CG  1 
ATOM   563 C CD1 . LEU A 1 76  ? -1.792  -8.407  -0.433  1.00 25.63 ? 91  LEU A CD1 1 
ATOM   564 C CD2 . LEU A 1 76  ? -2.116  -7.422  -2.696  1.00 27.34 ? 91  LEU A CD2 1 
ATOM   565 N N   . MET A 1 77  ? -1.391  -4.101  0.506   1.00 27.99 ? 92  MET A N   1 
ATOM   566 C CA  . MET A 1 77  ? -0.145  -3.416  0.725   1.00 29.55 ? 92  MET A CA  1 
ATOM   567 C C   . MET A 1 77  ? 0.197   -3.290  2.241   1.00 26.88 ? 92  MET A C   1 
ATOM   568 O O   . MET A 1 77  ? 1.347   -3.482  2.636   1.00 27.45 ? 92  MET A O   1 
ATOM   569 C CB  . MET A 1 77  ? -0.249  -2.013  0.083   1.00 31.95 ? 92  MET A CB  1 
ATOM   570 C CG  . MET A 1 77  ? 1.098   -1.325  -0.044  1.00 35.04 ? 92  MET A CG  1 
ATOM   571 S SD  . MET A 1 77  ? 1.036   0.444   -0.400  1.00 38.77 ? 92  MET A SD  1 
ATOM   572 C CE  . MET A 1 77  ? 0.047   0.925   1.009   1.00 44.11 ? 92  MET A CE  1 
ATOM   573 N N   . CYS A 1 78  ? -0.773  -2.946  3.090   1.00 29.45 ? 93  CYS A N   1 
ATOM   574 C CA  . CYS A 1 78  ? -0.463  -2.755  4.548   1.00 30.30 ? 93  CYS A CA  1 
ATOM   575 C C   . CYS A 1 78  ? -0.371  -4.112  5.236   1.00 32.57 ? 93  CYS A C   1 
ATOM   576 O O   . CYS A 1 78  ? 0.438   -4.296  6.150   1.00 37.63 ? 93  CYS A O   1 
ATOM   577 C CB  . CYS A 1 78  ? -1.513  -1.892  5.255   1.00 30.29 ? 93  CYS A CB  1 
ATOM   578 S SG  . CYS A 1 78  ? -1.709  -0.157  4.708   1.00 32.33 ? 93  CYS A SG  1 
ATOM   579 N N   . ASP A 1 79  ? -1.189  -5.066  4.806   1.00 31.79 ? 94  ASP A N   1 
ATOM   580 C CA  . ASP A 1 79  ? -1.141  -6.377  5.468   1.00 33.12 ? 94  ASP A CA  1 
ATOM   581 C C   . ASP A 1 79  ? 0.212   -6.997  5.196   1.00 29.50 ? 94  ASP A C   1 
ATOM   582 O O   . ASP A 1 79  ? 0.740   -7.706  6.052   1.00 30.43 ? 94  ASP A O   1 
ATOM   583 C CB  . ASP A 1 79  ? -2.192  -7.320  4.939   1.00 31.30 ? 94  ASP A CB  1 
ATOM   584 C CG  . ASP A 1 79  ? -3.626  -6.940  5.385   1.00 35.93 ? 94  ASP A CG  1 
ATOM   585 O OD1 . ASP A 1 79  ? -3.770  -6.224  6.393   1.00 29.38 ? 94  ASP A OD1 1 
ATOM   586 O OD2 . ASP A 1 79  ? -4.586  -7.389  4.695   1.00 32.14 ? 94  ASP A OD2 1 
ATOM   587 N N   . ASN A 1 80  ? 0.768   -6.732  4.009   1.00 23.40 ? 95  ASN A N   1 
ATOM   588 C CA  . ASN A 1 80  ? 2.112   -7.292  3.636   1.00 24.46 ? 95  ASN A CA  1 
ATOM   589 C C   . ASN A 1 80  ? 3.228   -6.854  4.553   1.00 24.85 ? 95  ASN A C   1 
ATOM   590 O O   . ASN A 1 80  ? 4.109   -7.654  4.910   1.00 24.12 ? 95  ASN A O   1 
ATOM   591 C CB  . ASN A 1 80  ? 2.536   -6.892  2.199   1.00 21.14 ? 95  ASN A CB  1 
ATOM   592 C CG  . ASN A 1 80  ? 1.742   -7.643  1.152   1.00 24.16 ? 95  ASN A CG  1 
ATOM   593 O OD1 . ASN A 1 80  ? 1.053   -8.599  1.491   1.00 24.71 ? 95  ASN A OD1 1 
ATOM   594 N ND2 . ASN A 1 80  ? 1.834   -7.240  -0.101  1.00 24.69 ? 95  ASN A ND2 1 
ATOM   595 N N   . ALA A 1 81  ? 3.215   -5.553  4.800   1.00 24.93 ? 96  ALA A N   1 
ATOM   596 C CA  . ALA A 1 81  ? 4.195   -4.847  5.616   1.00 26.15 ? 96  ALA A CA  1 
ATOM   597 C C   . ALA A 1 81  ? 4.107   -5.303  7.066   1.00 28.11 ? 96  ALA A C   1 
ATOM   598 O O   . ALA A 1 81  ? 5.135   -5.432  7.719   1.00 31.79 ? 96  ALA A O   1 
ATOM   599 C CB  . ALA A 1 81  ? 3.943   -3.317  5.529   1.00 22.72 ? 96  ALA A CB  1 
ATOM   600 N N   . MET A 1 82  ? 2.871   -5.500  7.569   1.00 28.28 ? 97  MET A N   1 
ATOM   601 C CA  . MET A 1 82  ? 2.620   -5.991  8.907   1.00 28.63 ? 97  MET A CA  1 
ATOM   602 C C   . MET A 1 82  ? 3.032   -7.434  9.013   1.00 29.92 ? 97  MET A C   1 
ATOM   603 O O   . MET A 1 82  ? 3.494   -7.879  10.070  1.00 37.16 ? 97  MET A O   1 
ATOM   604 C CB  . MET A 1 82  ? 1.141   -5.786  9.327   1.00 29.63 ? 97  MET A CB  1 
ATOM   605 C CG  . MET A 1 82  ? 0.828   -4.324  9.583   1.00 27.91 ? 97  MET A CG  1 
ATOM   606 S SD  . MET A 1 82  ? -0.820  -3.976  10.183  1.00 37.37 ? 97  MET A SD  1 
ATOM   607 C CE  . MET A 1 82  ? -1.800  -5.424  9.682   1.00 36.95 ? 97  MET A CE  1 
ATOM   608 N N   . THR A 1 83  ? 2.897   -8.155  7.912   1.00 28.01 ? 98  THR A N   1 
ATOM   609 C CA  . THR A 1 83  ? 3.323   -9.551  7.879   1.00 30.53 ? 98  THR A CA  1 
ATOM   610 C C   . THR A 1 83  ? 4.832   -9.703  7.771   1.00 28.69 ? 98  THR A C   1 
ATOM   611 O O   . THR A 1 83  ? 5.366   -10.579 8.417   1.00 30.63 ? 98  THR A O   1 
ATOM   612 C CB  . THR A 1 83  ? 2.684   -10.346 6.725   1.00 30.20 ? 98  THR A CB  1 
ATOM   613 O OG1 . THR A 1 83  ? 1.267   -10.279 6.870   1.00 28.67 ? 98  THR A OG1 1 
ATOM   614 C CG2 . THR A 1 83  ? 3.181   -11.838 6.758   1.00 28.46 ? 98  THR A CG2 1 
ATOM   615 N N   . TYR A 1 84  ? 5.503   -8.845  6.996   1.00 29.19 ? 99  TYR A N   1 
ATOM   616 C CA  . TYR A 1 84  ? 6.962   -8.963  6.822   1.00 29.51 ? 99  TYR A CA  1 
ATOM   617 C C   . TYR A 1 84  ? 7.722   -8.405  8.001   1.00 32.19 ? 99  TYR A C   1 
ATOM   618 O O   . TYR A 1 84  ? 8.609   -9.042  8.533   1.00 31.01 ? 99  TYR A O   1 
ATOM   619 C CB  . TYR A 1 84  ? 7.430   -8.288  5.518   1.00 27.68 ? 99  TYR A CB  1 
ATOM   620 C CG  . TYR A 1 84  ? 8.924   -8.429  5.361   1.00 30.16 ? 99  TYR A CG  1 
ATOM   621 C CD1 . TYR A 1 84  ? 9.493   -9.650  4.991   1.00 30.60 ? 99  TYR A CD1 1 
ATOM   622 C CD2 . TYR A 1 84  ? 9.777   -7.369  5.642   1.00 32.33 ? 99  TYR A CD2 1 
ATOM   623 C CE1 . TYR A 1 84  ? 10.882  -9.782  4.867   1.00 31.49 ? 99  TYR A CE1 1 
ATOM   624 C CE2 . TYR A 1 84  ? 11.197  -7.485  5.517   1.00 31.34 ? 99  TYR A CE2 1 
ATOM   625 C CZ  . TYR A 1 84  ? 11.730  -8.688  5.123   1.00 31.88 ? 99  TYR A CZ  1 
ATOM   626 O OH  . TYR A 1 84  ? 13.102  -8.843  4.979   1.00 32.88 ? 99  TYR A OH  1 
ATOM   627 N N   . ASN A 1 85  ? 7.381   -7.193  8.398   1.00 33.01 ? 100 ASN A N   1 
ATOM   628 C CA  . ASN A 1 85  ? 8.172   -6.456  9.379   1.00 34.80 ? 100 ASN A CA  1 
ATOM   629 C C   . ASN A 1 85  ? 7.648   -6.724  10.781  1.00 36.66 ? 100 ASN A C   1 
ATOM   630 O O   . ASN A 1 85  ? 6.436   -6.732  11.003  1.00 41.16 ? 100 ASN A O   1 
ATOM   631 C CB  . ASN A 1 85  ? 8.047   -4.957  9.085   1.00 32.11 ? 100 ASN A CB  1 
ATOM   632 C CG  . ASN A 1 85  ? 8.589   -4.577  7.744   1.00 30.89 ? 100 ASN A CG  1 
ATOM   633 O OD1 . ASN A 1 85  ? 9.784   -4.498  7.584   1.00 31.32 ? 100 ASN A OD1 1 
ATOM   634 N ND2 . ASN A 1 85  ? 7.704   -4.312  6.763   1.00 28.26 ? 100 ASN A ND2 1 
ATOM   635 N N   . ARG A 1 86  ? 8.546   -6.917  11.741  1.00 38.18 ? 101 ARG A N   1 
ATOM   636 C CA  . ARG A 1 86  ? 8.135   -7.316  13.091  1.00 42.78 ? 101 ARG A CA  1 
ATOM   637 C C   . ARG A 1 86  ? 7.367   -6.189  13.781  1.00 38.90 ? 101 ARG A C   1 
ATOM   638 O O   . ARG A 1 86  ? 7.590   -5.003  13.463  1.00 40.45 ? 101 ARG A O   1 
ATOM   639 C CB  . ARG A 1 86  ? 9.372   -7.652  13.930  1.00 46.78 ? 101 ARG A CB  1 
ATOM   640 C CG  . ARG A 1 86  ? 9.788   -9.105  13.952  1.00 55.61 ? 101 ARG A CG  1 
ATOM   641 C CD  . ARG A 1 86  ? 10.723  -9.269  15.153  1.00 61.84 ? 101 ARG A CD  1 
ATOM   642 N NE  . ARG A 1 86  ? 11.570  -10.467 15.111  1.00 70.59 ? 101 ARG A NE  1 
ATOM   643 C CZ  . ARG A 1 86  ? 12.413  -10.819 16.085  1.00 76.92 ? 101 ARG A CZ  1 
ATOM   644 N NH1 . ARG A 1 86  ? 12.518  -10.065 17.175  1.00 78.04 ? 101 ARG A NH1 1 
ATOM   645 N NH2 . ARG A 1 86  ? 13.153  -11.928 15.981  1.00 81.46 ? 101 ARG A NH2 1 
ATOM   646 N N   . PRO A 1 87  ? 6.496   -6.521  14.758  1.00 38.90 ? 102 PRO A N   1 
ATOM   647 C CA  . PRO A 1 87  ? 5.682   -5.398  15.318  1.00 40.45 ? 102 PRO A CA  1 
ATOM   648 C C   . PRO A 1 87  ? 6.470   -4.168  15.850  1.00 39.50 ? 102 PRO A C   1 
ATOM   649 O O   . PRO A 1 87  ? 5.963   -3.052  15.773  1.00 44.70 ? 102 PRO A O   1 
ATOM   650 C CB  . PRO A 1 87  ? 4.863   -6.073  16.428  1.00 42.64 ? 102 PRO A CB  1 
ATOM   651 C CG  . PRO A 1 87  ? 4.805   -7.505  16.034  1.00 43.02 ? 102 PRO A CG  1 
ATOM   652 C CD  . PRO A 1 87  ? 6.139   -7.805  15.380  1.00 39.91 ? 102 PRO A CD  1 
ATOM   653 N N   . ASP A 1 88  ? 7.694   -4.361  16.349  1.00 38.73 ? 103 ASP A N   1 
ATOM   654 C CA  . ASP A 1 88  ? 8.496   -3.277  16.912  1.00 45.00 ? 103 ASP A CA  1 
ATOM   655 C C   . ASP A 1 88  ? 9.184   -2.346  15.874  1.00 46.22 ? 103 ASP A C   1 
ATOM   656 O O   . ASP A 1 88  ? 9.917   -1.448  16.266  1.00 51.84 ? 103 ASP A O   1 
ATOM   657 C CB  . ASP A 1 88  ? 9.594   -3.880  17.782  1.00 49.61 ? 103 ASP A CB  1 
ATOM   658 C CG  . ASP A 1 88  ? 10.580  -4.735  16.968  1.00 52.26 ? 103 ASP A CG  1 
ATOM   659 O OD1 . ASP A 1 88  ? 10.367  -5.018  15.758  1.00 55.81 ? 103 ASP A OD1 1 
ATOM   660 O OD2 . ASP A 1 88  ? 11.587  -5.143  17.533  1.00 57.16 ? 103 ASP A OD2 1 
ATOM   661 N N   . THR A 1 89  ? 8.977   -2.545  14.581  1.00 42.27 ? 104 THR A N   1 
ATOM   662 C CA  . THR A 1 89  ? 9.650   -1.702  13.613  1.00 38.64 ? 104 THR A CA  1 
ATOM   663 C C   . THR A 1 89  ? 8.797   -0.520  13.234  1.00 38.66 ? 104 THR A C   1 
ATOM   664 O O   . THR A 1 89  ? 7.561   -0.505  13.472  1.00 37.33 ? 104 THR A O   1 
ATOM   665 C CB  . THR A 1 89  ? 10.033  -2.484  12.347  1.00 38.05 ? 104 THR A CB  1 
ATOM   666 O OG1 . THR A 1 89  ? 8.837   -2.984  11.705  1.00 35.69 ? 104 THR A OG1 1 
ATOM   667 C CG2 . THR A 1 89  ? 10.990  -3.627  12.691  1.00 35.35 ? 104 THR A CG2 1 
ATOM   668 N N   . VAL A 1 90  ? 9.452   0.481   12.645  1.00 36.58 ? 105 VAL A N   1 
ATOM   669 C CA  . VAL A 1 90  ? 8.761   1.693   12.227  1.00 34.00 ? 105 VAL A CA  1 
ATOM   670 C C   . VAL A 1 90  ? 7.954   1.339   10.964  1.00 34.83 ? 105 VAL A C   1 
ATOM   671 O O   . VAL A 1 90  ? 6.950   1.978   10.640  1.00 31.30 ? 105 VAL A O   1 
ATOM   672 C CB  . VAL A 1 90  ? 9.735   2.895   12.010  1.00 36.58 ? 105 VAL A CB  1 
ATOM   673 C CG1 . VAL A 1 90  ? 10.627  3.098   13.240  1.00 38.16 ? 105 VAL A CG1 1 
ATOM   674 C CG2 . VAL A 1 90  ? 10.613  2.695   10.772  1.00 36.94 ? 105 VAL A CG2 1 
ATOM   675 N N   . TYR A 1 91  ? 8.352   0.276   10.279  1.00 32.40 ? 106 TYR A N   1 
ATOM   676 C CA  . TYR A 1 91  ? 7.604   -0.121  9.092   1.00 33.73 ? 106 TYR A CA  1 
ATOM   677 C C   . TYR A 1 91  ? 6.212   -0.692  9.432   1.00 32.18 ? 106 TYR A C   1 
ATOM   678 O O   . TYR A 1 91  ? 5.201   -0.316  8.794   1.00 32.25 ? 106 TYR A O   1 
ATOM   679 C CB  . TYR A 1 91  ? 8.432   -1.082  8.244   1.00 32.57 ? 106 TYR A CB  1 
ATOM   680 C CG  . TYR A 1 91  ? 9.790   -0.495  7.896   1.00 35.37 ? 106 TYR A CG  1 
ATOM   681 C CD1 . TYR A 1 91  ? 9.897   0.621   7.031   1.00 33.94 ? 106 TYR A CD1 1 
ATOM   682 C CD2 . TYR A 1 91  ? 10.968  -1.025  8.453   1.00 36.36 ? 106 TYR A CD2 1 
ATOM   683 C CE1 . TYR A 1 91  ? 11.140  1.147   6.704   1.00 31.91 ? 106 TYR A CE1 1 
ATOM   684 C CE2 . TYR A 1 91  ? 12.232  -0.498  8.124   1.00 35.17 ? 106 TYR A CE2 1 
ATOM   685 C CZ  . TYR A 1 91  ? 12.298  0.597   7.279   1.00 33.62 ? 106 TYR A CZ  1 
ATOM   686 O OH  . TYR A 1 91  ? 13.521  1.128   6.967   1.00 35.10 ? 106 TYR A OH  1 
ATOM   687 N N   . TYR A 1 92  ? 6.167   -1.527  10.479  1.00 30.57 ? 107 TYR A N   1 
ATOM   688 C CA  . TYR A 1 92  ? 4.971   -2.239  10.882  1.00 30.58 ? 107 TYR A CA  1 
ATOM   689 C C   . TYR A 1 92  ? 3.986   -1.153  11.377  1.00 31.42 ? 107 TYR A C   1 
ATOM   690 O O   . TYR A 1 92  ? 2.780   -1.103  11.016  1.00 32.52 ? 107 TYR A O   1 
ATOM   691 C CB  . TYR A 1 92  ? 5.335   -3.192  12.027  1.00 32.10 ? 107 TYR A CB  1 
ATOM   692 C CG  . TYR A 1 92  ? 4.128   -3.877  12.669  1.00 32.00 ? 107 TYR A CG  1 
ATOM   693 C CD1 . TYR A 1 92  ? 3.321   -3.183  13.587  1.00 33.17 ? 107 TYR A CD1 1 
ATOM   694 C CD2 . TYR A 1 92  ? 3.774   -5.210  12.340  1.00 31.19 ? 107 TYR A CD2 1 
ATOM   695 C CE1 . TYR A 1 92  ? 2.189   -3.787  14.158  1.00 35.60 ? 107 TYR A CE1 1 
ATOM   696 C CE2 . TYR A 1 92  ? 2.670   -5.836  12.939  1.00 30.72 ? 107 TYR A CE2 1 
ATOM   697 C CZ  . TYR A 1 92  ? 1.889   -5.118  13.838  1.00 35.39 ? 107 TYR A CZ  1 
ATOM   698 O OH  . TYR A 1 92  ? 0.799   -5.692  14.420  1.00 35.04 ? 107 TYR A OH  1 
ATOM   699 N N   . LYS A 1 93  ? 4.532   -0.233  12.138  1.00 28.48 ? 108 LYS A N   1 
ATOM   700 C CA  . LYS A 1 93  ? 3.695   0.680   12.831  1.00 31.87 ? 108 LYS A CA  1 
ATOM   701 C C   . LYS A 1 93  ? 3.062   1.614   11.855  1.00 28.85 ? 108 LYS A C   1 
ATOM   702 O O   . LYS A 1 93  ? 1.872   1.921   11.977  1.00 29.48 ? 108 LYS A O   1 
ATOM   703 C CB  . LYS A 1 93  ? 4.526   1.464   13.817  1.00 31.70 ? 108 LYS A CB  1 
ATOM   704 C CG  . LYS A 1 93  ? 4.914   0.616   15.023  1.00 32.99 ? 108 LYS A CG  1 
ATOM   705 C CD  . LYS A 1 93  ? 6.149   1.239   15.579  1.00 34.69 ? 108 LYS A CD  1 
ATOM   706 C CE  . LYS A 1 93  ? 6.699   0.367   16.699  1.00 37.30 ? 108 LYS A CE  1 
ATOM   707 N NZ  . LYS A 1 93  ? 7.384   1.271   17.646  1.00 41.74 ? 108 LYS A NZ  1 
ATOM   708 N N   . LEU A 1 94  ? 3.866   2.110   10.921  1.00 28.11 ? 109 LEU A N   1 
ATOM   709 C CA  . LEU A 1 94  ? 3.347   3.032   9.947   1.00 28.81 ? 109 LEU A CA  1 
ATOM   710 C C   . LEU A 1 94  ? 2.213   2.328   9.204   1.00 29.62 ? 109 LEU A C   1 
ATOM   711 O O   . LEU A 1 94  ? 1.149   2.913   8.933   1.00 31.99 ? 109 LEU A O   1 
ATOM   712 C CB  . LEU A 1 94  ? 4.457   3.574   9.037   1.00 30.92 ? 109 LEU A CB  1 
ATOM   713 C CG  . LEU A 1 94  ? 3.966   4.396   7.790   1.00 35.23 ? 109 LEU A CG  1 
ATOM   714 C CD1 . LEU A 1 94  ? 3.039   5.562   8.126   1.00 37.19 ? 109 LEU A CD1 1 
ATOM   715 C CD2 . LEU A 1 94  ? 5.111   4.886   6.865   1.00 36.55 ? 109 LEU A CD2 1 
ATOM   716 N N   . ALA A 1 95  ? 2.411   1.065   8.871   1.00 30.63 ? 110 ALA A N   1 
ATOM   717 C CA  . ALA A 1 95  ? 1.396   0.320   8.082   1.00 27.77 ? 110 ALA A CA  1 
ATOM   718 C C   . ALA A 1 95  ? 0.093   0.235   8.910   1.00 28.03 ? 110 ALA A C   1 
ATOM   719 O O   . ALA A 1 95  ? -0.970  0.420   8.379   1.00 28.28 ? 110 ALA A O   1 
ATOM   720 C CB  . ALA A 1 95  ? 1.872   -1.105  7.683   1.00 23.43 ? 110 ALA A CB  1 
ATOM   721 N N   . LYS A 1 96  ? 0.198   -0.047  10.195  1.00 31.00 ? 111 LYS A N   1 
ATOM   722 C CA  . LYS A 1 96  ? -1.016  -0.194  11.001  1.00 35.26 ? 111 LYS A CA  1 
ATOM   723 C C   . LYS A 1 96  ? -1.760  1.138   11.130  1.00 36.72 ? 111 LYS A C   1 
ATOM   724 O O   . LYS A 1 96  ? -3.005  1.182   11.151  1.00 45.96 ? 111 LYS A O   1 
ATOM   725 C CB  . LYS A 1 96  ? -0.729  -0.764  12.389  1.00 36.67 ? 111 LYS A CB  1 
ATOM   726 C CG  . LYS A 1 96  ? -2.052  -1.058  13.126  1.00 39.95 ? 111 LYS A CG  1 
ATOM   727 C CD  . LYS A 1 96  ? -1.865  -1.374  14.606  1.00 43.72 ? 111 LYS A CD  1 
ATOM   728 C CE  . LYS A 1 96  ? -1.501  -2.833  14.825  1.00 46.91 ? 111 LYS A CE  1 
ATOM   729 N NZ  . LYS A 1 96  ? -2.278  -3.338  16.011  1.00 50.90 ? 111 LYS A NZ  1 
ATOM   730 N N   . LYS A 1 97  ? -1.000  2.219   11.217  1.00 36.32 ? 112 LYS A N   1 
ATOM   731 C CA  . LYS A 1 97  ? -1.583  3.567   11.316  1.00 37.06 ? 112 LYS A CA  1 
ATOM   732 C C   . LYS A 1 97  ? -2.278  3.981   10.018  1.00 36.91 ? 112 LYS A C   1 
ATOM   733 O O   . LYS A 1 97  ? -3.423  4.400   10.006  1.00 34.24 ? 112 LYS A O   1 
ATOM   734 C CB  . LYS A 1 97  ? -0.484  4.585   11.647  1.00 39.54 ? 112 LYS A CB  1 
ATOM   735 C CG  . LYS A 1 97  ? -1.024  5.982   11.892  1.00 41.10 ? 112 LYS A CG  1 
ATOM   736 C CD  . LYS A 1 97  ? 0.121   6.880   12.320  1.00 42.34 ? 112 LYS A CD  1 
ATOM   737 C CE  . LYS A 1 97  ? -0.415  8.033   13.150  1.00 50.74 ? 112 LYS A CE  1 
ATOM   738 N NZ  . LYS A 1 97  ? -0.463  9.288   12.331  1.00 51.04 ? 112 LYS A NZ  1 
ATOM   739 N N   . ILE A 1 98  ? -1.561  3.885   8.912   1.00 31.38 ? 113 ILE A N   1 
ATOM   740 C CA  . ILE A 1 98  ? -2.154  4.375   7.713   1.00 33.06 ? 113 ILE A CA  1 
ATOM   741 C C   . ILE A 1 98  ? -3.249  3.443   7.251   1.00 29.74 ? 113 ILE A C   1 
ATOM   742 O O   . ILE A 1 98  ? -4.142  3.920   6.628   1.00 30.95 ? 113 ILE A O   1 
ATOM   743 C CB  . ILE A 1 98  ? -1.147  4.663   6.585   1.00 34.19 ? 113 ILE A CB  1 
ATOM   744 C CG1 . ILE A 1 98  ? -0.376  3.412   6.227   1.00 36.08 ? 113 ILE A CG1 1 
ATOM   745 C CG2 . ILE A 1 98  ? -0.242  5.784   7.019   1.00 38.63 ? 113 ILE A CG2 1 
ATOM   746 C CD1 . ILE A 1 98  ? 0.025   3.370   4.775   1.00 43.14 ? 113 ILE A CD1 1 
ATOM   747 N N   . LEU A 1 99  ? -3.199  2.150   7.599   1.00 29.86 ? 114 LEU A N   1 
ATOM   748 C CA  . LEU A 1 99  ? -4.307  1.260   7.205   1.00 32.08 ? 114 LEU A CA  1 
ATOM   749 C C   . LEU A 1 99  ? -5.594  1.773   7.862   1.00 30.10 ? 114 LEU A C   1 
ATOM   750 O O   . LEU A 1 99  ? -6.572  2.018   7.192   1.00 28.16 ? 114 LEU A O   1 
ATOM   751 C CB  . LEU A 1 99  ? -4.032  -0.198  7.574   1.00 30.20 ? 114 LEU A CB  1 
ATOM   752 C CG  . LEU A 1 99  ? -5.109  -1.280  7.273   1.00 30.21 ? 114 LEU A CG  1 
ATOM   753 C CD1 . LEU A 1 99  ? -5.630  -1.318  5.826   1.00 26.40 ? 114 LEU A CD1 1 
ATOM   754 C CD2 . LEU A 1 99  ? -4.724  -2.655  7.801   1.00 32.11 ? 114 LEU A CD2 1 
ATOM   755 N N   . HIS A 1 100 ? -5.542  2.020   9.166   1.00 32.73 ? 115 HIS A N   1 
ATOM   756 C CA  . HIS A 1 100 ? -6.710  2.418   9.882   1.00 38.20 ? 115 HIS A CA  1 
ATOM   757 C C   . HIS A 1 100 ? -7.106  3.773   9.342   1.00 38.22 ? 115 HIS A C   1 
ATOM   758 O O   . HIS A 1 100 ? -8.271  4.002   8.947   1.00 30.50 ? 115 HIS A O   1 
ATOM   759 C CB  . HIS A 1 100 ? -6.436  2.506   11.404  1.00 46.99 ? 115 HIS A CB  1 
ATOM   760 C CG  . HIS A 1 100 ? -7.596  3.054   12.175  1.00 55.83 ? 115 HIS A CG  1 
ATOM   761 N ND1 . HIS A 1 100 ? -8.663  2.271   12.579  1.00 60.27 ? 115 HIS A ND1 1 
ATOM   762 C CD2 . HIS A 1 100 ? -7.900  4.321   12.549  1.00 58.80 ? 115 HIS A CD2 1 
ATOM   763 C CE1 . HIS A 1 100 ? -9.565  3.030   13.178  1.00 54.05 ? 115 HIS A CE1 1 
ATOM   764 N NE2 . HIS A 1 100 ? -9.126  4.277   13.176  1.00 56.09 ? 115 HIS A NE2 1 
ATOM   765 N N   . ALA A 1 101 ? -6.140  4.682   9.314   1.00 37.39 ? 116 ALA A N   1 
ATOM   766 C CA  . ALA A 1 101 ? -6.504  6.055   8.976   1.00 38.94 ? 116 ALA A CA  1 
ATOM   767 C C   . ALA A 1 101 ? -6.990  6.141   7.536   1.00 37.93 ? 116 ALA A C   1 
ATOM   768 O O   . ALA A 1 101 ? -7.843  6.991   7.204   1.00 40.52 ? 116 ALA A O   1 
ATOM   769 C CB  . ALA A 1 101 ? -5.363  7.016   9.216   1.00 38.59 ? 116 ALA A CB  1 
ATOM   770 N N   . GLY A 1 102 ? -6.499  5.234   6.699   1.00 36.31 ? 117 GLY A N   1 
ATOM   771 C CA  . GLY A 1 102 ? -6.866  5.260   5.309   1.00 34.34 ? 117 GLY A CA  1 
ATOM   772 C C   . GLY A 1 102 ? -8.256  4.712   5.118   1.00 36.46 ? 117 GLY A C   1 
ATOM   773 O O   . GLY A 1 102 ? -9.012  5.203   4.254   1.00 36.28 ? 117 GLY A O   1 
ATOM   774 N N   . PHE A 1 103 ? -8.629  3.703   5.910   1.00 35.37 ? 118 PHE A N   1 
ATOM   775 C CA  . PHE A 1 103 ? -9.948  3.103   5.700   1.00 37.71 ? 118 PHE A CA  1 
ATOM   776 C C   . PHE A 1 103 ? -10.972 4.033   6.257   1.00 39.16 ? 118 PHE A C   1 
ATOM   777 O O   . PHE A 1 103 ? -12.030 4.140   5.716   1.00 41.15 ? 118 PHE A O   1 
ATOM   778 C CB  . PHE A 1 103 ? -10.123 1.706   6.294   1.00 42.23 ? 118 PHE A CB  1 
ATOM   779 C CG  . PHE A 1 103 ? -9.983  0.603   5.279   1.00 43.22 ? 118 PHE A CG  1 
ATOM   780 C CD1 . PHE A 1 103 ? -8.821  0.474   4.548   1.00 40.76 ? 118 PHE A CD1 1 
ATOM   781 C CD2 . PHE A 1 103 ? -11.021 -0.319  5.053   1.00 47.98 ? 118 PHE A CD2 1 
ATOM   782 C CE1 . PHE A 1 103 ? -8.670  -0.540  3.603   1.00 38.22 ? 118 PHE A CE1 1 
ATOM   783 C CE2 . PHE A 1 103 ? -10.883 -1.354  4.111   1.00 42.74 ? 118 PHE A CE2 1 
ATOM   784 C CZ  . PHE A 1 103 ? -9.695  -1.457  3.381   1.00 41.30 ? 118 PHE A CZ  1 
ATOM   785 N N   . LYS A 1 104 ? -10.643 4.702   7.349   1.00 39.55 ? 119 LYS A N   1 
ATOM   786 C CA  . LYS A 1 104 ? -11.531 5.726   7.875   1.00 39.93 ? 119 LYS A CA  1 
ATOM   787 C C   . LYS A 1 104 ? -11.857 6.742   6.800   1.00 36.12 ? 119 LYS A C   1 
ATOM   788 O O   . LYS A 1 104 ? -13.002 7.125   6.662   1.00 35.54 ? 119 LYS A O   1 
ATOM   789 C CB  . LYS A 1 104 ? -10.890 6.428   9.048   1.00 40.08 ? 119 LYS A CB  1 
ATOM   790 C CG  . LYS A 1 104 ? -11.848 7.344   9.808   1.00 48.29 ? 119 LYS A CG  1 
ATOM   791 C CD  . LYS A 1 104 ? -11.301 7.567   11.217  1.00 50.25 ? 119 LYS A CD  1 
ATOM   792 C CE  . LYS A 1 104 ? -11.772 8.875   11.842  1.00 58.63 ? 119 LYS A CE  1 
ATOM   793 N NZ  . LYS A 1 104 ? -12.889 8.614   12.791  1.00 56.88 ? 119 LYS A NZ  1 
ATOM   794 N N   . MET A 1 105 ? -10.861 7.133   6.004   1.00 37.14 ? 120 MET A N   1 
ATOM   795 C CA  . MET A 1 105 ? -11.081 8.161   4.973   1.00 35.69 ? 120 MET A CA  1 
ATOM   796 C C   . MET A 1 105 ? -11.925 7.665   3.777   1.00 36.13 ? 120 MET A C   1 
ATOM   797 O O   . MET A 1 105 ? -12.764 8.396   3.165   1.00 35.33 ? 120 MET A O   1 
ATOM   798 C CB  . MET A 1 105 ? -9.731  8.655   4.434   1.00 36.75 ? 120 MET A CB  1 
ATOM   799 C CG  . MET A 1 105 ? -9.948  9.521   3.209   1.00 31.49 ? 120 MET A CG  1 
ATOM   800 S SD  . MET A 1 105 ? -8.569  9.927   2.152   1.00 37.21 ? 120 MET A SD  1 
ATOM   801 C CE  . MET A 1 105 ? -7.970  8.321   1.544   1.00 29.03 ? 120 MET A CE  1 
ATOM   802 N N   . MET A 1 106 ? -11.713 6.417   3.418   1.00 33.73 ? 121 MET A N   1 
ATOM   803 C CA  . MET A 1 106 ? -12.429 5.919   2.263   1.00 40.86 ? 121 MET A CA  1 
ATOM   804 C C   . MET A 1 106 ? -13.814 5.336   2.599   1.00 45.85 ? 121 MET A C   1 
ATOM   805 O O   . MET A 1 106 ? -14.609 5.114   1.692   1.00 49.85 ? 121 MET A O   1 
ATOM   806 C CB  . MET A 1 106 ? -11.570 4.901   1.519   1.00 35.03 ? 121 MET A CB  1 
ATOM   807 C CG  . MET A 1 106 ? -10.370 5.525   0.828   1.00 35.04 ? 121 MET A CG  1 
ATOM   808 S SD  . MET A 1 106 ? -9.272  4.332   -0.015  1.00 30.92 ? 121 MET A SD  1 
ATOM   809 C CE  . MET A 1 106 ? -8.347  3.895   1.458   1.00 26.34 ? 121 MET A CE  1 
ATOM   810 N N   . SER A 1 107 ? -14.097 5.049   3.868   1.00 50.88 ? 122 SER A N   1 
ATOM   811 C CA  . SER A 1 107 ? -15.425 4.509   4.224   1.00 52.64 ? 122 SER A CA  1 
ATOM   812 C C   . SER A 1 107 ? -16.352 5.582   4.734   1.00 49.86 ? 122 SER A C   1 
ATOM   813 O O   . SER A 1 107 ? -17.252 5.961   3.998   1.00 56.52 ? 122 SER A O   1 
ATOM   814 C CB  . SER A 1 107 ? -15.328 3.347   5.201   1.00 51.99 ? 122 SER A CB  1 
ATOM   815 O OG  . SER A 1 107 ? -14.126 2.629   4.965   1.00 61.37 ? 122 SER A OG  1 
ATOM   816 N N   . GLY B 2 6   ? 16.068  -9.107  12.230  1.00 53.73 ? 6   GLY B N   1 
ATOM   817 C CA  . GLY B 2 6   ? 15.145  -9.621  11.167  1.00 59.88 ? 6   GLY B CA  1 
ATOM   818 C C   . GLY B 2 6   ? 14.928  -8.542  10.117  1.00 56.68 ? 6   GLY B C   1 
ATOM   819 O O   . GLY B 2 6   ? 15.676  -7.569  10.101  1.00 53.27 ? 6   GLY B O   1 
ATOM   820 N N   . GLY B 2 7   ? 13.926  -8.723  9.249   1.00 53.73 ? 7   GLY B N   1 
ATOM   821 C CA  . GLY B 2 7   ? 13.493  -7.731  8.231   1.00 49.99 ? 7   GLY B CA  1 
ATOM   822 C C   . GLY B 2 7   ? 14.465  -6.839  7.454   1.00 48.09 ? 7   GLY B C   1 
ATOM   823 O O   . GLY B 2 7   ? 15.509  -7.278  6.968   1.00 55.94 ? 7   GLY B O   1 
HETATM 824 C C   . BTK B 2 8   ? 15.957  -4.116  7.602   1.00 47.94 ? 8   BTK B C   1 
HETATM 825 N N   . BTK B 2 8   ? 14.109  -5.571  7.309   1.00 44.89 ? 8   BTK B N   1 
HETATM 826 O O   . BTK B 2 8   ? 16.688  -3.151  7.315   1.00 45.29 ? 8   BTK B O   1 
HETATM 827 C CA  . BTK B 2 8   ? 14.952  -4.628  6.606   1.00 42.13 ? 8   BTK B CA  1 
HETATM 828 C CB  . BTK B 2 8   ? 14.117  -3.433  6.147   1.00 40.78 ? 8   BTK B CB  1 
HETATM 829 C CD  . BTK B 2 8   ? 12.001  -2.869  4.884   1.00 36.15 ? 8   BTK B CD  1 
HETATM 830 C CE  . BTK B 2 8   ? 10.808  -3.614  4.275   1.00 35.95 ? 8   BTK B CE  1 
HETATM 831 C CG  . BTK B 2 8   ? 13.177  -3.817  4.997   1.00 43.87 ? 8   BTK B CG  1 
HETATM 832 N NZ  . BTK B 2 8   ? 9.874   -2.647  3.697   1.00 29.23 ? 8   BTK B NZ  1 
HETATM 833 C CAA . BTK B 2 8   ? 7.111   -0.474  4.888   1.00 36.31 ? 8   BTK B CAA 1 
HETATM 834 O OAD . BTK B 2 8   ? 7.859   -3.760  3.781   1.00 31.80 ? 8   BTK B OAD 1 
HETATM 835 C CAF . BTK B 2 8   ? 6.783   -0.895  3.465   1.00 29.57 ? 8   BTK B CAF 1 
HETATM 836 C CAJ . BTK B 2 8   ? 7.993   -1.492  2.817   1.00 26.90 ? 8   BTK B CAJ 1 
HETATM 837 C CAN . BTK B 2 8   ? 8.552   -2.750  3.476   1.00 31.25 ? 8   BTK B CAN 1 
HETATM 838 O O   . HOH C 3 .   ? 5.727   -4.799  2.763   1.00 27.04 ? 201 HOH A O   1 
HETATM 839 O O   . HOH C 3 .   ? -8.557  13.904  -8.032  1.00 30.95 ? 202 HOH A O   1 
HETATM 840 O O   . HOH C 3 .   ? 4.483   7.269   -0.316  1.00 36.00 ? 203 HOH A O   1 
HETATM 841 O O   . HOH C 3 .   ? -8.193  9.498   7.833   1.00 40.87 ? 204 HOH A O   1 
HETATM 842 O O   . HOH C 3 .   ? 3.741   -3.235  1.593   1.00 22.52 ? 205 HOH A O   1 
HETATM 843 O O   . HOH C 3 .   ? 7.177   -0.313  -0.804  1.00 25.02 ? 206 HOH A O   1 
HETATM 844 O O   . HOH C 3 .   ? 4.638   -1.551  -0.567  1.00 38.34 ? 207 HOH A O   1 
HETATM 845 O O   . HOH C 3 .   ? -18.161 10.535  -10.682 1.00 33.54 ? 208 HOH A O   1 
HETATM 846 O O   . HOH C 3 .   ? 3.874   -5.371  -0.712  1.00 27.03 ? 209 HOH A O   1 
HETATM 847 O O   . HOH C 3 .   ? 16.806  -3.128  -4.765  1.00 36.43 ? 210 HOH A O   1 
HETATM 848 O O   . HOH C 3 .   ? -17.285 -0.524  -5.120  1.00 41.68 ? 211 HOH A O   1 
HETATM 849 O O   . HOH C 3 .   ? 13.190  -9.402  -5.499  1.00 35.46 ? 212 HOH A O   1 
HETATM 850 O O   . HOH C 3 .   ? 4.767   -4.349  -5.008  1.00 29.88 ? 213 HOH A O   1 
HETATM 851 O O   . HOH C 3 .   ? 12.292  -0.493  12.173  1.00 36.42 ? 214 HOH A O   1 
HETATM 852 O O   . HOH C 3 .   ? -6.239  16.350  4.482   1.00 36.04 ? 215 HOH A O   1 
HETATM 853 O O   . HOH C 3 .   ? -3.530  12.848  4.402   1.00 34.03 ? 216 HOH A O   1 
HETATM 854 O O   . HOH C 3 .   ? 5.855   -4.361  -2.786  1.00 33.19 ? 217 HOH A O   1 
HETATM 855 O O   . HOH C 3 .   ? 11.577  -6.578  10.854  1.00 26.36 ? 218 HOH A O   1 
HETATM 856 O O   . HOH C 3 .   ? 11.482  -16.468 -5.217  1.00 41.50 ? 219 HOH A O   1 
HETATM 857 O O   . HOH C 3 .   ? 12.663  -6.399  12.936  1.00 34.77 ? 220 HOH A O   1 
HETATM 858 O O   . HOH D 3 .   ? 13.416  -2.866  10.036  1.00 44.12 ? 101 HOH B O   1 
# 
loop_
_atom_site_anisotrop.id 
_atom_site_anisotrop.type_symbol 
_atom_site_anisotrop.pdbx_label_atom_id 
_atom_site_anisotrop.pdbx_label_alt_id 
_atom_site_anisotrop.pdbx_label_comp_id 
_atom_site_anisotrop.pdbx_label_asym_id 
_atom_site_anisotrop.pdbx_label_seq_id 
_atom_site_anisotrop.pdbx_PDB_ins_code 
_atom_site_anisotrop.U[1][1] 
_atom_site_anisotrop.U[2][2] 
_atom_site_anisotrop.U[3][3] 
_atom_site_anisotrop.U[1][2] 
_atom_site_anisotrop.U[1][3] 
_atom_site_anisotrop.U[2][3] 
_atom_site_anisotrop.pdbx_auth_seq_id 
_atom_site_anisotrop.pdbx_auth_comp_id 
_atom_site_anisotrop.pdbx_auth_asym_id 
_atom_site_anisotrop.pdbx_auth_atom_id 
1   N N   . THR A 8   ? 0.7268 0.7353 0.6332 0.0576  -0.1441 0.0153  23  THR A N   
2   C CA  . THR A 8   ? 0.8541 0.8575 0.7460 0.0660  -0.1389 0.0261  23  THR A CA  
3   C C   . THR A 8   ? 0.8066 0.8234 0.7313 0.0667  -0.1352 0.0348  23  THR A C   
4   O O   . THR A 8   ? 0.9127 0.9261 0.8345 0.0701  -0.1207 0.0420  23  THR A O   
5   C CB  . THR A 8   ? 0.9114 0.9028 0.7683 0.0748  -0.1542 0.0276  23  THR A CB  
6   O OG1 . THR A 8   ? 1.0007 0.9945 0.8597 0.0726  -0.1764 0.0183  23  THR A OG1 
7   C CG2 . THR A 8   ? 0.8939 0.8662 0.7079 0.0796  -0.1424 0.0276  23  THR A CG2 
8   N N   . PRO A 9   ? 0.7559 0.7873 0.7138 0.0639  -0.1476 0.0340  24  PRO A N   
9   C CA  . PRO A 9   ? 0.6933 0.7371 0.6840 0.0639  -0.1387 0.0412  24  PRO A CA  
10  C C   . PRO A 9   ? 0.5856 0.6328 0.5886 0.0582  -0.1175 0.0394  24  PRO A C   
11  O O   . PRO A 9   ? 0.5809 0.6331 0.6002 0.0596  -0.1059 0.0445  24  PRO A O   
12  C CB  . PRO A 9   ? 0.6616 0.7202 0.6869 0.0612  -0.1547 0.0399  24  PRO A CB  
13  C CG  . PRO A 9   ? 0.6815 0.7372 0.6989 0.0562  -0.1663 0.0296  24  PRO A CG  
14  C CD  . PRO A 9   ? 0.7290 0.7665 0.6992 0.0613  -0.1690 0.0276  24  PRO A CD  
15  N N   . ILE A 10  ? 0.5482 0.5919 0.5419 0.0525  -0.1130 0.0318  25  ILE A N   
16  C CA  . ILE A 10  ? 0.4938 0.5408 0.4964 0.0475  -0.0952 0.0297  25  ILE A CA  
17  C C   . ILE A 10  ? 0.4696 0.5046 0.4482 0.0489  -0.0806 0.0301  25  ILE A C   
18  O O   . ILE A 10  ? 0.4637 0.5018 0.4517 0.0465  -0.0666 0.0299  25  ILE A O   
19  C CB  . ILE A 10  ? 0.4715 0.5237 0.4852 0.0399  -0.0963 0.0227  25  ILE A CB  
20  C CG1 . ILE A 10  ? 0.4314 0.4715 0.4183 0.0389  -0.1018 0.0164  25  ILE A CG1 
21  C CG2 . ILE A 10  ? 0.4643 0.5306 0.5111 0.0370  -0.1066 0.0229  25  ILE A CG2 
22  C CD1 . ILE A 10  ? 0.4117 0.4573 0.4145 0.0324  -0.1081 0.0102  25  ILE A CD1 
23  N N   . GLN A 11  ? 0.5161 0.5373 0.4644 0.0533  -0.0837 0.0308  26  GLN A N   
24  C CA  . GLN A 11  ? 0.4730 0.4824 0.4003 0.0550  -0.0693 0.0318  26  GLN A CA  
25  C C   . GLN A 11  ? 0.4327 0.4441 0.3730 0.0558  -0.0547 0.0365  26  GLN A C   
26  O O   . GLN A 11  ? 0.4229 0.4337 0.3662 0.0521  -0.0422 0.0335  26  GLN A O   
27  C CB  . GLN A 11  ? 0.5406 0.5349 0.4346 0.0624  -0.0736 0.0353  26  GLN A CB  
28  C CG  . GLN A 11  ? 0.6779 0.6611 0.5463 0.0612  -0.0732 0.0288  26  GLN A CG  
29  C CD  . GLN A 11  ? 0.7897 0.7559 0.6244 0.0690  -0.0663 0.0341  26  GLN A CD  
30  O OE1 . GLN A 11  ? 0.8499 0.8125 0.6778 0.0758  -0.0660 0.0431  26  GLN A OE1 
31  N NE2 . GLN A 11  ? 0.8359 0.7913 0.6500 0.0684  -0.0595 0.0293  26  GLN A NE2 
32  N N   . GLN A 12  ? 0.4268 0.4404 0.3764 0.0609  -0.0565 0.0435  27  GLN A N   
33  C CA  . GLN A 12  ? 0.4064 0.4210 0.3706 0.0619  -0.0426 0.0471  27  GLN A CA  
34  C C   . GLN A 12  ? 0.3936 0.4197 0.3818 0.0557  -0.0357 0.0412  27  GLN A C   
35  O O   . GLN A 12  ? 0.3761 0.4004 0.3681 0.0540  -0.0233 0.0391  27  GLN A O   
36  C CB  . GLN A 12  ? 0.4355 0.4504 0.4077 0.0687  -0.0459 0.0559  27  GLN A CB  
37  C CG  . GLN A 12  ? 0.4823 0.4823 0.4271 0.0762  -0.0461 0.0638  27  GLN A CG  
38  C CD  . GLN A 12  ? 0.5738 0.5728 0.5293 0.0831  -0.0444 0.0740  27  GLN A CD  
39  O OE1 . GLN A 12  ? 0.5368 0.5377 0.5126 0.0823  -0.0323 0.0748  27  GLN A OE1 
40  N NE2 . GLN A 12  ? 0.5823 0.5779 0.5246 0.0903  -0.0574 0.0816  27  GLN A NE2 
41  N N   . LEU A 13  ? 0.3884 0.4259 0.3912 0.0524  -0.0442 0.0382  28  LEU A N   
42  C CA  . LEU A 13  ? 0.3929 0.4414 0.4154 0.0472  -0.0379 0.0336  28  LEU A CA  
43  C C   . LEU A 13  ? 0.3910 0.4373 0.4036 0.0420  -0.0321 0.0275  28  LEU A C   
44  O O   . LEU A 13  ? 0.4006 0.4499 0.4199 0.0397  -0.0218 0.0245  28  LEU A O   
45  C CB  . LEU A 13  ? 0.3503 0.4110 0.3931 0.0458  -0.0478 0.0340  28  LEU A CB  
46  C CG  . LEU A 13  ? 0.3087 0.3801 0.3684 0.0408  -0.0403 0.0301  28  LEU A CG  
47  C CD1 . LEU A 13  ? 0.3043 0.3783 0.3745 0.0427  -0.0272 0.0300  28  LEU A CD1 
48  C CD2 . LEU A 13  ? 0.2692 0.3517 0.3496 0.0384  -0.0494 0.0307  28  LEU A CD2 
49  N N   . LEU A 14  ? 0.3559 0.3961 0.3518 0.0405  -0.0386 0.0255  29  LEU A N   
50  C CA  . LEU A 14  ? 0.3217 0.3590 0.3090 0.0360  -0.0327 0.0204  29  LEU A CA  
51  C C   . LEU A 14  ? 0.3284 0.3571 0.3059 0.0373  -0.0211 0.0206  29  LEU A C   
52  O O   . LEU A 14  ? 0.3104 0.3408 0.2909 0.0337  -0.0137 0.0168  29  LEU A O   
53  C CB  . LEU A 14  ? 0.3346 0.3657 0.3066 0.0347  -0.0415 0.0175  29  LEU A CB  
54  C CG  . LEU A 14  ? 0.3356 0.3740 0.3195 0.0325  -0.0544 0.0157  29  LEU A CG  
55  C CD1 . LEU A 14  ? 0.3416 0.3731 0.3123 0.0297  -0.0594 0.0104  29  LEU A CD1 
56  C CD2 . LEU A 14  ? 0.2983 0.3510 0.3088 0.0283  -0.0513 0.0158  29  LEU A CD2 
57  N N   . GLU A 15  ? 0.3359 0.3559 0.3044 0.0425  -0.0192 0.0255  30  GLU A N   
58  C CA  . GLU A 15  ? 0.3719 0.3830 0.3351 0.0439  -0.0070 0.0267  30  GLU A CA  
59  C C   . GLU A 15  ? 0.3532 0.3713 0.3369 0.0421  0.0009  0.0244  30  GLU A C   
60  O O   . GLU A 15  ? 0.2994 0.3152 0.2859 0.0399  0.0091  0.0211  30  GLU A O   
61  C CB  . GLU A 15  ? 0.4599 0.4595 0.4094 0.0508  -0.0058 0.0344  30  GLU A CB  
62  C CG  . GLU A 15  ? 0.5256 0.5152 0.4484 0.0539  -0.0122 0.0361  30  GLU A CG  
63  C CD  . GLU A 15  ? 0.6887 0.6668 0.5938 0.0622  -0.0121 0.0451  30  GLU A CD  
64  O OE1 . GLU A 15  ? 0.6426 0.6224 0.5591 0.0658  -0.0109 0.0511  30  GLU A OE1 
65  O OE2 . GLU A 15  ? 0.7317 0.6985 0.6100 0.0655  -0.0130 0.0461  30  GLU A OE2 
66  N N   . HIS A 16  ? 0.3361 0.3624 0.3345 0.0434  -0.0023 0.0255  31  HIS A N   
67  C CA  . HIS A 16  ? 0.3286 0.3609 0.3440 0.0425  0.0043  0.0221  31  HIS A CA  
68  C C   . HIS A 16  ? 0.3235 0.3643 0.3422 0.0372  0.0054  0.0153  31  HIS A C   
69  O O   . HIS A 16  ? 0.3472 0.3883 0.3696 0.0353  0.0119  0.0103  31  HIS A O   
70  C CB  . HIS A 16  ? 0.3761 0.4154 0.4065 0.0457  0.0013  0.0251  31  HIS A CB  
71  C CG  . HIS A 16  ? 0.3712 0.4172 0.4175 0.0447  0.0085  0.0198  31  HIS A CG  
72  N ND1 . HIS A 16  ? 0.4047 0.4452 0.4569 0.0460  0.0171  0.0172  31  HIS A ND1 
73  C CD2 . HIS A 16  ? 0.2920 0.3487 0.3474 0.0426  0.0092  0.0159  31  HIS A CD2 
74  C CE1 . HIS A 16  ? 0.2954 0.3429 0.3590 0.0453  0.0217  0.0111  31  HIS A CE1 
75  N NE2 . HIS A 16  ? 0.3129 0.3701 0.3767 0.0434  0.0177  0.0105  31  HIS A NE2 
76  N N   . PHE A 17  ? 0.3077 0.3544 0.3250 0.0350  -0.0016 0.0153  32  PHE A N   
77  C CA  . PHE A 17  ? 0.3518 0.4058 0.3711 0.0305  -0.0005 0.0110  32  PHE A CA  
78  C C   . PHE A 17  ? 0.3697 0.4172 0.3789 0.0282  0.0036  0.0079  32  PHE A C   
79  O O   . PHE A 17  ? 0.3516 0.4019 0.3646 0.0266  0.0087  0.0036  32  PHE A O   
80  C CB  . PHE A 17  ? 0.3223 0.3812 0.3427 0.0284  -0.0085 0.0126  32  PHE A CB  
81  C CG  . PHE A 17  ? 0.3687 0.4376 0.4056 0.0294  -0.0113 0.0150  32  PHE A CG  
82  C CD1 . PHE A 17  ? 0.4029 0.4760 0.4511 0.0324  -0.0055 0.0154  32  PHE A CD1 
83  C CD2 . PHE A 17  ? 0.3899 0.4641 0.4339 0.0274  -0.0190 0.0167  32  PHE A CD2 
84  C CE1 . PHE A 17  ? 0.4204 0.5029 0.4864 0.0337  -0.0065 0.0181  32  PHE A CE1 
85  C CE2 . PHE A 17  ? 0.4370 0.5211 0.5008 0.0282  -0.0206 0.0197  32  PHE A CE2 
86  C CZ  . PHE A 17  ? 0.3993 0.4879 0.4740 0.0316  -0.0137 0.0208  32  PHE A CZ  
87  N N   . LEU A 18  ? 0.3638 0.4025 0.3603 0.0286  0.0013  0.0099  33  LEU A N   
88  C CA  . LEU A 18  ? 0.4094 0.4415 0.3993 0.0270  0.0067  0.0078  33  LEU A CA  
89  C C   . LEU A 18  ? 0.4288 0.4593 0.4271 0.0274  0.0146  0.0054  33  LEU A C   
90  O O   . LEU A 18  ? 0.3997 0.4341 0.4029 0.0245  0.0167  0.0010  33  LEU A O   
91  C CB  . LEU A 18  ? 0.3840 0.4043 0.3578 0.0291  0.0061  0.0107  33  LEU A CB  
92  C CG  . LEU A 18  ? 0.4069 0.4217 0.3766 0.0271  0.0121  0.0087  33  LEU A CG  
93  C CD1 . LEU A 18  ? 0.3824 0.4047 0.3570 0.0227  0.0095  0.0049  33  LEU A CD1 
94  C CD2 . LEU A 18  ? 0.3956 0.3976 0.3467 0.0306  0.0127  0.0117  33  LEU A CD2 
95  N N   . ARG A 19  ? 0.4192 0.4446 0.4208 0.0309  0.0178  0.0082  34  ARG A N   
96  C CA  . ARG A 19  ? 0.4251 0.4478 0.4378 0.0310  0.0251  0.0054  34  ARG A CA  
97  C C   . ARG A 19  ? 0.3566 0.3885 0.3800 0.0287  0.0250  -0.0020 34  ARG A C   
98  O O   . ARG A 19  ? 0.3160 0.3474 0.3464 0.0268  0.0282  -0.0073 34  ARG A O   
99  C CB  . ARG A 19  ? 0.4853 0.5022 0.5032 0.0356  0.0282  0.0100  34  ARG A CB  
100 C CG  . ARG A 19  ? 0.6283 0.6322 0.6404 0.0385  0.0344  0.0163  34  ARG A CG  
101 C CD  . ARG A 19  ? 0.6642 0.6627 0.6844 0.0434  0.0383  0.0219  34  ARG A CD  
102 N NE  . ARG A 19  ? 0.6959 0.6989 0.7136 0.0466  0.0311  0.0258  34  ARG A NE  
103 C CZ  . ARG A 19  ? 0.6617 0.6603 0.6645 0.0509  0.0259  0.0337  34  ARG A CZ  
104 N NH1 . ARG A 19  ? 0.6181 0.6063 0.6032 0.0530  0.0283  0.0386  34  ARG A NH1 
105 N NH2 . ARG A 19  ? 0.5730 0.5775 0.5789 0.0534  0.0180  0.0364  34  ARG A NH2 
106 N N   . GLN A 20  ? 0.3592 0.3991 0.3843 0.0294  0.0216  -0.0023 35  GLN A N   
107 C CA  . GLN A 20  ? 0.3399 0.3886 0.3713 0.0285  0.0224  -0.0087 35  GLN A CA  
108 C C   . GLN A 20  ? 0.3667 0.4205 0.3929 0.0250  0.0204  -0.0125 35  GLN A C   
109 O O   . GLN A 20  ? 0.3436 0.3997 0.3724 0.0240  0.0216  -0.0194 35  GLN A O   
110 C CB  . GLN A 20  ? 0.3020 0.3580 0.3367 0.0304  0.0204  -0.0060 35  GLN A CB  
111 C CG  . GLN A 20  ? 0.3453 0.3985 0.3898 0.0346  0.0233  -0.0042 35  GLN A CG  
112 C CD  . GLN A 20  ? 0.3091 0.3587 0.3618 0.0355  0.0295  -0.0116 35  GLN A CD  
113 O OE1 . GLN A 20  ? 0.3642 0.4063 0.4182 0.0346  0.0317  -0.0131 35  GLN A OE1 
114 N NE2 . GLN A 20  ? 0.3310 0.3854 0.3907 0.0376  0.0327  -0.0160 35  GLN A NE2 
115 N N   . LEU A 21  ? 0.3581 0.4133 0.3773 0.0234  0.0166  -0.0081 36  LEU A N   
116 C CA  . LEU A 21  ? 0.3629 0.4219 0.3780 0.0204  0.0148  -0.0099 36  LEU A CA  
117 C C   . LEU A 21  ? 0.3777 0.4316 0.3947 0.0188  0.0166  -0.0131 36  LEU A C   
118 O O   . LEU A 21  ? 0.3777 0.4364 0.3962 0.0173  0.0154  -0.0175 36  LEU A O   
119 C CB  . LEU A 21  ? 0.3246 0.3848 0.3347 0.0191  0.0109  -0.0049 36  LEU A CB  
120 C CG  . LEU A 21  ? 0.3892 0.4559 0.4030 0.0202  0.0084  -0.0015 36  LEU A CG  
121 C CD1 . LEU A 21  ? 0.3173 0.3827 0.3289 0.0188  0.0031  0.0026  36  LEU A CD1 
122 C CD2 . LEU A 21  ? 0.2841 0.3610 0.3013 0.0203  0.0105  -0.0028 36  LEU A CD2 
123 N N   . GLN A 22  ? 0.3851 0.4294 0.4022 0.0193  0.0195  -0.0106 37  GLN A N   
124 C CA  . GLN A 22  ? 0.4658 0.5059 0.4893 0.0177  0.0227  -0.0132 37  GLN A CA  
125 C C   . GLN A 22  ? 0.4179 0.4598 0.4531 0.0175  0.0237  -0.0201 37  GLN A C   
126 O O   . GLN A 22  ? 0.4258 0.4693 0.4688 0.0154  0.0227  -0.0247 37  GLN A O   
127 C CB  . GLN A 22  ? 0.4442 0.4727 0.4666 0.0193  0.0283  -0.0084 37  GLN A CB  
128 C CG  . GLN A 22  ? 0.4703 0.4947 0.4780 0.0207  0.0265  -0.0026 37  GLN A CG  
129 C CD  . GLN A 22  ? 0.5330 0.5446 0.5346 0.0234  0.0331  0.0024  37  GLN A CD  
130 O OE1 . GLN A 22  ? 0.5937 0.5995 0.5949 0.0266  0.0363  0.0060  37  GLN A OE1 
131 N NE2 . GLN A 22  ? 0.4773 0.4843 0.4743 0.0227  0.0360  0.0035  37  GLN A NE2 
132 N N   . ARG A 23  ? 0.4348 0.4767 0.4727 0.0197  0.0249  -0.0216 38  ARG A N   
133 C CA  . ARG A 23  ? 0.4392 0.4819 0.4883 0.0196  0.0258  -0.0301 38  ARG A CA  
134 C C   . ARG A 23  ? 0.3728 0.4246 0.4180 0.0182  0.0202  -0.0373 38  ARG A C   
135 O O   . ARG A 23  ? 0.3929 0.4453 0.4465 0.0172  0.0182  -0.0458 38  ARG A O   
136 C CB  . ARG A 23  ? 0.5090 0.5496 0.5616 0.0228  0.0287  -0.0304 38  ARG A CB  
137 C CG  . ARG A 23  ? 0.6094 0.6405 0.6638 0.0251  0.0335  -0.0216 38  ARG A CG  
138 C CD  . ARG A 23  ? 0.6594 0.6830 0.7287 0.0271  0.0392  -0.0230 38  ARG A CD  
139 N NE  . ARG A 23  ? 0.6107 0.6369 0.6830 0.0300  0.0396  -0.0247 38  ARG A NE  
140 C CZ  . ARG A 23  ? 0.7859 0.8078 0.8601 0.0340  0.0423  -0.0171 38  ARG A CZ  
141 N NH1 . ARG A 23  ? 0.6810 0.7061 0.7609 0.0368  0.0430  -0.0191 38  ARG A NH1 
142 N NH2 . ARG A 23  ? 0.6893 0.7035 0.7594 0.0358  0.0444  -0.0073 38  ARG A NH2 
143 N N   . LYS A 24  ? 0.3666 0.4253 0.3999 0.0185  0.0173  -0.0336 39  LYS A N   
144 C CA  . LYS A 24  ? 0.3743 0.4417 0.4008 0.0181  0.0126  -0.0376 39  LYS A CA  
145 C C   . LYS A 24  ? 0.3943 0.4630 0.4232 0.0153  0.0085  -0.0376 39  LYS A C   
146 O O   . LYS A 24  ? 0.4054 0.4806 0.4299 0.0154  0.0036  -0.0413 39  LYS A O   
147 C CB  . LYS A 24  ? 0.4034 0.4776 0.4192 0.0195  0.0126  -0.0321 39  LYS A CB  
148 C CG  . LYS A 24  ? 0.4149 0.4902 0.4306 0.0227  0.0165  -0.0319 39  LYS A CG  
149 C CD  . LYS A 24  ? 0.4877 0.5689 0.4988 0.0230  0.0167  -0.0237 39  LYS A CD  
150 C CE  . LYS A 24  ? 0.4999 0.5852 0.5124 0.0265  0.0211  -0.0228 39  LYS A CE  
151 N NZ  . LYS A 24  ? 0.4548 0.5350 0.4767 0.0278  0.0232  -0.0213 39  LYS A NZ  
152 N N   . ASP A 25  ? 0.4114 0.4738 0.4471 0.0136  0.0110  -0.0332 40  ASP A N   
153 C CA  . ASP A 25  ? 0.3869 0.4502 0.4287 0.0114  0.0082  -0.0329 40  ASP A CA  
154 C C   . ASP A 25  ? 0.3955 0.4522 0.4548 0.0100  0.0112  -0.0359 40  ASP A C   
155 O O   . ASP A 25  ? 0.3806 0.4312 0.4448 0.0093  0.0161  -0.0305 40  ASP A O   
156 C CB  . ASP A 25  ? 0.3919 0.4533 0.4274 0.0109  0.0101  -0.0244 40  ASP A CB  
157 C CG  . ASP A 25  ? 0.3623 0.4213 0.4070 0.0092  0.0107  -0.0228 40  ASP A CG  
158 O OD1 . ASP A 25  ? 0.2980 0.3624 0.3518 0.0081  0.0059  -0.0273 40  ASP A OD1 
159 O OD2 . ASP A 25  ? 0.3386 0.3904 0.3810 0.0092  0.0157  -0.0175 40  ASP A OD2 
160 N N   . PRO A 26  ? 0.4011 0.4583 0.4710 0.0097  0.0090  -0.0446 41  PRO A N   
161 C CA  . PRO A 26  ? 0.3868 0.4368 0.4774 0.0083  0.0134  -0.0470 41  PRO A CA  
162 C C   . PRO A 26  ? 0.4033 0.4538 0.5093 0.0059  0.0127  -0.0456 41  PRO A C   
163 O O   . PRO A 26  ? 0.3641 0.4074 0.4876 0.0050  0.0196  -0.0434 41  PRO A O   
164 C CB  . PRO A 26  ? 0.4489 0.5014 0.5474 0.0082  0.0082  -0.0589 41  PRO A CB  
165 C CG  . PRO A 26  ? 0.4187 0.4809 0.4999 0.0093  -0.0004 -0.0631 41  PRO A CG  
166 C CD  . PRO A 26  ? 0.3952 0.4595 0.4580 0.0108  0.0023  -0.0532 41  PRO A CD  
167 N N   . HIS A 27  ? 0.4056 0.4642 0.5063 0.0052  0.0056  -0.0456 42  HIS A N   
168 C CA  . HIS A 27  ? 0.3446 0.4037 0.4609 0.0034  0.0056  -0.0430 42  HIS A CA  
169 C C   . HIS A 27  ? 0.3508 0.4029 0.4625 0.0042  0.0151  -0.0328 42  HIS A C   
170 O O   . HIS A 27  ? 0.3504 0.4005 0.4776 0.0032  0.0187  -0.0301 42  HIS A O   
171 C CB  . HIS A 27  ? 0.3700 0.4397 0.4834 0.0031  -0.0056 -0.0457 42  HIS A CB  
172 C CG  . HIS A 27  ? 0.4287 0.5044 0.5481 0.0027  -0.0160 -0.0571 42  HIS A CG  
173 N ND1 . HIS A 27  ? 0.4632 0.5386 0.6096 0.0003  -0.0195 -0.0641 42  HIS A ND1 
174 C CD2 . HIS A 27  ? 0.4254 0.5072 0.5271 0.0048  -0.0241 -0.0633 42  HIS A CD2 
175 C CE1 . HIS A 27  ? 0.4770 0.5577 0.6212 0.0007  -0.0306 -0.0754 42  HIS A CE1 
176 N NE2 . HIS A 27  ? 0.4834 0.5679 0.5988 0.0037  -0.0331 -0.0749 42  HIS A NE2 
177 N N   . GLY A 28  ? 0.3454 0.3936 0.4367 0.0061  0.0189  -0.0276 43  GLY A N   
178 C CA  . GLY A 28  ? 0.3073 0.3478 0.3922 0.0071  0.0269  -0.0198 43  GLY A CA  
179 C C   . GLY A 28  ? 0.3978 0.4425 0.4762 0.0067  0.0235  -0.0166 43  GLY A C   
180 O O   . GLY A 28  ? 0.3791 0.4170 0.4563 0.0073  0.0300  -0.0116 43  GLY A O   
181 N N   . PHE A 29  ? 0.3818 0.4367 0.4551 0.0061  0.0143  -0.0190 44  PHE A N   
182 C CA  . PHE A 29  ? 0.3821 0.4420 0.4525 0.0059  0.0108  -0.0153 44  PHE A CA  
183 C C   . PHE A 29  ? 0.3943 0.4484 0.4503 0.0067  0.0149  -0.0099 44  PHE A C   
184 O O   . PHE A 29  ? 0.3417 0.3931 0.3999 0.0066  0.0172  -0.0062 44  PHE A O   
185 C CB  . PHE A 29  ? 0.4511 0.5224 0.5164 0.0061  0.0011  -0.0176 44  PHE A CB  
186 C CG  . PHE A 29  ? 0.4629 0.5404 0.5426 0.0055  -0.0060 -0.0239 44  PHE A CG  
187 C CD1 . PHE A 29  ? 0.4399 0.5147 0.5419 0.0040  -0.0038 -0.0250 44  PHE A CD1 
188 C CD2 . PHE A 29  ? 0.4795 0.5655 0.5508 0.0067  -0.0147 -0.0289 44  PHE A CD2 
189 C CE1 . PHE A 29  ? 0.4806 0.5617 0.5997 0.0030  -0.0122 -0.0315 44  PHE A CE1 
190 C CE2 . PHE A 29  ? 0.4351 0.5265 0.5186 0.0062  -0.0233 -0.0362 44  PHE A CE2 
191 C CZ  . PHE A 29  ? 0.4472 0.5365 0.5562 0.0040  -0.0230 -0.0379 44  PHE A CZ  
192 N N   . PHE A 30  ? 0.3288 0.3803 0.3723 0.0077  0.0157  -0.0100 45  PHE A N   
193 C CA  . PHE A 30  ? 0.3531 0.4003 0.3832 0.0083  0.0169  -0.0063 45  PHE A CA  
194 C C   . PHE A 30  ? 0.3216 0.3562 0.3456 0.0099  0.0239  -0.0048 45  PHE A C   
195 O O   . PHE A 30  ? 0.3094 0.3396 0.3210 0.0109  0.0234  -0.0031 45  PHE A O   
196 C CB  . PHE A 30  ? 0.3536 0.4067 0.3752 0.0088  0.0127  -0.0069 45  PHE A CB  
197 C CG  . PHE A 30  ? 0.3516 0.4154 0.3733 0.0084  0.0073  -0.0060 45  PHE A CG  
198 C CD1 . PHE A 30  ? 0.3657 0.4310 0.3863 0.0077  0.0060  -0.0015 45  PHE A CD1 
199 C CD2 . PHE A 30  ? 0.3627 0.4342 0.3846 0.0091  0.0041  -0.0095 45  PHE A CD2 
200 C CE1 . PHE A 30  ? 0.3521 0.4268 0.3725 0.0079  0.0024  0.0012  45  PHE A CE1 
201 C CE2 . PHE A 30  ? 0.3785 0.4593 0.3968 0.0099  0.0000  -0.0078 45  PHE A CE2 
202 C CZ  . PHE A 30  ? 0.3516 0.4343 0.3694 0.0095  -0.0005 -0.0014 45  PHE A CZ  
203 N N   . ALA A 31  ? 0.2722 0.3010 0.3054 0.0105  0.0303  -0.0052 46  ALA A N   
204 C CA  . ALA A 31  ? 0.3739 0.3903 0.3996 0.0133  0.0387  -0.0024 46  ALA A CA  
205 C C   . ALA A 31  ? 0.3599 0.3660 0.3733 0.0151  0.0438  0.0004  46  ALA A C   
206 O O   . ALA A 31  ? 0.4126 0.4097 0.4093 0.0179  0.0461  0.0023  46  ALA A O   
207 C CB  . ALA A 31  ? 0.3047 0.3173 0.3465 0.0136  0.0461  -0.0025 46  ALA A CB  
208 N N   . PHE A 32  ? 0.3213 0.3282 0.3431 0.0140  0.0455  0.0005  47  PHE A N   
209 C CA  . PHE A 32  ? 0.3520 0.3474 0.3654 0.0163  0.0530  0.0021  47  PHE A CA  
210 C C   . PHE A 32  ? 0.3610 0.3610 0.3766 0.0142  0.0476  0.0010  47  PHE A C   
211 O O   . PHE A 32  ? 0.3124 0.3244 0.3396 0.0116  0.0404  0.0005  47  PHE A O   
212 C CB  . PHE A 32  ? 0.3926 0.3825 0.4216 0.0176  0.0648  0.0043  47  PHE A CB  
213 C CG  . PHE A 32  ? 0.5291 0.5141 0.5593 0.0194  0.0711  0.0064  47  PHE A CG  
214 C CD1 . PHE A 32  ? 0.5512 0.5269 0.5578 0.0232  0.0730  0.0087  47  PHE A CD1 
215 C CD2 . PHE A 32  ? 0.5619 0.5520 0.6182 0.0177  0.0741  0.0063  47  PHE A CD2 
216 C CE1 . PHE A 32  ? 0.5690 0.5398 0.5777 0.0254  0.0794  0.0121  47  PHE A CE1 
217 C CE2 . PHE A 32  ? 0.6428 0.6272 0.7029 0.0195  0.0809  0.0088  47  PHE A CE2 
218 C CZ  . PHE A 32  ? 0.6210 0.5959 0.6573 0.0235  0.0841  0.0123  47  PHE A CZ  
219 N N   . PRO A 33  ? 0.3579 0.3476 0.3617 0.0160  0.0514  0.0006  48  PRO A N   
220 C CA  . PRO A 33  ? 0.4037 0.3979 0.4138 0.0139  0.0465  -0.0001 48  PRO A CA  
221 C C   . PRO A 33  ? 0.3757 0.3777 0.4099 0.0125  0.0482  0.0018  48  PRO A C   
222 O O   . PRO A 33  ? 0.3534 0.3525 0.3989 0.0138  0.0562  0.0030  48  PRO A O   
223 C CB  . PRO A 33  ? 0.4495 0.4288 0.4439 0.0166  0.0518  -0.0024 48  PRO A CB  
224 C CG  . PRO A 33  ? 0.4143 0.3832 0.3877 0.0202  0.0556  -0.0026 48  PRO A CG  
225 C CD  . PRO A 33  ? 0.4295 0.4031 0.4158 0.0203  0.0608  0.0007  48  PRO A CD  
226 N N   . VAL A 34  ? 0.3644 0.3764 0.4075 0.0103  0.0404  0.0030  49  VAL A N   
227 C CA  . VAL A 34  ? 0.3556 0.3755 0.4197 0.0095  0.0396  0.0054  49  VAL A CA  
228 C C   . VAL A 34  ? 0.4087 0.4201 0.4795 0.0109  0.0470  0.0063  49  VAL A C   
229 O O   . VAL A 34  ? 0.4728 0.4773 0.5332 0.0112  0.0471  0.0051  49  VAL A O   
230 C CB  . VAL A 34  ? 0.3554 0.3876 0.4226 0.0078  0.0294  0.0078  49  VAL A CB  
231 C CG1 . VAL A 34  ? 0.3356 0.3749 0.4229 0.0078  0.0277  0.0115  49  VAL A CG1 
232 C CG2 . VAL A 34  ? 0.3473 0.3886 0.4084 0.0068  0.0225  0.0066  49  VAL A CG2 
233 N N   . THR A 35  ? 0.3973 0.4096 0.4879 0.0118  0.0524  0.0082  50  THR A N   
234 C CA  . THR A 35  ? 0.4126 0.4160 0.5103 0.0138  0.0611  0.0090  50  THR A CA  
235 C C   . THR A 35  ? 0.3940 0.4078 0.5154 0.0130  0.0560  0.0133  50  THR A C   
236 O O   . THR A 35  ? 0.3905 0.4180 0.5244 0.0117  0.0472  0.0156  50  THR A O   
237 C CB  . THR A 35  ? 0.4284 0.4220 0.5322 0.0166  0.0751  0.0089  50  THR A CB  
238 O OG1 . THR A 35  ? 0.3935 0.3979 0.5229 0.0155  0.0734  0.0115  50  THR A OG1 
239 C CG2 . THR A 35  ? 0.4328 0.4155 0.5116 0.0184  0.0806  0.0064  50  THR A CG2 
240 N N   . ASP A 36  ? 0.4015 0.4086 0.5284 0.0144  0.0608  0.0143  51  ASP A N   
241 C CA  . ASP A 36  ? 0.4311 0.4469 0.5835 0.0146  0.0576  0.0197  51  ASP A CA  
242 C C   . ASP A 36  ? 0.3750 0.4000 0.5544 0.0152  0.0578  0.0229  51  ASP A C   
243 O O   . ASP A 36  ? 0.3526 0.3908 0.5480 0.0147  0.0478  0.0274  51  ASP A O   
244 C CB  . ASP A 36  ? 0.4729 0.4776 0.6291 0.0164  0.0651  0.0197  51  ASP A CB  
245 C CG  . ASP A 36  ? 0.4532 0.4546 0.5938 0.0148  0.0595  0.0183  51  ASP A CG  
246 O OD1 . ASP A 36  ? 0.4199 0.4288 0.5474 0.0126  0.0502  0.0184  51  ASP A OD1 
247 O OD2 . ASP A 36  ? 0.4862 0.4776 0.6300 0.0160  0.0649  0.0168  51  ASP A OD2 
248 N N   . ALA A 37  ? 0.4240 0.4426 0.6086 0.0163  0.0680  0.0208  52  ALA A N   
249 C CA  . ALA A 37  ? 0.3907 0.4182 0.6048 0.0162  0.0678  0.0229  52  ALA A CA  
250 C C   . ALA A 37  ? 0.4002 0.4417 0.6156 0.0135  0.0536  0.0217  52  ALA A C   
251 O O   . ALA A 37  ? 0.4170 0.4706 0.6568 0.0129  0.0454  0.0234  52  ALA A O   
252 C CB  . ALA A 37  ? 0.3678 0.3841 0.5876 0.0182  0.0842  0.0218  52  ALA A CB  
253 N N   . ILE A 38  ? 0.3807 0.4203 0.5702 0.0121  0.0502  0.0180  53  ILE A N   
254 C CA  . ILE A 38  ? 0.3457 0.3976 0.5332 0.0100  0.0369  0.0157  53  ILE A CA  
255 C C   . ILE A 38  ? 0.3170 0.3796 0.4985 0.0098  0.0239  0.0186  53  ILE A C   
256 O O   . ILE A 38  ? 0.3173 0.3926 0.5058 0.0093  0.0118  0.0184  53  ILE A O   
257 C CB  . ILE A 38  ? 0.4046 0.4500 0.5662 0.0092  0.0393  0.0116  53  ILE A CB  
258 C CG1 . ILE A 38  ? 0.4175 0.4534 0.5855 0.0100  0.0515  0.0102  53  ILE A CG1 
259 C CG2 . ILE A 38  ? 0.3179 0.3734 0.4675 0.0076  0.0263  0.0089  53  ILE A CG2 
260 C CD1 . ILE A 38  ? 0.4814 0.5065 0.6210 0.0108  0.0570  0.0082  53  ILE A CD1 
261 N N   . ALA A 39  ? 0.2968 0.3541 0.4641 0.0104  0.0262  0.0211  54  ALA A N   
262 C CA  . ALA A 39  ? 0.2878 0.3537 0.4474 0.0106  0.0163  0.0252  54  ALA A CA  
263 C C   . ALA A 39  ? 0.3242 0.3871 0.4929 0.0120  0.0194  0.0311  54  ALA A C   
264 O O   . ALA A 39  ? 0.3202 0.3735 0.4769 0.0116  0.0248  0.0305  54  ALA A O   
265 C CB  . ALA A 39  ? 0.2668 0.3312 0.4008 0.0093  0.0143  0.0226  54  ALA A CB  
266 N N   . PRO A 40  ? 0.2917 0.3624 0.4832 0.0137  0.0152  0.0364  55  PRO A N   
267 C CA  . PRO A 40  ? 0.3045 0.3709 0.5097 0.0154  0.0200  0.0422  55  PRO A CA  
268 C C   . PRO A 40  ? 0.3054 0.3685 0.4951 0.0150  0.0194  0.0451  55  PRO A C   
269 O O   . PRO A 40  ? 0.3377 0.4091 0.5139 0.0146  0.0111  0.0476  55  PRO A O   
270 C CB  . PRO A 40  ? 0.2895 0.3694 0.5186 0.0175  0.0106  0.0488  55  PRO A CB  
271 C CG  . PRO A 40  ? 0.3010 0.3863 0.5381 0.0164  0.0071  0.0432  55  PRO A CG  
272 C CD  . PRO A 40  ? 0.3203 0.4037 0.5288 0.0142  0.0056  0.0370  55  PRO A CD  
273 N N   . GLY A 41  ? 0.3149 0.3651 0.5057 0.0151  0.0289  0.0439  56  GLY A N   
274 C CA  . GLY A 41  ? 0.2727 0.3189 0.4558 0.0145  0.0285  0.0466  56  GLY A CA  
275 C C   . GLY A 41  ? 0.3124 0.3552 0.4708 0.0118  0.0270  0.0412  56  GLY A C   
276 O O   . GLY A 41  ? 0.3207 0.3616 0.4748 0.0107  0.0258  0.0432  56  GLY A O   
277 N N   . TYR A 42  ? 0.2821 0.3241 0.4269 0.0110  0.0272  0.0348  57  TYR A N   
278 C CA  . TYR A 42  ? 0.2962 0.3366 0.4195 0.0089  0.0248  0.0305  57  TYR A CA  
279 C C   . TYR A 42  ? 0.3583 0.3858 0.4736 0.0077  0.0287  0.0265  57  TYR A C   
280 O O   . TYR A 42  ? 0.3574 0.3871 0.4678 0.0061  0.0246  0.0279  57  TYR A O   
281 C CB  . TYR A 42  ? 0.2558 0.2952 0.3689 0.0087  0.0262  0.0245  57  TYR A CB  
282 C CG  . TYR A 42  ? 0.3346 0.3759 0.4287 0.0072  0.0221  0.0215  57  TYR A CG  
283 C CD1 . TYR A 42  ? 0.2945 0.3485 0.3857 0.0070  0.0146  0.0241  57  TYR A CD1 
284 C CD2 . TYR A 42  ? 0.2866 0.3168 0.3652 0.0065  0.0253  0.0159  57  TYR A CD2 
285 C CE1 . TYR A 42  ? 0.3132 0.3692 0.3893 0.0061  0.0118  0.0217  57  TYR A CE1 
286 C CE2 . TYR A 42  ? 0.3256 0.3587 0.3899 0.0054  0.0208  0.0141  57  TYR A CE2 
287 C CZ  . TYR A 42  ? 0.2948 0.3409 0.3592 0.0052  0.0149  0.0171  57  TYR A CZ  
288 O OH  . TYR A 42  ? 0.2511 0.3006 0.3038 0.0046  0.0116  0.0155  57  TYR A OH  
289 N N   . SER A 43  ? 0.3905 0.4041 0.5044 0.0087  0.0368  0.0206  58  SER A N   
290 C CA  . SER A 43  ? 0.4522 0.4528 0.5571 0.0079  0.0388  0.0148  58  SER A CA  
291 C C   . SER A 43  ? 0.4425 0.4438 0.5641 0.0070  0.0370  0.0197  58  SER A C   
292 O O   . SER A 43  ? 0.4613 0.4550 0.5799 0.0052  0.0355  0.0158  58  SER A O   
293 C CB  . SER A 43  ? 0.4369 0.4213 0.5346 0.0102  0.0488  0.0074  58  SER A CB  
294 O OG  . SER A 43  ? 0.4877 0.4700 0.6057 0.0124  0.0560  0.0105  58  SER A OG  
295 N N   . MET A 44  ? 0.4077 0.4184 0.5483 0.0081  0.0364  0.0286  59  MET A N   
296 C CA  . MET A 44  ? 0.4187 0.4305 0.5756 0.0077  0.0351  0.0352  59  MET A CA  
297 C C   . MET A 44  ? 0.4082 0.4306 0.5609 0.0058  0.0278  0.0411  59  MET A C   
298 O O   . MET A 44  ? 0.4417 0.4610 0.6018 0.0041  0.0273  0.0430  59  MET A O   
299 C CB  . MET A 44  ? 0.3650 0.3826 0.5440 0.0106  0.0370  0.0441  59  MET A CB  
300 C CG  . MET A 44  ? 0.3717 0.3963 0.5666 0.0111  0.0336  0.0556  59  MET A CG  
301 S SD  . MET A 44  ? 0.3388 0.3694 0.5614 0.0154  0.0350  0.0667  59  MET A SD  
302 C CE  . MET A 44  ? 0.3579 0.4086 0.5723 0.0171  0.0244  0.0748  59  MET A CE  
303 N N   . ILE A 45  ? 0.3727 0.4064 0.5141 0.0061  0.0231  0.0433  60  ILE A N   
304 C CA  . ILE A 45  ? 0.3712 0.4164 0.5077 0.0055  0.0178  0.0498  60  ILE A CA  
305 C C   . ILE A 45  ? 0.3763 0.4189 0.4972 0.0030  0.0159  0.0428  60  ILE A C   
306 O O   . ILE A 45  ? 0.3162 0.3629 0.4383 0.0016  0.0139  0.0467  60  ILE A O   
307 C CB  . ILE A 45  ? 0.3949 0.4536 0.5266 0.0080  0.0133  0.0548  60  ILE A CB  
308 C CG1 . ILE A 45  ? 0.3342 0.3968 0.4833 0.0109  0.0132  0.0625  60  ILE A CG1 
309 C CG2 . ILE A 45  ? 0.3673 0.4368 0.4885 0.0083  0.0092  0.0602  60  ILE A CG2 
310 C CD1 . ILE A 45  ? 0.3801 0.4550 0.5257 0.0135  0.0068  0.0653  60  ILE A CD1 
311 N N   . ILE A 46  ? 0.3466 0.3826 0.4541 0.0026  0.0170  0.0333  61  ILE A N   
312 C CA  . ILE A 46  ? 0.3588 0.3932 0.4512 0.0009  0.0142  0.0274  61  ILE A CA  
313 C C   . ILE A 46  ? 0.3839 0.4031 0.4712 -0.0005 0.0153  0.0181  61  ILE A C   
314 O O   . ILE A 46  ? 0.4005 0.4094 0.4809 0.0009  0.0196  0.0119  61  ILE A O   
315 C CB  . ILE A 46  ? 0.3029 0.3417 0.3818 0.0022  0.0135  0.0242  61  ILE A CB  
316 C CG1 . ILE A 46  ? 0.3070 0.3607 0.3884 0.0036  0.0103  0.0314  61  ILE A CG1 
317 C CG2 . ILE A 46  ? 0.3395 0.3751 0.4042 0.0010  0.0111  0.0185  61  ILE A CG2 
318 C CD1 . ILE A 46  ? 0.3224 0.3856 0.4017 0.0034  0.0071  0.0371  61  ILE A CD1 
319 N N   . LYS A 47  ? 0.3925 0.4106 0.4825 -0.0029 0.0114  0.0170  62  LYS A N   
320 C CA  . LYS A 47  ? 0.4458 0.4497 0.5326 -0.0043 0.0099  0.0075  62  LYS A CA  
321 C C   . LYS A 47  ? 0.4364 0.4334 0.5014 -0.0038 0.0066  -0.0016 62  LYS A C   
322 O O   . LYS A 47  ? 0.5198 0.5027 0.5747 -0.0031 0.0068  -0.0107 62  LYS A O   
323 C CB  . LYS A 47  ? 0.5220 0.5282 0.6255 -0.0075 0.0056  0.0100  62  LYS A CB  
324 C CG  . LYS A 47  ? 0.5674 0.5753 0.6943 -0.0080 0.0092  0.0181  62  LYS A CG  
325 C CD  . LYS A 47  ? 0.6586 0.6675 0.8030 -0.0116 0.0051  0.0196  62  LYS A CD  
326 C CE  . LYS A 47  ? 0.7153 0.7275 0.8859 -0.0120 0.0093  0.0305  62  LYS A CE  
327 N NZ  . LYS A 47  ? 0.6647 0.6928 0.8376 -0.0097 0.0120  0.0452  62  LYS A NZ  
328 N N   . HIS A 48  ? 0.4533 0.4599 0.5105 -0.0037 0.0035  0.0009  63  HIS A N   
329 C CA  . HIS A 48  ? 0.4311 0.4325 0.4689 -0.0028 -0.0002 -0.0059 63  HIS A CA  
330 C C   . HIS A 48  ? 0.4246 0.4333 0.4535 -0.0007 0.0026  -0.0026 63  HIS A C   
331 O O   . HIS A 48  ? 0.3871 0.4076 0.4196 -0.0013 0.0002  0.0022  63  HIS A O   
332 C CB  . HIS A 48  ? 0.4542 0.4593 0.4965 -0.0052 -0.0088 -0.0071 63  HIS A CB  
333 C CG  . HIS A 48  ? 0.4889 0.4876 0.5448 -0.0080 -0.0128 -0.0109 63  HIS A CG  
334 N ND1 . HIS A 48  ? 0.4789 0.4858 0.5591 -0.0109 -0.0128 -0.0038 63  HIS A ND1 
335 C CD2 . HIS A 48  ? 0.4438 0.4282 0.4930 -0.0082 -0.0170 -0.0211 63  HIS A CD2 
336 C CE1 . HIS A 48  ? 0.5091 0.5070 0.6002 -0.0133 -0.0167 -0.0096 63  HIS A CE1 
337 N NE2 . HIS A 48  ? 0.4752 0.4594 0.5472 -0.0118 -0.0199 -0.0210 63  HIS A NE2 
338 N N   . PRO A 49  ? 0.4008 0.4024 0.4201 0.0019  0.0090  -0.0047 64  PRO A N   
339 C CA  . PRO A 49  ? 0.4059 0.4152 0.4222 0.0033  0.0115  -0.0014 64  PRO A CA  
340 C C   . PRO A 49  ? 0.3706 0.3789 0.3721 0.0043  0.0083  -0.0040 64  PRO A C   
341 O O   . PRO A 49  ? 0.3644 0.3639 0.3547 0.0049  0.0049  -0.0086 64  PRO A O   
342 C CB  . PRO A 49  ? 0.4216 0.4234 0.4370 0.0056  0.0199  -0.0025 64  PRO A CB  
343 C CG  . PRO A 49  ? 0.4605 0.4467 0.4669 0.0068  0.0225  -0.0084 64  PRO A CG  
344 C CD  . PRO A 49  ? 0.4210 0.4092 0.4365 0.0038  0.0155  -0.0089 64  PRO A CD  
345 N N   . MET A 50  ? 0.3184 0.3346 0.3198 0.0050  0.0091  -0.0014 65  MET A N   
346 C CA  . MET A 50  ? 0.3443 0.3591 0.3338 0.0066  0.0071  -0.0029 65  MET A CA  
347 C C   . MET A 50  ? 0.3321 0.3522 0.3244 0.0077  0.0113  -0.0011 65  MET A C   
348 O O   . MET A 50  ? 0.3492 0.3778 0.3530 0.0066  0.0121  0.0012  65  MET A O   
349 C CB  . MET A 50  ? 0.3202 0.3442 0.3152 0.0048  -0.0005 -0.0014 65  MET A CB  
350 C CG  . MET A 50  ? 0.3333 0.3568 0.3194 0.0064  -0.0042 -0.0024 65  MET A CG  
351 S SD  . MET A 50  ? 0.4057 0.4125 0.3698 0.0100  -0.0044 -0.0068 65  MET A SD  
352 C CE  . MET A 50  ? 0.3835 0.3825 0.3467 0.0082  -0.0099 -0.0117 65  MET A CE  
353 N N   . ASP A 51  ? 0.3379 0.3533 0.3206 0.0099  0.0131  -0.0020 66  ASP A N   
354 C CA  . ASP A 51  ? 0.3683 0.3861 0.3552 0.0109  0.0177  -0.0012 66  ASP A CA  
355 C C   . ASP A 51  ? 0.3749 0.3891 0.3517 0.0133  0.0171  -0.0010 66  ASP A C   
356 O O   . ASP A 51  ? 0.3306 0.3384 0.2951 0.0147  0.0138  -0.0015 66  ASP A O   
357 C CB  . ASP A 51  ? 0.3384 0.3478 0.3274 0.0122  0.0263  -0.0013 66  ASP A CB  
358 C CG  . ASP A 51  ? 0.4293 0.4239 0.4010 0.0156  0.0313  -0.0019 66  ASP A CG  
359 O OD1 . ASP A 51  ? 0.4633 0.4510 0.4268 0.0159  0.0302  -0.0039 66  ASP A OD1 
360 O OD2 . ASP A 51  ? 0.4259 0.4149 0.3914 0.0183  0.0363  -0.0003 66  ASP A OD2 
361 N N   . PHE A 52  ? 0.3445 0.3628 0.3276 0.0138  0.0194  -0.0007 67  PHE A N   
362 C CA  . PHE A 52  ? 0.3783 0.3928 0.3550 0.0166  0.0202  0.0005  67  PHE A CA  
363 C C   . PHE A 52  ? 0.4121 0.4122 0.3733 0.0204  0.0251  0.0025  67  PHE A C   
364 O O   . PHE A 52  ? 0.3878 0.3839 0.3372 0.0231  0.0217  0.0040  67  PHE A O   
365 C CB  . PHE A 52  ? 0.3394 0.3588 0.3284 0.0163  0.0234  -0.0005 67  PHE A CB  
366 C CG  . PHE A 52  ? 0.3360 0.3678 0.3325 0.0146  0.0180  -0.0026 67  PHE A CG  
367 C CD1 . PHE A 52  ? 0.3017 0.3381 0.2939 0.0147  0.0124  -0.0014 67  PHE A CD1 
368 C CD2 . PHE A 52  ? 0.3367 0.3748 0.3442 0.0135  0.0186  -0.0058 67  PHE A CD2 
369 C CE1 . PHE A 52  ? 0.3434 0.3905 0.3418 0.0140  0.0097  -0.0024 67  PHE A CE1 
370 C CE2 . PHE A 52  ? 0.3662 0.4146 0.3763 0.0129  0.0145  -0.0079 67  PHE A CE2 
371 C CZ  . PHE A 52  ? 0.3685 0.4212 0.3737 0.0135  0.0112  -0.0057 67  PHE A CZ  
372 N N   . GLY A 53  ? 0.4253 0.4177 0.3863 0.0213  0.0334  0.0030  68  GLY A N   
373 C CA  . GLY A 53  ? 0.4231 0.4009 0.3675 0.0259  0.0407  0.0056  68  GLY A CA  
374 C C   . GLY A 53  ? 0.4314 0.4020 0.3552 0.0277  0.0348  0.0037  68  GLY A C   
375 O O   . GLY A 53  ? 0.5435 0.5041 0.4474 0.0324  0.0350  0.0057  68  GLY A O   
376 N N   . THR A 54  ? 0.4451 0.4205 0.3735 0.0243  0.0290  -0.0001 69  THR A N   
377 C CA  . THR A 54  ? 0.4317 0.4013 0.3449 0.0249  0.0213  -0.0036 69  THR A CA  
378 C C   . THR A 54  ? 0.3882 0.3630 0.2979 0.0252  0.0102  -0.0033 69  THR A C   
379 O O   . THR A 54  ? 0.3748 0.3415 0.2662 0.0284  0.0043  -0.0047 69  THR A O   
380 C CB  . THR A 54  ? 0.4234 0.3971 0.3479 0.0208  0.0185  -0.0071 69  THR A CB  
381 O OG1 . THR A 54  ? 0.4886 0.4549 0.4142 0.0217  0.0289  -0.0074 69  THR A OG1 
382 C CG2 . THR A 54  ? 0.4112 0.3797 0.3251 0.0205  0.0090  -0.0122 69  THR A CG2 
383 N N   . MET A 55  ? 0.3466 0.3347 0.2737 0.0223  0.0072  -0.0015 70  MET A N   
384 C CA  . MET A 55  ? 0.4150 0.4095 0.3436 0.0226  -0.0021 -0.0006 70  MET A CA  
385 C C   . MET A 55  ? 0.4049 0.3925 0.3202 0.0279  -0.0014 0.0030  70  MET A C   
386 O O   . MET A 55  ? 0.4099 0.3957 0.3161 0.0301  -0.0107 0.0031  70  MET A O   
387 C CB  . MET A 55  ? 0.4264 0.4360 0.3756 0.0192  -0.0033 0.0006  70  MET A CB  
388 C CG  . MET A 55  ? 0.4413 0.4593 0.4027 0.0150  -0.0080 -0.0010 70  MET A CG  
389 S SD  . MET A 55  ? 0.4188 0.4520 0.3985 0.0125  -0.0044 0.0011  70  MET A SD  
390 C CE  . MET A 55  ? 0.4936 0.5323 0.4768 0.0149  -0.0069 0.0028  70  MET A CE  
391 N N   . LYS A 56  ? 0.3661 0.3499 0.2821 0.0300  0.0091  0.0063  71  LYS A N   
392 C CA  . LYS A 56  ? 0.4179 0.3929 0.3216 0.0355  0.0131  0.0114  71  LYS A CA  
393 C C   . LYS A 56  ? 0.4543 0.4158 0.3305 0.0406  0.0105  0.0116  71  LYS A C   
394 O O   . LYS A 56  ? 0.4851 0.4426 0.3488 0.0451  0.0053  0.0151  71  LYS A O   
395 C CB  . LYS A 56  ? 0.4672 0.4377 0.3778 0.0365  0.0269  0.0144  71  LYS A CB  
396 C CG  . LYS A 56  ? 0.5145 0.4756 0.4158 0.0427  0.0333  0.0216  71  LYS A CG  
397 C CD  . LYS A 56  ? 0.5318 0.4969 0.4556 0.0412  0.0419  0.0236  71  LYS A CD  
398 C CE  . LYS A 56  ? 0.6098 0.5625 0.5293 0.0466  0.0547  0.0312  71  LYS A CE  
399 N NZ  . LYS A 56  ? 0.5926 0.5387 0.4968 0.0531  0.0525  0.0384  71  LYS A NZ  
400 N N   . ASP A 57  ? 0.4511 0.4051 0.3174 0.0401  0.0134  0.0076  72  ASP A N   
401 C CA  . ASP A 57  ? 0.5218 0.4606 0.3580 0.0457  0.0120  0.0064  72  ASP A CA  
402 C C   . ASP A 57  ? 0.5096 0.4498 0.3364 0.0455  -0.0052 0.0014  72  ASP A C   
403 O O   . ASP A 57  ? 0.5399 0.4706 0.3418 0.0515  -0.0109 0.0022  72  ASP A O   
404 C CB  . ASP A 57  ? 0.5958 0.5261 0.4267 0.0452  0.0217  0.0025  72  ASP A CB  
405 C CG  . ASP A 57  ? 0.6238 0.5488 0.4597 0.0474  0.0394  0.0083  72  ASP A CG  
406 O OD1 . ASP A 57  ? 0.6772 0.5963 0.5042 0.0525  0.0455  0.0151  72  ASP A OD1 
407 O OD2 . ASP A 57  ? 0.6275 0.5544 0.4787 0.0442  0.0472  0.0065  72  ASP A OD2 
408 N N   . LYS A 58  ? 0.4555 0.4071 0.3024 0.0390  -0.0130 -0.0034 73  LYS A N   
409 C CA  . LYS A 58  ? 0.4864 0.4428 0.3362 0.0369  -0.0293 -0.0082 73  LYS A CA  
410 C C   . LYS A 58  ? 0.4957 0.4578 0.3467 0.0398  -0.0387 -0.0034 73  LYS A C   
411 O O   . LYS A 58  ? 0.5124 0.4710 0.3509 0.0424  -0.0522 -0.0060 73  LYS A O   
412 C CB  . LYS A 58  ? 0.4677 0.4383 0.3471 0.0294  -0.0311 -0.0103 73  LYS A CB  
413 C CG  . LYS A 58  ? 0.4740 0.4416 0.3577 0.0258  -0.0273 -0.0153 73  LYS A CG  
414 C CD  . LYS A 58  ? 0.4912 0.4603 0.3810 0.0227  -0.0408 -0.0216 73  LYS A CD  
415 C CE  . LYS A 58  ? 0.4870 0.4652 0.4020 0.0165  -0.0395 -0.0224 73  LYS A CE  
416 N NZ  . LYS A 58  ? 0.4395 0.4295 0.3761 0.0126  -0.0508 -0.0224 73  LYS A NZ  
417 N N   . ILE A 59  ? 0.4176 0.3886 0.2851 0.0393  -0.0323 0.0027  74  ILE A N   
418 C CA  . ILE A 59  ? 0.4399 0.4156 0.3109 0.0426  -0.0379 0.0084  74  ILE A CA  
419 C C   . ILE A 59  ? 0.4921 0.4535 0.3328 0.0508  -0.0392 0.0120  74  ILE A C   
420 O O   . ILE A 59  ? 0.5205 0.4813 0.3525 0.0537  -0.0532 0.0117  74  ILE A O   
421 C CB  . ILE A 59  ? 0.4077 0.3907 0.2972 0.0420  -0.0270 0.0138  74  ILE A CB  
422 C CG1 . ILE A 59  ? 0.3470 0.3449 0.2638 0.0354  -0.0267 0.0111  74  ILE A CG1 
423 C CG2 . ILE A 59  ? 0.4330 0.4171 0.3232 0.0470  -0.0303 0.0205  74  ILE A CG2 
424 C CD1 . ILE A 59  ? 0.3203 0.3237 0.2514 0.0354  -0.0172 0.0144  74  ILE A CD1 
425 N N   . VAL A 60  ? 0.5178 0.4675 0.3426 0.0547  -0.0250 0.0156  75  VAL A N   
426 C CA  . VAL A 60  ? 0.5732 0.5078 0.3657 0.0638  -0.0239 0.0209  75  VAL A CA  
427 C C   . VAL A 60  ? 0.6123 0.5364 0.3756 0.0669  -0.0350 0.0141  75  VAL A C   
428 O O   . VAL A 60  ? 0.6842 0.6003 0.4226 0.0742  -0.0429 0.0172  75  VAL A O   
429 C CB  . VAL A 60  ? 0.6076 0.5310 0.3908 0.0676  -0.0038 0.0272  75  VAL A CB  
430 C CG1 . VAL A 60  ? 0.6038 0.5141 0.3586 0.0779  -0.0015 0.0364  75  VAL A CG1 
431 C CG2 . VAL A 60  ? 0.5722 0.5059 0.3876 0.0629  0.0067  0.0305  75  VAL A CG2 
432 N N   . ALA A 61  ? 0.5985 0.5219 0.3643 0.0619  -0.0359 0.0048  76  ALA A N   
433 C CA  . ALA A 61  ? 0.6572 0.5708 0.3988 0.0639  -0.0481 -0.0042 76  ALA A CA  
434 C C   . ALA A 61  ? 0.6574 0.5809 0.4109 0.0611  -0.0699 -0.0090 76  ALA A C   
435 O O   . ALA A 61  ? 0.6787 0.5953 0.4168 0.0616  -0.0825 -0.0182 76  ALA A O   
436 C CB  . ALA A 61  ? 0.6501 0.5587 0.3928 0.0597  -0.0413 -0.0126 76  ALA A CB  
437 N N   . ASN A 62  ? 0.6430 0.5820 0.4248 0.0581  -0.0741 -0.0034 77  ASN A N   
438 C CA  . ASN A 62  ? 0.6557 0.6064 0.4569 0.0549  -0.0933 -0.0068 77  ASN A CA  
439 C C   . ASN A 62  ? 0.6350 0.5902 0.4534 0.0472  -0.1001 -0.0170 77  ASN A C   
440 O O   . ASN A 62  ? 0.6783 0.6332 0.4965 0.0464  -0.1177 -0.0241 77  ASN A O   
441 C CB  . ASN A 62  ? 0.8038 0.7467 0.5787 0.0625  -0.1105 -0.0070 77  ASN A CB  
442 C CG  . ASN A 62  ? 0.8794 0.8291 0.6610 0.0672  -0.1131 0.0041  77  ASN A CG  
443 O OD1 . ASN A 62  ? 0.9622 0.9223 0.7697 0.0645  -0.1024 0.0108  77  ASN A OD1 
444 N ND2 . ASN A 62  ? 0.9201 0.8637 0.6789 0.0747  -0.1281 0.0057  77  ASN A ND2 
445 N N   . GLU A 63  ? 0.5911 0.5497 0.4249 0.0417  -0.0867 -0.0178 78  GLU A N   
446 C CA  . GLU A 63  ? 0.6135 0.5758 0.4651 0.0349  -0.0917 -0.0260 78  GLU A CA  
447 C C   . GLU A 63  ? 0.5770 0.5578 0.4678 0.0284  -0.0955 -0.0233 78  GLU A C   
448 O O   . GLU A 63  ? 0.5531 0.5387 0.4634 0.0231  -0.1028 -0.0286 78  GLU A O   
449 C CB  . GLU A 63  ? 0.6915 0.6468 0.5387 0.0328  -0.0765 -0.0285 78  GLU A CB  
450 C CG  . GLU A 63  ? 0.7830 0.7201 0.5934 0.0398  -0.0684 -0.0295 78  GLU A CG  
451 C CD  . GLU A 63  ? 0.8877 0.8150 0.6925 0.0380  -0.0599 -0.0364 78  GLU A CD  
452 O OE1 . GLU A 63  ? 0.9153 0.8434 0.7322 0.0333  -0.0682 -0.0446 78  GLU A OE1 
453 O OE2 . GLU A 63  ? 0.8332 0.7518 0.6239 0.0415  -0.0444 -0.0332 78  GLU A OE2 
454 N N   . TYR A 64  ? 0.5327 0.5236 0.4366 0.0292  -0.0894 -0.0148 79  TYR A N   
455 C CA  . TYR A 64  ? 0.4767 0.4846 0.4158 0.0243  -0.0919 -0.0120 79  TYR A CA  
456 C C   . TYR A 64  ? 0.5321 0.5447 0.4797 0.0259  -0.1093 -0.0123 79  TYR A C   
457 O O   . TYR A 64  ? 0.4962 0.5062 0.4307 0.0316  -0.1135 -0.0084 79  TYR A O   
458 C CB  . TYR A 64  ? 0.4639 0.4799 0.4137 0.0246  -0.0780 -0.0045 79  TYR A CB  
459 C CG  . TYR A 64  ? 0.4212 0.4348 0.3686 0.0220  -0.0638 -0.0052 79  TYR A CG  
460 C CD1 . TYR A 64  ? 0.4111 0.4283 0.3723 0.0166  -0.0630 -0.0085 79  TYR A CD1 
461 C CD2 . TYR A 64  ? 0.4635 0.4714 0.3975 0.0249  -0.0516 -0.0020 79  TYR A CD2 
462 C CE1 . TYR A 64  ? 0.4211 0.4367 0.3814 0.0147  -0.0513 -0.0084 79  TYR A CE1 
463 C CE2 . TYR A 64  ? 0.4289 0.4360 0.3646 0.0225  -0.0401 -0.0026 79  TYR A CE2 
464 C CZ  . TYR A 64  ? 0.4154 0.4266 0.3633 0.0176  -0.0404 -0.0057 79  TYR A CZ  
465 O OH  . TYR A 64  ? 0.4208 0.4310 0.3702 0.0159  -0.0304 -0.0057 79  TYR A OH  
466 N N   . LYS A 65  ? 0.5205 0.5393 0.4902 0.0210  -0.1201 -0.0171 80  LYS A N   
467 C CA  . LYS A 65  ? 0.5202 0.5459 0.5054 0.0216  -0.1370 -0.0173 80  LYS A CA  
468 C C   . LYS A 65  ? 0.4940 0.5371 0.5154 0.0194  -0.1329 -0.0094 80  LYS A C   
469 O O   . LYS A 65  ? 0.5753 0.6256 0.6113 0.0213  -0.1440 -0.0068 80  LYS A O   
470 C CB  . LYS A 65  ? 0.5600 0.5812 0.5495 0.0183  -0.1536 -0.0276 80  LYS A CB  
471 C CG  . LYS A 65  ? 0.6442 0.6461 0.5915 0.0227  -0.1586 -0.0359 80  LYS A CG  
472 C CD  . LYS A 65  ? 0.7154 0.7099 0.6305 0.0316  -0.1611 -0.0312 80  LYS A CD  
473 C CE  . LYS A 65  ? 0.7984 0.7729 0.6675 0.0372  -0.1568 -0.0359 80  LYS A CE  
474 N NZ  . LYS A 65  ? 0.7860 0.7520 0.6222 0.0468  -0.1629 -0.0315 80  LYS A NZ  
475 N N   . SER A 66  ? 0.4591 0.5090 0.4935 0.0164  -0.1164 -0.0052 81  SER A N   
476 C CA  . SER A 66  ? 0.4164 0.4819 0.4823 0.0155  -0.1112 0.0019  81  SER A CA  
477 C C   . SER A 66  ? 0.3715 0.4399 0.4351 0.0152  -0.0920 0.0062  81  SER A C   
478 O O   . SER A 66  ? 0.3322 0.3931 0.3792 0.0139  -0.0844 0.0035  81  SER A O   
479 C CB  . SER A 66  ? 0.3688 0.4442 0.4693 0.0097  -0.1168 0.0009  81  SER A CB  
480 O OG  . SER A 66  ? 0.4144 0.4857 0.5121 0.0054  -0.1091 -0.0022 81  SER A OG  
481 N N   . VAL A 67  ? 0.3344 0.4131 0.4152 0.0167  -0.0846 0.0122  82  VAL A N   
482 C CA  . VAL A 67  ? 0.3847 0.4661 0.4630 0.0166  -0.0680 0.0149  82  VAL A CA  
483 C C   . VAL A 67  ? 0.3579 0.4423 0.4436 0.0118  -0.0608 0.0141  82  VAL A C   
484 O O   . VAL A 67  ? 0.4096 0.4913 0.4824 0.0115  -0.0502 0.0137  82  VAL A O   
485 C CB  . VAL A 67  ? 0.4057 0.4978 0.5033 0.0191  -0.0616 0.0203  82  VAL A CB  
486 C CG1 . VAL A 67  ? 0.3667 0.4603 0.4581 0.0195  -0.0456 0.0211  82  VAL A CG1 
487 C CG2 . VAL A 67  ? 0.3989 0.4878 0.4911 0.0244  -0.0686 0.0222  82  VAL A CG2 
488 N N   . THR A 68  ? 0.3385 0.4287 0.4466 0.0081  -0.0672 0.0142  83  THR A N   
489 C CA  . THR A 68  ? 0.3069 0.3992 0.4251 0.0037  -0.0618 0.0146  83  THR A CA  
490 C C   . THR A 68  ? 0.3362 0.4164 0.4314 0.0022  -0.0616 0.0092  83  THR A C   
491 O O   . THR A 68  ? 0.3179 0.3986 0.4107 0.0008  -0.0517 0.0111  83  THR A O   
492 C CB  . THR A 68  ? 0.3067 0.4065 0.4579 -0.0002 -0.0696 0.0159  83  THR A CB  
493 O OG1 . THR A 68  ? 0.3095 0.4205 0.4843 0.0017  -0.0698 0.0210  83  THR A OG1 
494 C CG2 . THR A 68  ? 0.2814 0.3866 0.4491 -0.0036 -0.0590 0.0204  83  THR A CG2 
495 N N   . GLU A 69  ? 0.3579 0.4269 0.4360 0.0030  -0.0724 0.0029  84  GLU A N   
496 C CA  . GLU A 69  ? 0.3477 0.4042 0.4035 0.0025  -0.0705 -0.0023 84  GLU A CA  
497 C C   . GLU A 69  ? 0.3596 0.4129 0.3960 0.0053  -0.0582 -0.0001 84  GLU A C   
498 O O   . GLU A 69  ? 0.3438 0.3926 0.3720 0.0042  -0.0507 -0.0012 84  GLU A O   
499 C CB  . GLU A 69  ? 0.4001 0.4441 0.4357 0.0046  -0.0826 -0.0093 84  GLU A CB  
500 C CG  . GLU A 69  ? 0.4540 0.4974 0.5051 0.0013  -0.0970 -0.0149 84  GLU A CG  
501 C CD  . GLU A 69  ? 0.5508 0.5812 0.5769 0.0046  -0.1104 -0.0227 84  GLU A CD  
502 O OE1 . GLU A 69  ? 0.5765 0.5981 0.5726 0.0099  -0.1069 -0.0223 84  GLU A OE1 
503 O OE2 . GLU A 69  ? 0.5818 0.6105 0.6185 0.0023  -0.1246 -0.0292 84  GLU A OE2 
504 N N   . PHE A 70  ? 0.3226 0.3777 0.3531 0.0091  -0.0569 0.0026  85  PHE A N   
505 C CA  . PHE A 70  ? 0.3481 0.4002 0.3640 0.0116  -0.0460 0.0040  85  PHE A CA  
506 C C   . PHE A 70  ? 0.3358 0.3966 0.3630 0.0093  -0.0357 0.0067  85  PHE A C   
507 O O   . PHE A 70  ? 0.3454 0.4027 0.3632 0.0090  -0.0287 0.0058  85  PHE A O   
508 C CB  . PHE A 70  ? 0.2730 0.3272 0.2873 0.0158  -0.0453 0.0071  85  PHE A CB  
509 C CG  . PHE A 70  ? 0.2922 0.3425 0.2949 0.0180  -0.0345 0.0077  85  PHE A CG  
510 C CD1 . PHE A 70  ? 0.3419 0.3798 0.3242 0.0199  -0.0321 0.0060  85  PHE A CD1 
511 C CD2 . PHE A 70  ? 0.2833 0.3417 0.2961 0.0184  -0.0266 0.0097  85  PHE A CD2 
512 C CE1 . PHE A 70  ? 0.3299 0.3643 0.3062 0.0216  -0.0222 0.0068  85  PHE A CE1 
513 C CE2 . PHE A 70  ? 0.2875 0.3420 0.2924 0.0202  -0.0183 0.0092  85  PHE A CE2 
514 C CZ  . PHE A 70  ? 0.3199 0.3625 0.3083 0.0214  -0.0162 0.0079  85  PHE A CZ  
515 N N   . LYS A 71  ? 0.3230 0.3953 0.3695 0.0087  -0.0349 0.0105  86  LYS A N   
516 C CA  . LYS A 71  ? 0.3128 0.3935 0.3673 0.0079  -0.0252 0.0139  86  LYS A CA  
517 C C   . LYS A 71  ? 0.3404 0.4198 0.3958 0.0048  -0.0233 0.0141  86  LYS A C   
518 O O   . LYS A 71  ? 0.3398 0.4207 0.3894 0.0051  -0.0161 0.0152  86  LYS A O   
519 C CB  . LYS A 71  ? 0.3110 0.4035 0.3880 0.0080  -0.0241 0.0187  86  LYS A CB  
520 C CG  . LYS A 71  ? 0.3039 0.4014 0.3840 0.0118  -0.0204 0.0202  86  LYS A CG  
521 C CD  . LYS A 71  ? 0.3536 0.4622 0.4603 0.0116  -0.0199 0.0253  86  LYS A CD  
522 C CE  . LYS A 71  ? 0.4105 0.5260 0.5196 0.0151  -0.0083 0.0279  86  LYS A CE  
523 N NZ  . LYS A 71  ? 0.4668 0.5933 0.6010 0.0159  -0.0033 0.0339  86  LYS A NZ  
524 N N   . ALA A 72  ? 0.3436 0.4203 0.4076 0.0020  -0.0303 0.0129  87  ALA A N   
525 C CA  . ALA A 72  ? 0.3189 0.3931 0.3863 -0.0009 -0.0284 0.0132  87  ALA A CA  
526 C C   . ALA A 72  ? 0.3518 0.4156 0.3992 -0.0002 -0.0262 0.0091  87  ALA A C   
527 O O   . ALA A 72  ? 0.2830 0.3473 0.3317 -0.0013 -0.0209 0.0111  87  ALA A O   
528 C CB  . ALA A 72  ? 0.4053 0.4781 0.4896 -0.0043 -0.0368 0.0116  87  ALA A CB  
529 N N   . ASP A 73  ? 0.3254 0.3799 0.3554 0.0019  -0.0290 0.0043  88  ASP A N   
530 C CA  . ASP A 73  ? 0.3581 0.4048 0.3724 0.0033  -0.0232 0.0023  88  ASP A CA  
531 C C   . ASP A 73  ? 0.3655 0.4190 0.3799 0.0044  -0.0151 0.0054  88  ASP A C   
532 O O   . ASP A 73  ? 0.3187 0.3707 0.3312 0.0040  -0.0106 0.0055  88  ASP A O   
533 C CB  . ASP A 73  ? 0.3572 0.3920 0.3521 0.0062  -0.0254 -0.0019 88  ASP A CB  
534 C CG  . ASP A 73  ? 0.3798 0.4024 0.3655 0.0058  -0.0298 -0.0071 88  ASP A CG  
535 O OD1 . ASP A 73  ? 0.3322 0.3560 0.3299 0.0025  -0.0313 -0.0080 88  ASP A OD1 
536 O OD2 . ASP A 73  ? 0.3715 0.3829 0.3377 0.0090  -0.0311 -0.0104 88  ASP A OD2 
537 N N   . PHE A 74  ? 0.3678 0.4281 0.3845 0.0061  -0.0138 0.0071  89  PHE A N   
538 C CA  . PHE A 74  ? 0.3605 0.4261 0.3758 0.0074  -0.0075 0.0079  89  PHE A CA  
539 C C   . PHE A 74  ? 0.3181 0.3918 0.3411 0.0061  -0.0046 0.0116  89  PHE A C   
540 O O   . PHE A 74  ? 0.3272 0.4023 0.3470 0.0065  -0.0015 0.0115  89  PHE A O   
541 C CB  . PHE A 74  ? 0.3385 0.4090 0.3556 0.0099  -0.0064 0.0082  89  PHE A CB  
542 C CG  . PHE A 74  ? 0.3904 0.4668 0.4068 0.0113  -0.0007 0.0076  89  PHE A CG  
543 C CD1 . PHE A 74  ? 0.3741 0.4458 0.3836 0.0119  0.0018  0.0039  89  PHE A CD1 
544 C CD2 . PHE A 74  ? 0.3983 0.4845 0.4211 0.0123  0.0022  0.0100  89  PHE A CD2 
545 C CE1 . PHE A 74  ? 0.3454 0.4220 0.3544 0.0130  0.0049  0.0016  89  PHE A CE1 
546 C CE2 . PHE A 74  ? 0.4073 0.4974 0.4256 0.0143  0.0064  0.0077  89  PHE A CE2 
547 C CZ  . PHE A 74  ? 0.3963 0.4817 0.4078 0.0144  0.0067  0.0029  89  PHE A CZ  
548 N N   . LYS A 75  ? 0.3691 0.4484 0.4040 0.0049  -0.0061 0.0155  90  LYS A N   
549 C CA  . LYS A 75  ? 0.3341 0.4210 0.3769 0.0044  -0.0024 0.0212  90  LYS A CA  
550 C C   . LYS A 75  ? 0.3240 0.4055 0.3665 0.0026  -0.0030 0.0214  90  LYS A C   
551 O O   . LYS A 75  ? 0.3051 0.3906 0.3467 0.0034  0.0003  0.0248  90  LYS A O   
552 C CB  . LYS A 75  ? 0.3574 0.4500 0.4170 0.0032  -0.0031 0.0258  90  LYS A CB  
553 C CG  . LYS A 75  ? 0.3315 0.4306 0.4013 0.0030  0.0019  0.0338  90  LYS A CG  
554 C CD  . LYS A 75  ? 0.3792 0.4858 0.4689 0.0025  0.0042  0.0400  90  LYS A CD  
555 C CE  . LYS A 75  ? 0.3937 0.5086 0.4864 0.0049  0.0135  0.0496  90  LYS A CE  
556 N NZ  . LYS A 75  ? 0.3617 0.4747 0.4558 0.0040  0.0146  0.0543  90  LYS A NZ  
557 N N   . LEU A 76  ? 0.3017 0.3739 0.3446 0.0007  -0.0073 0.0176  91  LEU A N   
558 C CA  . LEU A 76  ? 0.3320 0.3975 0.3752 -0.0007 -0.0068 0.0170  91  LEU A CA  
559 C C   . LEU A 76  ? 0.3113 0.3752 0.3453 0.0010  -0.0031 0.0158  91  LEU A C   
560 O O   . LEU A 76  ? 0.4038 0.4692 0.4422 0.0009  -0.0009 0.0189  91  LEU A O   
561 C CB  . LEU A 76  ? 0.3127 0.3662 0.3520 -0.0019 -0.0115 0.0107  91  LEU A CB  
562 C CG  . LEU A 76  ? 0.3220 0.3661 0.3589 -0.0024 -0.0092 0.0083  91  LEU A CG  
563 C CD1 . LEU A 76  ? 0.2910 0.3387 0.3442 -0.0042 -0.0073 0.0137  91  LEU A CD1 
564 C CD2 . LEU A 76  ? 0.3265 0.3574 0.3550 -0.0027 -0.0136 0.0007  91  LEU A CD2 
565 N N   . MET A 77  ? 0.3266 0.3871 0.3500 0.0025  -0.0028 0.0115  92  MET A N   
566 C CA  . MET A 77  ? 0.3483 0.4078 0.3665 0.0038  0.0005  0.0098  92  MET A CA  
567 C C   . MET A 77  ? 0.3096 0.3801 0.3314 0.0048  0.0015  0.0132  92  MET A C   
568 O O   . MET A 77  ? 0.3160 0.3872 0.3397 0.0052  0.0023  0.0137  92  MET A O   
569 C CB  . MET A 77  ? 0.3831 0.4385 0.3926 0.0055  0.0011  0.0059  92  MET A CB  
570 C CG  . MET A 77  ? 0.4242 0.4756 0.4316 0.0065  0.0051  0.0035  92  MET A CG  
571 S SD  . MET A 77  ? 0.4740 0.5226 0.4764 0.0085  0.0073  0.0005  92  MET A SD  
572 C CE  . MET A 77  ? 0.5363 0.5976 0.5422 0.0089  0.0048  0.0012  92  MET A CE  
573 N N   . CYS A 78  ? 0.3394 0.4182 0.3614 0.0058  0.0014  0.0156  93  CYS A N   
574 C CA  . CYS A 78  ? 0.3477 0.4358 0.3678 0.0079  0.0023  0.0181  93  CYS A CA  
575 C C   . CYS A 78  ? 0.3729 0.4653 0.3992 0.0078  0.0028  0.0257  93  CYS A C   
576 O O   . CYS A 78  ? 0.4362 0.5334 0.4602 0.0096  0.0021  0.0281  93  CYS A O   
577 C CB  . CYS A 78  ? 0.3468 0.4412 0.3631 0.0099  0.0041  0.0180  93  CYS A CB  
578 S SG  . CYS A 78  ? 0.3757 0.4662 0.3867 0.0110  0.0043  0.0102  93  CYS A SG  
579 N N   . ASP A 79  ? 0.3606 0.4514 0.3958 0.0060  0.0034  0.0296  94  ASP A N   
580 C CA  . ASP A 79  ? 0.3734 0.4676 0.4173 0.0061  0.0049  0.0379  94  ASP A CA  
581 C C   . ASP A 79  ? 0.3283 0.4178 0.3747 0.0055  0.0037  0.0376  94  ASP A C   
582 O O   . ASP A 79  ? 0.3375 0.4315 0.3873 0.0072  0.0042  0.0442  94  ASP A O   
583 C CB  . ASP A 79  ? 0.3466 0.4385 0.4043 0.0035  0.0053  0.0410  94  ASP A CB  
584 C CG  . ASP A 79  ? 0.4016 0.5003 0.4634 0.0042  0.0077  0.0442  94  ASP A CG  
585 O OD1 . ASP A 79  ? 0.3190 0.4249 0.3723 0.0076  0.0111  0.0463  94  ASP A OD1 
586 O OD2 . ASP A 79  ? 0.3501 0.4464 0.4248 0.0015  0.0061  0.0439  94  ASP A OD2 
587 N N   . ASN A 80  ? 0.2547 0.3348 0.2994 0.0039  0.0025  0.0304  95  ASN A N   
588 C CA  . ASN A 80  ? 0.2685 0.3432 0.3178 0.0038  0.0029  0.0296  95  ASN A CA  
589 C C   . ASN A 80  ? 0.2718 0.3530 0.3195 0.0060  0.0016  0.0308  95  ASN A C   
590 O O   . ASN A 80  ? 0.2594 0.3419 0.3153 0.0068  0.0013  0.0353  95  ASN A O   
591 C CB  . ASN A 80  ? 0.2317 0.2948 0.2766 0.0027  0.0040  0.0217  95  ASN A CB  
592 C CG  . ASN A 80  ? 0.2724 0.3268 0.3189 0.0007  0.0035  0.0194  95  ASN A CG  
593 O OD1 . ASN A 80  ? 0.2754 0.3322 0.3314 -0.0006 0.0025  0.0237  95  ASN A OD1 
594 N ND2 . ASN A 80  ? 0.2855 0.3295 0.3230 0.0008  0.0039  0.0128  95  ASN A ND2 
595 N N   . ALA A 81  ? 0.2747 0.3588 0.3135 0.0070  0.0004  0.0261  96  ALA A N   
596 C CA  . ALA A 81  ? 0.2889 0.3788 0.3259 0.0088  -0.0028 0.0242  96  ALA A CA  
597 C C   . ALA A 81  ? 0.3114 0.4114 0.3452 0.0117  -0.0055 0.0311  96  ALA A C   
598 O O   . ALA A 81  ? 0.3557 0.4601 0.3921 0.0134  -0.0096 0.0325  96  ALA A O   
599 C CB  . ALA A 81  ? 0.2482 0.3379 0.2772 0.0090  -0.0031 0.0168  96  ALA A CB  
600 N N   . MET A 82  ? 0.3141 0.4181 0.3424 0.0127  -0.0031 0.0355  97  MET A N   
601 C CA  . MET A 82  ? 0.3176 0.4301 0.3402 0.0163  -0.0032 0.0438  97  MET A CA  
602 C C   . MET A 82  ? 0.3302 0.4426 0.3641 0.0166  -0.0027 0.0533  97  MET A C   
603 O O   . MET A 82  ? 0.4209 0.5397 0.4514 0.0203  -0.0049 0.0604  97  MET A O   
604 C CB  . MET A 82  ? 0.3312 0.4472 0.3476 0.0176  0.0017  0.0468  97  MET A CB  
605 C CG  . MET A 82  ? 0.3130 0.4304 0.3171 0.0190  0.0011  0.0383  97  MET A CG  
606 S SD  . MET A 82  ? 0.4333 0.5553 0.4314 0.0215  0.0082  0.0416  97  MET A SD  
607 C CE  . MET A 82  ? 0.4221 0.5432 0.4384 0.0189  0.0133  0.0523  97  MET A CE  
608 N N   . THR A 83  ? 0.3043 0.4089 0.3509 0.0130  0.0000  0.0530  98  THR A N   
609 C CA  . THR A 83  ? 0.3324 0.4349 0.3928 0.0128  0.0012  0.0609  98  THR A CA  
610 C C   . THR A 83  ? 0.3073 0.4087 0.3740 0.0136  -0.0022 0.0597  98  THR A C   
611 O O   . THR A 83  ? 0.3283 0.4333 0.4022 0.0159  -0.0032 0.0684  98  THR A O   
612 C CB  . THR A 83  ? 0.3271 0.4205 0.3998 0.0089  0.0048  0.0595  98  THR A CB  
613 O OG1 . THR A 83  ? 0.3072 0.4030 0.3792 0.0082  0.0072  0.0616  98  THR A OG1 
614 C CG2 . THR A 83  ? 0.3005 0.3910 0.3900 0.0091  0.0065  0.0675  98  THR A CG2 
615 N N   . TYR A 84  ? 0.3155 0.4123 0.3814 0.0119  -0.0035 0.0499  99  TYR A N   
616 C CA  . TYR A 84  ? 0.3164 0.4121 0.3928 0.0124  -0.0057 0.0488  99  TYR A CA  
617 C C   . TYR A 84  ? 0.3483 0.4542 0.4208 0.0156  -0.0131 0.0500  99  TYR A C   
618 O O   . TYR A 84  ? 0.3286 0.4389 0.4106 0.0179  -0.0167 0.0559  99  TYR A O   
619 C CB  . TYR A 84  ? 0.2956 0.3818 0.3743 0.0099  -0.0025 0.0392  99  TYR A CB  
620 C CG  . TYR A 84  ? 0.3223 0.4079 0.4158 0.0106  -0.0032 0.0389  99  TYR A CG  
621 C CD1 . TYR A 84  ? 0.3245 0.4053 0.4328 0.0110  0.0003  0.0436  99  TYR A CD1 
622 C CD2 . TYR A 84  ? 0.3475 0.4376 0.4434 0.0111  -0.0072 0.0341  99  TYR A CD2 
623 C CE1 . TYR A 84  ? 0.3302 0.4111 0.4553 0.0121  0.0005  0.0440  99  TYR A CE1 
624 C CE2 . TYR A 84  ? 0.3286 0.4191 0.4431 0.0118  -0.0078 0.0343  99  TYR A CE2 
625 C CZ  . TYR A 84  ? 0.3320 0.4182 0.4610 0.0124  -0.0036 0.0396  99  TYR A CZ  
626 O OH  . TYR A 84  ? 0.3373 0.4242 0.4877 0.0133  -0.0033 0.0404  99  TYR A OH  
627 N N   . ASN A 85  ? 0.3619 0.4715 0.4209 0.0161  -0.0160 0.0436  100 ASN A N   
628 C CA  . ASN A 85  ? 0.3833 0.5010 0.4380 0.0187  -0.0245 0.0409  100 ASN A CA  
629 C C   . ASN A 85  ? 0.4089 0.5356 0.4484 0.0233  -0.0282 0.0480  100 ASN A C   
630 O O   . ASN A 85  ? 0.4699 0.5967 0.4975 0.0240  -0.0231 0.0505  100 ASN A O   
631 C CB  . ASN A 85  ? 0.3520 0.4678 0.4003 0.0169  -0.0251 0.0294  100 ASN A CB  
632 C CG  . ASN A 85  ? 0.3352 0.4421 0.3964 0.0135  -0.0205 0.0235  100 ASN A CG  
633 O OD1 . ASN A 85  ? 0.3357 0.4427 0.4115 0.0131  -0.0229 0.0217  100 ASN A OD1 
634 N ND2 . ASN A 85  ? 0.3063 0.4052 0.3624 0.0113  -0.0135 0.0207  100 ASN A ND2 
635 N N   . ARG A 86  ? 0.4258 0.5599 0.4649 0.0270  -0.0368 0.0514  101 ARG A N   
636 C CA  . ARG A 86  ? 0.4872 0.6291 0.5091 0.0328  -0.0399 0.0601  101 ARG A CA  
637 C C   . ARG A 86  ? 0.4450 0.5895 0.4434 0.0349  -0.0408 0.0530  101 ARG A C   
638 O O   . ARG A 86  ? 0.4655 0.6080 0.4635 0.0325  -0.0438 0.0403  101 ARG A O   
639 C CB  . ARG A 86  ? 0.5341 0.6835 0.5596 0.0369  -0.0515 0.0643  101 ARG A CB  
640 C CG  . ARG A 86  ? 0.6408 0.7909 0.6812 0.0386  -0.0500 0.0782  101 ARG A CG  
641 C CD  . ARG A 86  ? 0.7183 0.8781 0.7533 0.0448  -0.0633 0.0835  101 ARG A CD  
642 N NE  . ARG A 86  ? 0.8215 0.9828 0.8777 0.0466  -0.0652 0.0950  101 ARG A NE  
643 C CZ  . ARG A 86  ? 0.8992 1.0691 0.9544 0.0525  -0.0771 0.1022  101 ARG A CZ  
644 N NH1 . ARG A 86  ? 0.9188 1.0960 0.9502 0.0573  -0.0888 0.0981  101 ARG A NH1 
645 N NH2 . ARG A 86  ? 0.9489 1.1198 1.0265 0.0541  -0.0779 0.1134  101 ARG A NH2 
646 N N   . PRO A 87  ? 0.4501 0.5985 0.4295 0.0399  -0.0376 0.0612  102 PRO A N   
647 C CA  . PRO A 87  ? 0.4767 0.6261 0.4342 0.0421  -0.0361 0.0531  102 PRO A CA  
648 C C   . PRO A 87  ? 0.4671 0.6192 0.4145 0.0436  -0.0478 0.0394  102 PRO A C   
649 O O   . PRO A 87  ? 0.5366 0.6860 0.4759 0.0425  -0.0458 0.0286  102 PRO A O   
650 C CB  . PRO A 87  ? 0.5092 0.6631 0.4479 0.0488  -0.0307 0.0660  102 PRO A CB  
651 C CG  . PRO A 87  ? 0.5085 0.6612 0.4651 0.0476  -0.0250 0.0803  102 PRO A CG  
652 C CD  . PRO A 87  ? 0.4627 0.6141 0.4397 0.0442  -0.0332 0.0776  102 PRO A CD  
653 N N   . ASP A 88  ? 0.4547 0.6116 0.4052 0.0457  -0.0601 0.0394  103 ASP A N   
654 C CA  . ASP A 88  ? 0.5353 0.6952 0.4793 0.0468  -0.0733 0.0259  103 ASP A CA  
655 C C   . ASP A 88  ? 0.5443 0.6997 0.5121 0.0399  -0.0756 0.0128  103 ASP A C   
656 O O   . ASP A 88  ? 0.6145 0.7721 0.5832 0.0401  -0.0869 0.0011  103 ASP A O   
657 C CB  . ASP A 88  ? 0.5914 0.7592 0.5343 0.0516  -0.0872 0.0313  103 ASP A CB  
658 C CG  . ASP A 88  ? 0.6143 0.7821 0.5892 0.0478  -0.0887 0.0379  103 ASP A CG  
659 O OD1 . ASP A 88  ? 0.6549 0.8161 0.6495 0.0421  -0.0779 0.0395  103 ASP A OD1 
660 O OD2 . ASP A 88  ? 0.6724 0.8466 0.6528 0.0509  -0.1009 0.0416  103 ASP A OD2 
661 N N   . THR A 89  ? 0.4900 0.6389 0.4770 0.0343  -0.0655 0.0145  104 THR A N   
662 C CA  . THR A 89  ? 0.4388 0.5827 0.4467 0.0289  -0.0661 0.0043  104 THR A CA  
663 C C   . THR A 89  ? 0.4434 0.5816 0.4441 0.0268  -0.0599 -0.0053 104 THR A C   
664 O O   . THR A 89  ? 0.4328 0.5700 0.4156 0.0288  -0.0526 -0.0028 104 THR A O   
665 C CB  . THR A 89  ? 0.4252 0.5639 0.4567 0.0247  -0.0586 0.0106  104 THR A CB  
666 O OG1 . THR A 89  ? 0.3993 0.5322 0.4243 0.0235  -0.0465 0.0166  104 THR A OG1 
667 C CG2 . THR A 89  ? 0.3853 0.5293 0.4286 0.0268  -0.0647 0.0200  104 THR A CG2 
668 N N   . VAL A 90  ? 0.4128 0.5474 0.4297 0.0231  -0.0619 -0.0157 105 VAL A N   
669 C CA  . VAL A 90  ? 0.3831 0.5117 0.3968 0.0212  -0.0563 -0.0248 105 VAL A CA  
670 C C   . VAL A 90  ? 0.3947 0.5160 0.4128 0.0184  -0.0431 -0.0182 105 VAL A C   
671 O O   . VAL A 90  ? 0.3539 0.4708 0.3644 0.0181  -0.0364 -0.0209 105 VAL A O   
672 C CB  . VAL A 90  ? 0.4104 0.5367 0.4426 0.0183  -0.0621 -0.0371 105 VAL A CB  
673 C CG1 . VAL A 90  ? 0.4284 0.5627 0.4587 0.0209  -0.0780 -0.0440 105 VAL A CG1 
674 C CG2 . VAL A 90  ? 0.4073 0.5291 0.4673 0.0140  -0.0573 -0.0340 105 VAL A CG2 
675 N N   . TYR A 91  ? 0.3606 0.4802 0.3902 0.0169  -0.0399 -0.0097 106 TYR A N   
676 C CA  . TYR A 91  ? 0.3793 0.4914 0.4110 0.0146  -0.0293 -0.0048 106 TYR A CA  
677 C C   . TYR A 91  ? 0.3645 0.4782 0.3798 0.0166  -0.0247 0.0016  106 TYR A C   
678 O O   . TYR A 91  ? 0.3682 0.4772 0.3799 0.0155  -0.0183 0.0007  106 TYR A O   
679 C CB  . TYR A 91  ? 0.3602 0.4687 0.4084 0.0127  -0.0266 0.0009  106 TYR A CB  
680 C CG  . TYR A 91  ? 0.3896 0.4968 0.4574 0.0110  -0.0294 -0.0045 106 TYR A CG  
681 C CD1 . TYR A 91  ? 0.3714 0.4715 0.4466 0.0087  -0.0243 -0.0111 106 TYR A CD1 
682 C CD2 . TYR A 91  ? 0.3956 0.5091 0.4769 0.0119  -0.0370 -0.0024 106 TYR A CD2 
683 C CE1 . TYR A 91  ? 0.3390 0.4376 0.4358 0.0071  -0.0252 -0.0149 106 TYR A CE1 
684 C CE2 . TYR A 91  ? 0.3728 0.4858 0.4775 0.0101  -0.0392 -0.0069 106 TYR A CE2 
685 C CZ  . TYR A 91  ? 0.3530 0.4588 0.4657 0.0075  -0.0328 -0.0133 106 TYR A CZ  
686 O OH  . TYR A 91  ? 0.3634 0.4685 0.5019 0.0058  -0.0336 -0.0170 106 TYR A OH  
687 N N   . TYR A 92  ? 0.3446 0.4654 0.3517 0.0200  -0.0282 0.0084  107 TYR A N   
688 C CA  . TYR A 92  ? 0.3476 0.4707 0.3436 0.0221  -0.0228 0.0167  107 TYR A CA  
689 C C   . TYR A 92  ? 0.3629 0.4870 0.3441 0.0241  -0.0205 0.0107  107 TYR A C   
690 O O   . TYR A 92  ? 0.3782 0.5001 0.3572 0.0236  -0.0130 0.0129  107 TYR A O   
691 C CB  . TYR A 92  ? 0.3666 0.4972 0.3560 0.0264  -0.0273 0.0256  107 TYR A CB  
692 C CG  . TYR A 92  ? 0.3682 0.5018 0.3459 0.0297  -0.0207 0.0355  107 TYR A CG  
693 C CD1 . TYR A 92  ? 0.3884 0.5254 0.3466 0.0338  -0.0186 0.0332  107 TYR A CD1 
694 C CD2 . TYR A 92  ? 0.3549 0.4874 0.3430 0.0287  -0.0153 0.0471  107 TYR A CD2 
695 C CE1 . TYR A 92  ? 0.4210 0.5607 0.3709 0.0371  -0.0103 0.0434  107 TYR A CE1 
696 C CE2 . TYR A 92  ? 0.3500 0.4854 0.3317 0.0316  -0.0082 0.0572  107 TYR A CE2 
697 C CZ  . TYR A 92  ? 0.4142 0.5535 0.3771 0.0359  -0.0052 0.0557  107 TYR A CZ  
698 O OH  . TYR A 92  ? 0.4103 0.5523 0.3686 0.0391  0.0037  0.0664  107 TYR A OH  
699 N N   . LYS A 93  ? 0.3273 0.4542 0.3007 0.0262  -0.0271 0.0020  108 LYS A N   
700 C CA  . LYS A 93  ? 0.3752 0.5030 0.3326 0.0293  -0.0249 -0.0038 108 LYS A CA  
701 C C   . LYS A 93  ? 0.3366 0.4578 0.3016 0.0261  -0.0190 -0.0098 108 LYS A C   
702 O O   . LYS A 93  ? 0.3471 0.4681 0.3049 0.0279  -0.0122 -0.0090 108 LYS A O   
703 C CB  . LYS A 93  ? 0.3752 0.5061 0.3231 0.0321  -0.0350 -0.0138 108 LYS A CB  
704 C CG  . LYS A 93  ? 0.3940 0.5323 0.3270 0.0374  -0.0414 -0.0072 108 LYS A CG  
705 C CD  . LYS A 93  ? 0.4146 0.5553 0.3481 0.0380  -0.0552 -0.0178 108 LYS A CD  
706 C CE  . LYS A 93  ? 0.4498 0.5979 0.3694 0.0435  -0.0640 -0.0107 108 LYS A CE  
707 N NZ  . LYS A 93  ? 0.5092 0.6600 0.4167 0.0466  -0.0775 -0.0241 108 LYS A NZ  
708 N N   . LEU A 94  ? 0.3239 0.4399 0.3043 0.0221  -0.0211 -0.0152 109 LEU A N   
709 C CA  . LEU A 94  ? 0.3328 0.4419 0.3200 0.0199  -0.0158 -0.0197 109 LEU A CA  
710 C C   . LEU A 94  ? 0.3435 0.4507 0.3314 0.0190  -0.0085 -0.0111 109 LEU A C   
711 O O   . LEU A 94  ? 0.3747 0.4800 0.3606 0.0196  -0.0035 -0.0120 109 LEU A O   
712 C CB  . LEU A 94  ? 0.3559 0.4592 0.3598 0.0162  -0.0176 -0.0247 109 LEU A CB  
713 C CG  . LEU A 94  ? 0.4109 0.5056 0.4221 0.0143  -0.0107 -0.0263 109 LEU A CG  
714 C CD1 . LEU A 94  ? 0.4380 0.5318 0.4431 0.0163  -0.0081 -0.0324 109 LEU A CD1 
715 C CD2 . LEU A 94  ? 0.4242 0.5123 0.4522 0.0114  -0.0102 -0.0293 109 LEU A CD2 
716 N N   . ALA A 95  ? 0.3546 0.4622 0.3471 0.0177  -0.0083 -0.0029 110 ALA A N   
717 C CA  . ALA A 95  ? 0.3181 0.4231 0.3142 0.0162  -0.0030 0.0041  110 ALA A CA  
718 C C   . ALA A 95  ? 0.3221 0.4329 0.3101 0.0192  0.0011  0.0082  110 ALA A C   
719 O O   . ALA A 95  ? 0.3247 0.4338 0.3162 0.0187  0.0050  0.0093  110 ALA A O   
720 C CB  . ALA A 95  ? 0.2609 0.3648 0.2646 0.0145  -0.0036 0.0113  110 ALA A CB  
721 N N   . LYS A 96  ? 0.3610 0.4783 0.3386 0.0229  0.0003  0.0108  111 LYS A N   
722 C CA  . LYS A 96  ? 0.4157 0.5380 0.3858 0.0265  0.0065  0.0161  111 LYS A CA  
723 C C   . LYS A 96  ? 0.4362 0.5577 0.4014 0.0284  0.0100  0.0085  111 LYS A C   
724 O O   . LYS A 96  ? 0.5518 0.6749 0.5195 0.0296  0.0170  0.0123  111 LYS A O   
725 C CB  . LYS A 96  ? 0.4362 0.5651 0.3922 0.0314  0.0059  0.0216  111 LYS A CB  
726 C CG  . LYS A 96  ? 0.4782 0.6115 0.4282 0.0354  0.0155  0.0295  111 LYS A CG  
727 C CD  . LYS A 96  ? 0.5308 0.6698 0.4604 0.0422  0.0165  0.0345  111 LYS A CD  
728 C CE  . LYS A 96  ? 0.5688 0.7104 0.5029 0.0427  0.0161  0.0477  111 LYS A CE  
729 N NZ  . LYS A 96  ? 0.6222 0.7688 0.5427 0.0495  0.0253  0.0590  111 LYS A NZ  
730 N N   . LYS A 97  ? 0.4335 0.5522 0.3944 0.0285  0.0054  -0.0022 112 LYS A N   
731 C CA  . LYS A 97  ? 0.4444 0.5610 0.4026 0.0302  0.0085  -0.0106 112 LYS A CA  
732 C C   . LYS A 97  ? 0.4396 0.5510 0.4119 0.0271  0.0118  -0.0102 112 LYS A C   
733 O O   . LYS A 97  ? 0.4047 0.5169 0.3792 0.0289  0.0176  -0.0092 112 LYS A O   
734 C CB  . LYS A 97  ? 0.4780 0.5919 0.4325 0.0303  0.0018  -0.0227 112 LYS A CB  
735 C CG  . LYS A 97  ? 0.4997 0.6106 0.4514 0.0326  0.0051  -0.0325 112 LYS A CG  
736 C CD  . LYS A 97  ? 0.5166 0.6251 0.4668 0.0324  -0.0027 -0.0452 112 LYS A CD  
737 C CE  . LYS A 97  ? 0.6268 0.7338 0.5670 0.0366  0.0001  -0.0558 112 LYS A CE  
738 N NZ  . LYS A 97  ? 0.6279 0.7273 0.5839 0.0342  0.0022  -0.0631 112 LYS A NZ  
739 N N   . ILE A 98  ? 0.3681 0.4741 0.3501 0.0231  0.0080  -0.0107 113 ILE A N   
740 C CA  . ILE A 98  ? 0.3881 0.4885 0.3794 0.0213  0.0102  -0.0106 113 ILE A CA  
741 C C   . ILE A 98  ? 0.3435 0.4461 0.3404 0.0205  0.0126  -0.0019 113 ILE A C   
742 O O   . ILE A 98  ? 0.3575 0.4583 0.3603 0.0208  0.0144  -0.0014 113 ILE A O   
743 C CB  . ILE A 98  ? 0.4029 0.4955 0.4009 0.0182  0.0073  -0.0134 113 ILE A CB  
744 C CG1 . ILE A 98  ? 0.4262 0.5183 0.4261 0.0157  0.0046  -0.0086 113 ILE A CG1 
745 C CG2 . ILE A 98  ? 0.4596 0.5502 0.4580 0.0187  0.0055  -0.0225 113 ILE A CG2 
746 C CD1 . ILE A 98  ? 0.5167 0.6000 0.5223 0.0134  0.0049  -0.0078 113 ILE A CD1 
747 N N   . LEU A 99  ? 0.3438 0.4502 0.3404 0.0199  0.0121  0.0049  114 LEU A N   
748 C CA  . LEU A 99  ? 0.3682 0.4767 0.3740 0.0188  0.0143  0.0126  114 LEU A CA  
749 C C   . LEU A 99  ? 0.3406 0.4547 0.3484 0.0222  0.0204  0.0143  114 LEU A C   
750 O O   . LEU A 99  ? 0.3128 0.4263 0.3308 0.0217  0.0211  0.0155  114 LEU A O   
751 C CB  . LEU A 99  ? 0.3427 0.4542 0.3507 0.0178  0.0140  0.0200  114 LEU A CB  
752 C CG  . LEU A 99  ? 0.3374 0.4512 0.3591 0.0162  0.0160  0.0282  114 LEU A CG  
753 C CD1 . LEU A 99  ? 0.2877 0.3956 0.3199 0.0129  0.0117  0.0261  114 LEU A CD1 
754 C CD2 . LEU A 99  ? 0.3597 0.4760 0.3842 0.0158  0.0168  0.0359  114 LEU A CD2 
755 N N   . HIS A 100 ? 0.3761 0.4948 0.3727 0.0262  0.0246  0.0136  115 HIS A N   
756 C CA  . HIS A 100 ? 0.4433 0.5671 0.4407 0.0301  0.0325  0.0158  115 HIS A CA  
757 C C   . HIS A 100 ? 0.4436 0.5635 0.4451 0.0308  0.0328  0.0085  115 HIS A C   
758 O O   . HIS A 100 ? 0.3408 0.4626 0.3556 0.0312  0.0363  0.0116  115 HIS A O   
759 C CB  . HIS A 100 ? 0.5596 0.6874 0.5384 0.0356  0.0370  0.0152  115 HIS A CB  
760 C CG  . HIS A 100 ? 0.6709 0.8025 0.6479 0.0407  0.0473  0.0161  115 HIS A CG  
761 N ND1 . HIS A 100 ? 0.7224 0.8598 0.7078 0.0428  0.0562  0.0272  115 HIS A ND1 
762 C CD2 . HIS A 100 ? 0.7111 0.8410 0.6820 0.0443  0.0512  0.0077  115 HIS A CD2 
763 C CE1 . HIS A 100 ? 0.6435 0.7829 0.6275 0.0477  0.0657  0.0258  115 HIS A CE1 
764 N NE2 . HIS A 100 ? 0.6740 0.8087 0.6485 0.0488  0.0627  0.0136  115 HIS A NE2 
765 N N   . ALA A 101 ? 0.4375 0.5525 0.4306 0.0307  0.0290  -0.0007 116 ALA A N   
766 C CA  . ALA A 101 ? 0.4570 0.5681 0.4545 0.0321  0.0308  -0.0074 116 ALA A CA  
767 C C   . ALA A 101 ? 0.4408 0.5479 0.4526 0.0292  0.0279  -0.0042 116 ALA A C   
768 O O   . ALA A 101 ? 0.4709 0.5771 0.4914 0.0311  0.0306  -0.0049 116 ALA A O   
769 C CB  . ALA A 101 ? 0.4570 0.5628 0.4464 0.0322  0.0273  -0.0180 116 ALA A CB  
770 N N   . GLY A 102 ? 0.4204 0.5250 0.4342 0.0254  0.0224  -0.0005 117 GLY A N   
771 C CA  . GLY A 102 ? 0.3941 0.4940 0.4167 0.0234  0.0184  0.0019  117 GLY A CA  
772 C C   . GLY A 102 ? 0.4150 0.5203 0.4502 0.0236  0.0191  0.0085  117 GLY A C   
773 O O   . GLY A 102 ? 0.4103 0.5138 0.4545 0.0241  0.0167  0.0095  117 GLY A O   
774 N N   . PHE A 103 ? 0.3979 0.5101 0.4359 0.0235  0.0221  0.0137  118 PHE A N   
775 C CA  . PHE A 103 ? 0.4199 0.5376 0.4754 0.0231  0.0227  0.0206  118 PHE A CA  
776 C C   . PHE A 103 ? 0.4341 0.5565 0.4972 0.0272  0.0298  0.0208  118 PHE A C   
777 O O   . PHE A 103 ? 0.4528 0.5779 0.5328 0.0274  0.0284  0.0240  118 PHE A O   
778 C CB  . PHE A 103 ? 0.4734 0.5965 0.5345 0.0217  0.0251  0.0276  118 PHE A CB  
779 C CG  . PHE A 103 ? 0.4847 0.6042 0.5533 0.0169  0.0171  0.0295  118 PHE A CG  
780 C CD1 . PHE A 103 ? 0.4604 0.5716 0.5170 0.0147  0.0111  0.0248  118 PHE A CD1 
781 C CD2 . PHE A 103 ? 0.5366 0.6604 0.6259 0.0149  0.0160  0.0356  118 PHE A CD2 
782 C CE1 . PHE A 103 ? 0.4280 0.5345 0.4895 0.0110  0.0044  0.0254  118 PHE A CE1 
783 C CE2 . PHE A 103 ? 0.4695 0.5888 0.5657 0.0105  0.0078  0.0355  118 PHE A CE2 
784 C CZ  . PHE A 103 ? 0.4597 0.5698 0.5400 0.0088  0.0021  0.0300  118 PHE A CZ  
785 N N   . LYS A 104 ? 0.4429 0.5661 0.4938 0.0309  0.0369  0.0169  119 LYS A N   
786 C CA  . LYS A 104 ? 0.4447 0.5708 0.5013 0.0356  0.0448  0.0154  119 LYS A CA  
787 C C   . LYS A 104 ? 0.3949 0.5164 0.4612 0.0355  0.0403  0.0125  119 LYS A C   
788 O O   . LYS A 104 ? 0.3808 0.5060 0.4636 0.0378  0.0432  0.0159  119 LYS A O   
789 C CB  . LYS A 104 ? 0.4535 0.5782 0.4911 0.0395  0.0509  0.0083  119 LYS A CB  
790 C CG  . LYS A 104 ? 0.5553 0.6826 0.5970 0.0452  0.0615  0.0065  119 LYS A CG  
791 C CD  . LYS A 104 ? 0.5878 0.7149 0.6065 0.0497  0.0679  0.0006  119 LYS A CD  
792 C CE  . LYS A 104 ? 0.6955 0.8204 0.7118 0.0554  0.0764  -0.0072 119 LYS A CE  
793 N NZ  . LYS A 104 ? 0.6705 0.8018 0.6892 0.0610  0.0902  -0.0011 119 LYS A NZ  
794 N N   . MET A 105 ? 0.4135 0.5269 0.4708 0.0333  0.0333  0.0077  120 MET A N   
795 C CA  . MET A 105 ? 0.3948 0.5026 0.4589 0.0342  0.0297  0.0062  120 MET A CA  
796 C C   . MET A 105 ? 0.3954 0.5042 0.4731 0.0326  0.0220  0.0127  120 MET A C   
797 O O   . MET A 105 ? 0.3810 0.4900 0.4713 0.0350  0.0202  0.0149  120 MET A O   
798 C CB  . MET A 105 ? 0.4156 0.5139 0.4668 0.0325  0.0259  0.0006  120 MET A CB  
799 C CG  . MET A 105 ? 0.3491 0.4409 0.4065 0.0336  0.0222  0.0018  120 MET A CG  
800 S SD  . MET A 105 ? 0.4291 0.5089 0.4756 0.0319  0.0183  -0.0006 120 MET A SD  
801 C CE  . MET A 105 ? 0.3290 0.4080 0.3662 0.0274  0.0117  0.0023  120 MET A CE  
802 N N   . MET A 106 ? 0.3653 0.4749 0.4414 0.0288  0.0164  0.0157  121 MET A N   
803 C CA  . MET A 106 ? 0.4520 0.5615 0.5391 0.0272  0.0071  0.0197  121 MET A CA  
804 C C   . MET A 106 ? 0.5040 0.6238 0.6142 0.0272  0.0079  0.0256  121 MET A C   
805 O O   . MET A 106 ? 0.5497 0.6707 0.6737 0.0265  -0.0009 0.0284  121 MET A O   
806 C CB  . MET A 106 ? 0.3840 0.4874 0.4598 0.0232  -0.0003 0.0187  121 MET A CB  
807 C CG  . MET A 106 ? 0.3936 0.4863 0.4513 0.0234  -0.0018 0.0144  121 MET A CG  
808 S SD  . MET A 106 ? 0.3488 0.4334 0.3927 0.0195  -0.0078 0.0130  121 MET A SD  
809 C CE  . MET A 106 ? 0.2907 0.3799 0.3302 0.0182  0.0001  0.0113  121 MET A CE  
810 N N   . SER A 107 ? 0.5637 0.6906 0.6789 0.0284  0.0182  0.0278  122 SER A N   
811 C CA  . SER A 107 ? 0.5742 0.7110 0.7150 0.0288  0.0213  0.0347  122 SER A CA  
812 C C   . SER A 107 ? 0.5328 0.6747 0.6869 0.0339  0.0300  0.0359  122 SER A C   
813 O O   . SER A 107 ? 0.6101 0.7544 0.7831 0.0347  0.0242  0.0383  122 SER A O   
814 C CB  . SER A 107 ? 0.5638 0.7057 0.7057 0.0273  0.0284  0.0391  122 SER A CB  
815 O OG  . SER A 107 ? 0.6909 0.8265 0.8145 0.0238  0.0232  0.0363  122 SER A OG  
# 
loop_
_pdbx_poly_seq_scheme.asym_id 
_pdbx_poly_seq_scheme.entity_id 
_pdbx_poly_seq_scheme.seq_id 
_pdbx_poly_seq_scheme.mon_id 
_pdbx_poly_seq_scheme.ndb_seq_num 
_pdbx_poly_seq_scheme.pdb_seq_num 
_pdbx_poly_seq_scheme.auth_seq_num 
_pdbx_poly_seq_scheme.pdb_mon_id 
_pdbx_poly_seq_scheme.auth_mon_id 
_pdbx_poly_seq_scheme.pdb_strand_id 
_pdbx_poly_seq_scheme.pdb_ins_code 
_pdbx_poly_seq_scheme.hetero 
A 1 1   GLY 1   16  ?   ?   ?   A . n 
A 1 2   SER 2   17  ?   ?   ?   A . n 
A 1 3   ALA 3   18  ?   ?   ?   A . n 
A 1 4   GLU 4   19  ?   ?   ?   A . n 
A 1 5   ASN 5   20  ?   ?   ?   A . n 
A 1 6   GLU 6   21  ?   ?   ?   A . n 
A 1 7   SER 7   22  ?   ?   ?   A . n 
A 1 8   THR 8   23  23  THR THR A . n 
A 1 9   PRO 9   24  24  PRO PRO A . n 
A 1 10  ILE 10  25  25  ILE ILE A . n 
A 1 11  GLN 11  26  26  GLN GLN A . n 
A 1 12  GLN 12  27  27  GLN GLN A . n 
A 1 13  LEU 13  28  28  LEU LEU A . n 
A 1 14  LEU 14  29  29  LEU LEU A . n 
A 1 15  GLU 15  30  30  GLU GLU A . n 
A 1 16  HIS 16  31  31  HIS HIS A . n 
A 1 17  PHE 17  32  32  PHE PHE A . n 
A 1 18  LEU 18  33  33  LEU LEU A . n 
A 1 19  ARG 19  34  34  ARG ARG A . n 
A 1 20  GLN 20  35  35  GLN GLN A . n 
A 1 21  LEU 21  36  36  LEU LEU A . n 
A 1 22  GLN 22  37  37  GLN GLN A . n 
A 1 23  ARG 23  38  38  ARG ARG A . n 
A 1 24  LYS 24  39  39  LYS LYS A . n 
A 1 25  ASP 25  40  40  ASP ASP A . n 
A 1 26  PRO 26  41  41  PRO PRO A . n 
A 1 27  HIS 27  42  42  HIS HIS A . n 
A 1 28  GLY 28  43  43  GLY GLY A . n 
A 1 29  PHE 29  44  44  PHE PHE A . n 
A 1 30  PHE 30  45  45  PHE PHE A . n 
A 1 31  ALA 31  46  46  ALA ALA A . n 
A 1 32  PHE 32  47  47  PHE PHE A . n 
A 1 33  PRO 33  48  48  PRO PRO A . n 
A 1 34  VAL 34  49  49  VAL VAL A . n 
A 1 35  THR 35  50  50  THR THR A . n 
A 1 36  ASP 36  51  51  ASP ASP A . n 
A 1 37  ALA 37  52  52  ALA ALA A . n 
A 1 38  ILE 38  53  53  ILE ILE A . n 
A 1 39  ALA 39  54  54  ALA ALA A . n 
A 1 40  PRO 40  55  55  PRO PRO A . n 
A 1 41  GLY 41  56  56  GLY GLY A . n 
A 1 42  TYR 42  57  57  TYR TYR A . n 
A 1 43  SER 43  58  58  SER SER A . n 
A 1 44  MET 44  59  59  MET MET A . n 
A 1 45  ILE 45  60  60  ILE ILE A . n 
A 1 46  ILE 46  61  61  ILE ILE A . n 
A 1 47  LYS 47  62  62  LYS LYS A . n 
A 1 48  HIS 48  63  63  HIS HIS A . n 
A 1 49  PRO 49  64  64  PRO PRO A . n 
A 1 50  MET 50  65  65  MET MET A . n 
A 1 51  ASP 51  66  66  ASP ASP A . n 
A 1 52  PHE 52  67  67  PHE PHE A . n 
A 1 53  GLY 53  68  68  GLY GLY A . n 
A 1 54  THR 54  69  69  THR THR A . n 
A 1 55  MET 55  70  70  MET MET A . n 
A 1 56  LYS 56  71  71  LYS LYS A . n 
A 1 57  ASP 57  72  72  ASP ASP A . n 
A 1 58  LYS 58  73  73  LYS LYS A . n 
A 1 59  ILE 59  74  74  ILE ILE A . n 
A 1 60  VAL 60  75  75  VAL VAL A . n 
A 1 61  ALA 61  76  76  ALA ALA A . n 
A 1 62  ASN 62  77  77  ASN ASN A . n 
A 1 63  GLU 63  78  78  GLU GLU A . n 
A 1 64  TYR 64  79  79  TYR TYR A . n 
A 1 65  LYS 65  80  80  LYS LYS A . n 
A 1 66  SER 66  81  81  SER SER A . n 
A 1 67  VAL 67  82  82  VAL VAL A . n 
A 1 68  THR 68  83  83  THR THR A . n 
A 1 69  GLU 69  84  84  GLU GLU A . n 
A 1 70  PHE 70  85  85  PHE PHE A . n 
A 1 71  LYS 71  86  86  LYS LYS A . n 
A 1 72  ALA 72  87  87  ALA ALA A . n 
A 1 73  ASP 73  88  88  ASP ASP A . n 
A 1 74  PHE 74  89  89  PHE PHE A . n 
A 1 75  LYS 75  90  90  LYS LYS A . n 
A 1 76  LEU 76  91  91  LEU LEU A . n 
A 1 77  MET 77  92  92  MET MET A . n 
A 1 78  CYS 78  93  93  CYS CYS A . n 
A 1 79  ASP 79  94  94  ASP ASP A . n 
A 1 80  ASN 80  95  95  ASN ASN A . n 
A 1 81  ALA 81  96  96  ALA ALA A . n 
A 1 82  MET 82  97  97  MET MET A . n 
A 1 83  THR 83  98  98  THR THR A . n 
A 1 84  TYR 84  99  99  TYR TYR A . n 
A 1 85  ASN 85  100 100 ASN ASN A . n 
A 1 86  ARG 86  101 101 ARG ARG A . n 
A 1 87  PRO 87  102 102 PRO PRO A . n 
A 1 88  ASP 88  103 103 ASP ASP A . n 
A 1 89  THR 89  104 104 THR THR A . n 
A 1 90  VAL 90  105 105 VAL VAL A . n 
A 1 91  TYR 91  106 106 TYR TYR A . n 
A 1 92  TYR 92  107 107 TYR TYR A . n 
A 1 93  LYS 93  108 108 LYS LYS A . n 
A 1 94  LEU 94  109 109 LEU LEU A . n 
A 1 95  ALA 95  110 110 ALA ALA A . n 
A 1 96  LYS 96  111 111 LYS LYS A . n 
A 1 97  LYS 97  112 112 LYS LYS A . n 
A 1 98  ILE 98  113 113 ILE ILE A . n 
A 1 99  LEU 99  114 114 LEU LEU A . n 
A 1 100 HIS 100 115 115 HIS HIS A . n 
A 1 101 ALA 101 116 116 ALA ALA A . n 
A 1 102 GLY 102 117 117 GLY GLY A . n 
A 1 103 PHE 103 118 118 PHE PHE A . n 
A 1 104 LYS 104 119 119 LYS LYS A . n 
A 1 105 MET 105 120 120 MET MET A . n 
A 1 106 MET 106 121 121 MET MET A . n 
A 1 107 SER 107 122 122 SER SER A . n 
A 1 108 LYS 108 123 ?   ?   ?   A . n 
B 2 1   SER 1   1   ?   ?   ?   B . n 
B 2 2   GLY 2   2   ?   ?   ?   B . n 
B 2 3   ARG 3   3   ?   ?   ?   B . n 
B 2 4   GLY 4   4   ?   ?   ?   B . n 
B 2 5   BTK 5   5   ?   ?   ?   B . n 
B 2 6   GLY 6   6   6   GLY GLY B . n 
B 2 7   GLY 7   7   7   GLY GLY B . n 
B 2 8   BTK 8   8   8   BTK KBU B . n 
B 2 9   GLY 9   9   ?   ?   ?   B . n 
B 2 10  LEU 10  10  ?   ?   ?   B . n 
B 2 11  GLY 11  11  ?   ?   ?   B . n 
# 
loop_
_pdbx_nonpoly_scheme.asym_id 
_pdbx_nonpoly_scheme.entity_id 
_pdbx_nonpoly_scheme.mon_id 
_pdbx_nonpoly_scheme.ndb_seq_num 
_pdbx_nonpoly_scheme.pdb_seq_num 
_pdbx_nonpoly_scheme.auth_seq_num 
_pdbx_nonpoly_scheme.pdb_mon_id 
_pdbx_nonpoly_scheme.auth_mon_id 
_pdbx_nonpoly_scheme.pdb_strand_id 
_pdbx_nonpoly_scheme.pdb_ins_code 
C 3 HOH 1  201 1  HOH HOH A . 
C 3 HOH 2  202 13 HOH HOH A . 
C 3 HOH 3  203 18 HOH HOH A . 
C 3 HOH 4  204 11 HOH HOH A . 
C 3 HOH 5  205 2  HOH HOH A . 
C 3 HOH 6  206 4  HOH HOH A . 
C 3 HOH 7  207 3  HOH HOH A . 
C 3 HOH 8  208 8  HOH HOH A . 
C 3 HOH 9  209 5  HOH HOH A . 
C 3 HOH 10 210 20 HOH HOH A . 
C 3 HOH 11 211 19 HOH HOH A . 
C 3 HOH 12 212 21 HOH HOH A . 
C 3 HOH 13 213 6  HOH HOH A . 
C 3 HOH 14 214 14 HOH HOH A . 
C 3 HOH 15 215 10 HOH HOH A . 
C 3 HOH 16 216 9  HOH HOH A . 
C 3 HOH 17 217 12 HOH HOH A . 
C 3 HOH 18 218 16 HOH HOH A . 
C 3 HOH 19 219 7  HOH HOH A . 
C 3 HOH 20 220 17 HOH HOH A . 
D 3 HOH 1  101 15 HOH HOH B . 
# 
_pdbx_struct_mod_residue.id               1 
_pdbx_struct_mod_residue.label_asym_id    B 
_pdbx_struct_mod_residue.label_comp_id    BTK 
_pdbx_struct_mod_residue.label_seq_id     8 
_pdbx_struct_mod_residue.auth_asym_id     B 
_pdbx_struct_mod_residue.auth_comp_id     BTK 
_pdbx_struct_mod_residue.auth_seq_id      8 
_pdbx_struct_mod_residue.PDB_ins_code     ? 
_pdbx_struct_mod_residue.parent_comp_id   LYS 
_pdbx_struct_mod_residue.details          'modified residue' 
# 
_pdbx_struct_assembly.id                   1 
_pdbx_struct_assembly.details              author_defined_assembly 
_pdbx_struct_assembly.method_details       ? 
_pdbx_struct_assembly.oligomeric_details   dimeric 
_pdbx_struct_assembly.oligomeric_count     2 
# 
_pdbx_struct_assembly_gen.assembly_id       1 
_pdbx_struct_assembly_gen.oper_expression   1 
_pdbx_struct_assembly_gen.asym_id_list      A,B,C,D 
# 
_pdbx_struct_oper_list.id                   1 
_pdbx_struct_oper_list.type                 'identity operation' 
_pdbx_struct_oper_list.name                 1_555 
_pdbx_struct_oper_list.symmetry_operation   x,y,z 
_pdbx_struct_oper_list.matrix[1][1]         1.0000000000 
_pdbx_struct_oper_list.matrix[1][2]         0.0000000000 
_pdbx_struct_oper_list.matrix[1][3]         0.0000000000 
_pdbx_struct_oper_list.vector[1]            0.0000000000 
_pdbx_struct_oper_list.matrix[2][1]         0.0000000000 
_pdbx_struct_oper_list.matrix[2][2]         1.0000000000 
_pdbx_struct_oper_list.matrix[2][3]         0.0000000000 
_pdbx_struct_oper_list.vector[2]            0.0000000000 
_pdbx_struct_oper_list.matrix[3][1]         0.0000000000 
_pdbx_struct_oper_list.matrix[3][2]         0.0000000000 
_pdbx_struct_oper_list.matrix[3][3]         1.0000000000 
_pdbx_struct_oper_list.vector[3]            0.0000000000 
# 
loop_
_pdbx_audit_revision_history.ordinal 
_pdbx_audit_revision_history.data_content_type 
_pdbx_audit_revision_history.major_revision 
_pdbx_audit_revision_history.minor_revision 
_pdbx_audit_revision_history.revision_date 
1 'Structure model' 1 0 2015-09-16 
2 'Structure model' 1 1 2015-09-30 
3 'Structure model' 1 2 2015-10-14 
4 'Structure model' 1 3 2016-03-09 
5 'Structure model' 1 4 2023-09-27 
# 
_pdbx_audit_revision_details.ordinal             1 
_pdbx_audit_revision_details.revision_ordinal    1 
_pdbx_audit_revision_details.data_content_type   'Structure model' 
_pdbx_audit_revision_details.provider            repository 
_pdbx_audit_revision_details.type                'Initial release' 
_pdbx_audit_revision_details.description         ? 
_pdbx_audit_revision_details.details             ? 
# 
loop_
_pdbx_audit_revision_group.ordinal 
_pdbx_audit_revision_group.revision_ordinal 
_pdbx_audit_revision_group.data_content_type 
_pdbx_audit_revision_group.group 
1 2 'Structure model' 'Database references'      
2 3 'Structure model' 'Database references'      
3 4 'Structure model' 'Experimental preparation' 
4 5 'Structure model' 'Data collection'          
5 5 'Structure model' 'Database references'      
6 5 'Structure model' 'Derived calculations'     
7 5 'Structure model' 'Refinement description'   
# 
loop_
_pdbx_audit_revision_category.ordinal 
_pdbx_audit_revision_category.revision_ordinal 
_pdbx_audit_revision_category.data_content_type 
_pdbx_audit_revision_category.category 
1 5 'Structure model' chem_comp_atom                
2 5 'Structure model' chem_comp_bond                
3 5 'Structure model' database_2                    
4 5 'Structure model' pdbx_initial_refinement_model 
5 5 'Structure model' pdbx_struct_oper_list         
# 
loop_
_pdbx_audit_revision_item.ordinal 
_pdbx_audit_revision_item.revision_ordinal 
_pdbx_audit_revision_item.data_content_type 
_pdbx_audit_revision_item.item 
1 5 'Structure model' '_database_2.pdbx_DOI'                      
2 5 'Structure model' '_database_2.pdbx_database_accession'       
3 5 'Structure model' '_pdbx_struct_oper_list.symmetry_operation' 
# 
_pdbx_refine_tls.id               1 
_pdbx_refine_tls.pdbx_refine_id   'X-RAY DIFFRACTION' 
_pdbx_refine_tls.details          ? 
_pdbx_refine_tls.method           refined 
_pdbx_refine_tls.origin_x         -0.6164 
_pdbx_refine_tls.origin_y         0.4661 
_pdbx_refine_tls.origin_z         -0.0936 
_pdbx_refine_tls.T[1][1]          0.0116 
_pdbx_refine_tls.T[1][1]_esd      ? 
_pdbx_refine_tls.T[1][2]          0.0087 
_pdbx_refine_tls.T[1][2]_esd      ? 
_pdbx_refine_tls.T[1][3]          0.0031 
_pdbx_refine_tls.T[1][3]_esd      ? 
_pdbx_refine_tls.T[2][2]          0.0665 
_pdbx_refine_tls.T[2][2]_esd      ? 
_pdbx_refine_tls.T[2][3]          0.0022 
_pdbx_refine_tls.T[2][3]_esd      ? 
_pdbx_refine_tls.T[3][3]          0.0137 
_pdbx_refine_tls.T[3][3]_esd      ? 
_pdbx_refine_tls.L[1][1]          1.8101 
_pdbx_refine_tls.L[1][1]_esd      ? 
_pdbx_refine_tls.L[1][2]          -0.5713 
_pdbx_refine_tls.L[1][2]_esd      ? 
_pdbx_refine_tls.L[1][3]          -0.2524 
_pdbx_refine_tls.L[1][3]_esd      ? 
_pdbx_refine_tls.L[2][2]          2.2846 
_pdbx_refine_tls.L[2][2]_esd      ? 
_pdbx_refine_tls.L[2][3]          -0.2050 
_pdbx_refine_tls.L[2][3]_esd      ? 
_pdbx_refine_tls.L[3][3]          0.4339 
_pdbx_refine_tls.L[3][3]_esd      ? 
_pdbx_refine_tls.S[1][1]          0.0326 
_pdbx_refine_tls.S[1][1]_esd      ? 
_pdbx_refine_tls.S[1][2]          -0.0843 
_pdbx_refine_tls.S[1][2]_esd      ? 
_pdbx_refine_tls.S[1][3]          -0.0401 
_pdbx_refine_tls.S[1][3]_esd      ? 
_pdbx_refine_tls.S[2][1]          -0.1321 
_pdbx_refine_tls.S[2][1]_esd      ? 
_pdbx_refine_tls.S[2][2]          0.0139 
_pdbx_refine_tls.S[2][2]_esd      ? 
_pdbx_refine_tls.S[2][3]          0.0045 
_pdbx_refine_tls.S[2][3]_esd      ? 
_pdbx_refine_tls.S[3][1]          -0.0094 
_pdbx_refine_tls.S[3][1]_esd      ? 
_pdbx_refine_tls.S[3][2]          -0.0745 
_pdbx_refine_tls.S[3][2]_esd      ? 
_pdbx_refine_tls.S[3][3]          -0.0465 
_pdbx_refine_tls.S[3][3]_esd      ? 
# 
_pdbx_refine_tls_group.id                  1 
_pdbx_refine_tls_group.pdbx_refine_id      'X-RAY DIFFRACTION' 
_pdbx_refine_tls_group.refine_tls_id       1 
_pdbx_refine_tls_group.beg_label_asym_id   ? 
_pdbx_refine_tls_group.beg_label_seq_id    ? 
_pdbx_refine_tls_group.beg_auth_asym_id    A 
_pdbx_refine_tls_group.beg_auth_seq_id     23 
_pdbx_refine_tls_group.end_label_asym_id   ? 
_pdbx_refine_tls_group.end_label_seq_id    ? 
_pdbx_refine_tls_group.end_auth_asym_id    A 
_pdbx_refine_tls_group.end_auth_seq_id     122 
_pdbx_refine_tls_group.selection           ? 
_pdbx_refine_tls_group.selection_details   ? 
# 
_phasing.method   MR 
# 
loop_
_software.citation_id 
_software.classification 
_software.compiler_name 
_software.compiler_version 
_software.contact_author 
_software.contact_author_email 
_software.date 
_software.description 
_software.dependencies 
_software.hardware 
_software.language 
_software.location 
_software.mods 
_software.name 
_software.os 
_software.os_version 
_software.type 
_software.version 
_software.pdbx_ordinal 
? 'data collection' ? ? ? ? ? ? ? ? ? ? ? HKL-2000    ? ? ? .        1 
? 'data scaling'    ? ? ? ? ? ? ? ? ? ? ? SCALEPACK   ? ? ? .        2 
? phasing           ? ? ? ? ? ? ? ? ? ? ? PHASER      ? ? ? .        3 
? refinement        ? ? ? ? ? ? ? ? ? ? ? REFMAC      ? ? ? 5.8.0069 4 
? 'data extraction' ? ? ? ? ? ? ? ? ? ? ? PDB_EXTRACT ? ? ? 3.15     5 
# 
_pdbx_validate_torsion.id              1 
_pdbx_validate_torsion.PDB_model_num   1 
_pdbx_validate_torsion.auth_comp_id    ASP 
_pdbx_validate_torsion.auth_asym_id    A 
_pdbx_validate_torsion.auth_seq_id     40 
_pdbx_validate_torsion.PDB_ins_code    ? 
_pdbx_validate_torsion.label_alt_id    ? 
_pdbx_validate_torsion.phi             -119.82 
_pdbx_validate_torsion.psi             66.17 
# 
loop_
_pdbx_unobs_or_zero_occ_residues.id 
_pdbx_unobs_or_zero_occ_residues.PDB_model_num 
_pdbx_unobs_or_zero_occ_residues.polymer_flag 
_pdbx_unobs_or_zero_occ_residues.occupancy_flag 
_pdbx_unobs_or_zero_occ_residues.auth_asym_id 
_pdbx_unobs_or_zero_occ_residues.auth_comp_id 
_pdbx_unobs_or_zero_occ_residues.auth_seq_id 
_pdbx_unobs_or_zero_occ_residues.PDB_ins_code 
_pdbx_unobs_or_zero_occ_residues.label_asym_id 
_pdbx_unobs_or_zero_occ_residues.label_comp_id 
_pdbx_unobs_or_zero_occ_residues.label_seq_id 
1  1 Y 1 A GLY 16  ? A GLY 1   
2  1 Y 1 A SER 17  ? A SER 2   
3  1 Y 1 A ALA 18  ? A ALA 3   
4  1 Y 1 A GLU 19  ? A GLU 4   
5  1 Y 1 A ASN 20  ? A ASN 5   
6  1 Y 1 A GLU 21  ? A GLU 6   
7  1 Y 1 A SER 22  ? A SER 7   
8  1 Y 1 A LYS 123 ? A LYS 108 
9  1 Y 1 B SER 1   ? B SER 1   
10 1 Y 1 B GLY 2   ? B GLY 2   
11 1 Y 1 B ARG 3   ? B ARG 3   
12 1 Y 1 B GLY 4   ? B GLY 4   
13 1 Y 1 B BTK 5   ? B BTK 5   
14 1 Y 1 B GLY 9   ? B GLY 9   
15 1 Y 1 B LEU 10  ? B LEU 10  
16 1 Y 1 B GLY 11  ? B GLY 11  
# 
loop_
_chem_comp_atom.comp_id 
_chem_comp_atom.atom_id 
_chem_comp_atom.type_symbol 
_chem_comp_atom.pdbx_aromatic_flag 
_chem_comp_atom.pdbx_stereo_config 
_chem_comp_atom.pdbx_ordinal 
ALA N    N N N 1   
ALA CA   C N S 2   
ALA C    C N N 3   
ALA O    O N N 4   
ALA CB   C N N 5   
ALA OXT  O N N 6   
ALA H    H N N 7   
ALA H2   H N N 8   
ALA HA   H N N 9   
ALA HB1  H N N 10  
ALA HB2  H N N 11  
ALA HB3  H N N 12  
ALA HXT  H N N 13  
ARG N    N N N 14  
ARG CA   C N S 15  
ARG C    C N N 16  
ARG O    O N N 17  
ARG CB   C N N 18  
ARG CG   C N N 19  
ARG CD   C N N 20  
ARG NE   N N N 21  
ARG CZ   C N N 22  
ARG NH1  N N N 23  
ARG NH2  N N N 24  
ARG OXT  O N N 25  
ARG H    H N N 26  
ARG H2   H N N 27  
ARG HA   H N N 28  
ARG HB2  H N N 29  
ARG HB3  H N N 30  
ARG HG2  H N N 31  
ARG HG3  H N N 32  
ARG HD2  H N N 33  
ARG HD3  H N N 34  
ARG HE   H N N 35  
ARG HH11 H N N 36  
ARG HH12 H N N 37  
ARG HH21 H N N 38  
ARG HH22 H N N 39  
ARG HXT  H N N 40  
ASN N    N N N 41  
ASN CA   C N S 42  
ASN C    C N N 43  
ASN O    O N N 44  
ASN CB   C N N 45  
ASN CG   C N N 46  
ASN OD1  O N N 47  
ASN ND2  N N N 48  
ASN OXT  O N N 49  
ASN H    H N N 50  
ASN H2   H N N 51  
ASN HA   H N N 52  
ASN HB2  H N N 53  
ASN HB3  H N N 54  
ASN HD21 H N N 55  
ASN HD22 H N N 56  
ASN HXT  H N N 57  
ASP N    N N N 58  
ASP CA   C N S 59  
ASP C    C N N 60  
ASP O    O N N 61  
ASP CB   C N N 62  
ASP CG   C N N 63  
ASP OD1  O N N 64  
ASP OD2  O N N 65  
ASP OXT  O N N 66  
ASP H    H N N 67  
ASP H2   H N N 68  
ASP HA   H N N 69  
ASP HB2  H N N 70  
ASP HB3  H N N 71  
ASP HD2  H N N 72  
ASP HXT  H N N 73  
BTK C    C N N 74  
BTK N    N N N 75  
BTK O    O N N 76  
BTK CA   C N S 77  
BTK CB   C N N 78  
BTK CD   C N N 79  
BTK CE   C N N 80  
BTK CG   C N N 81  
BTK NZ   N N N 82  
BTK CAA  C N N 83  
BTK OAD  O N N 84  
BTK CAF  C N N 85  
BTK CAJ  C N N 86  
BTK CAN  C N N 87  
BTK OXT  O N N 88  
BTK H    H N N 89  
BTK H2   H N N 90  
BTK HA   H N N 91  
BTK HB2  H N N 92  
BTK HB3  H N N 93  
BTK HD2  H N N 94  
BTK HD3  H N N 95  
BTK HE2  H N N 96  
BTK HE3  H N N 97  
BTK HG2  H N N 98  
BTK HG3  H N N 99  
BTK HNZ  H N N 100 
BTK HAA  H N N 101 
BTK HAAA H N N 102 
BTK HAAB H N N 103 
BTK HAF  H N N 104 
BTK HAFA H N N 105 
BTK HAJ  H N N 106 
BTK HAJA H N N 107 
BTK HXT  H N N 108 
CYS N    N N N 109 
CYS CA   C N R 110 
CYS C    C N N 111 
CYS O    O N N 112 
CYS CB   C N N 113 
CYS SG   S N N 114 
CYS OXT  O N N 115 
CYS H    H N N 116 
CYS H2   H N N 117 
CYS HA   H N N 118 
CYS HB2  H N N 119 
CYS HB3  H N N 120 
CYS HG   H N N 121 
CYS HXT  H N N 122 
GLN N    N N N 123 
GLN CA   C N S 124 
GLN C    C N N 125 
GLN O    O N N 126 
GLN CB   C N N 127 
GLN CG   C N N 128 
GLN CD   C N N 129 
GLN OE1  O N N 130 
GLN NE2  N N N 131 
GLN OXT  O N N 132 
GLN H    H N N 133 
GLN H2   H N N 134 
GLN HA   H N N 135 
GLN HB2  H N N 136 
GLN HB3  H N N 137 
GLN HG2  H N N 138 
GLN HG3  H N N 139 
GLN HE21 H N N 140 
GLN HE22 H N N 141 
GLN HXT  H N N 142 
GLU N    N N N 143 
GLU CA   C N S 144 
GLU C    C N N 145 
GLU O    O N N 146 
GLU CB   C N N 147 
GLU CG   C N N 148 
GLU CD   C N N 149 
GLU OE1  O N N 150 
GLU OE2  O N N 151 
GLU OXT  O N N 152 
GLU H    H N N 153 
GLU H2   H N N 154 
GLU HA   H N N 155 
GLU HB2  H N N 156 
GLU HB3  H N N 157 
GLU HG2  H N N 158 
GLU HG3  H N N 159 
GLU HE2  H N N 160 
GLU HXT  H N N 161 
GLY N    N N N 162 
GLY CA   C N N 163 
GLY C    C N N 164 
GLY O    O N N 165 
GLY OXT  O N N 166 
GLY H    H N N 167 
GLY H2   H N N 168 
GLY HA2  H N N 169 
GLY HA3  H N N 170 
GLY HXT  H N N 171 
HIS N    N N N 172 
HIS CA   C N S 173 
HIS C    C N N 174 
HIS O    O N N 175 
HIS CB   C N N 176 
HIS CG   C Y N 177 
HIS ND1  N Y N 178 
HIS CD2  C Y N 179 
HIS CE1  C Y N 180 
HIS NE2  N Y N 181 
HIS OXT  O N N 182 
HIS H    H N N 183 
HIS H2   H N N 184 
HIS HA   H N N 185 
HIS HB2  H N N 186 
HIS HB3  H N N 187 
HIS HD1  H N N 188 
HIS HD2  H N N 189 
HIS HE1  H N N 190 
HIS HE2  H N N 191 
HIS HXT  H N N 192 
HOH O    O N N 193 
HOH H1   H N N 194 
HOH H2   H N N 195 
ILE N    N N N 196 
ILE CA   C N S 197 
ILE C    C N N 198 
ILE O    O N N 199 
ILE CB   C N S 200 
ILE CG1  C N N 201 
ILE CG2  C N N 202 
ILE CD1  C N N 203 
ILE OXT  O N N 204 
ILE H    H N N 205 
ILE H2   H N N 206 
ILE HA   H N N 207 
ILE HB   H N N 208 
ILE HG12 H N N 209 
ILE HG13 H N N 210 
ILE HG21 H N N 211 
ILE HG22 H N N 212 
ILE HG23 H N N 213 
ILE HD11 H N N 214 
ILE HD12 H N N 215 
ILE HD13 H N N 216 
ILE HXT  H N N 217 
LEU N    N N N 218 
LEU CA   C N S 219 
LEU C    C N N 220 
LEU O    O N N 221 
LEU CB   C N N 222 
LEU CG   C N N 223 
LEU CD1  C N N 224 
LEU CD2  C N N 225 
LEU OXT  O N N 226 
LEU H    H N N 227 
LEU H2   H N N 228 
LEU HA   H N N 229 
LEU HB2  H N N 230 
LEU HB3  H N N 231 
LEU HG   H N N 232 
LEU HD11 H N N 233 
LEU HD12 H N N 234 
LEU HD13 H N N 235 
LEU HD21 H N N 236 
LEU HD22 H N N 237 
LEU HD23 H N N 238 
LEU HXT  H N N 239 
LYS N    N N N 240 
LYS CA   C N S 241 
LYS C    C N N 242 
LYS O    O N N 243 
LYS CB   C N N 244 
LYS CG   C N N 245 
LYS CD   C N N 246 
LYS CE   C N N 247 
LYS NZ   N N N 248 
LYS OXT  O N N 249 
LYS H    H N N 250 
LYS H2   H N N 251 
LYS HA   H N N 252 
LYS HB2  H N N 253 
LYS HB3  H N N 254 
LYS HG2  H N N 255 
LYS HG3  H N N 256 
LYS HD2  H N N 257 
LYS HD3  H N N 258 
LYS HE2  H N N 259 
LYS HE3  H N N 260 
LYS HZ1  H N N 261 
LYS HZ2  H N N 262 
LYS HZ3  H N N 263 
LYS HXT  H N N 264 
MET N    N N N 265 
MET CA   C N S 266 
MET C    C N N 267 
MET O    O N N 268 
MET CB   C N N 269 
MET CG   C N N 270 
MET SD   S N N 271 
MET CE   C N N 272 
MET OXT  O N N 273 
MET H    H N N 274 
MET H2   H N N 275 
MET HA   H N N 276 
MET HB2  H N N 277 
MET HB3  H N N 278 
MET HG2  H N N 279 
MET HG3  H N N 280 
MET HE1  H N N 281 
MET HE2  H N N 282 
MET HE3  H N N 283 
MET HXT  H N N 284 
PHE N    N N N 285 
PHE CA   C N S 286 
PHE C    C N N 287 
PHE O    O N N 288 
PHE CB   C N N 289 
PHE CG   C Y N 290 
PHE CD1  C Y N 291 
PHE CD2  C Y N 292 
PHE CE1  C Y N 293 
PHE CE2  C Y N 294 
PHE CZ   C Y N 295 
PHE OXT  O N N 296 
PHE H    H N N 297 
PHE H2   H N N 298 
PHE HA   H N N 299 
PHE HB2  H N N 300 
PHE HB3  H N N 301 
PHE HD1  H N N 302 
PHE HD2  H N N 303 
PHE HE1  H N N 304 
PHE HE2  H N N 305 
PHE HZ   H N N 306 
PHE HXT  H N N 307 
PRO N    N N N 308 
PRO CA   C N S 309 
PRO C    C N N 310 
PRO O    O N N 311 
PRO CB   C N N 312 
PRO CG   C N N 313 
PRO CD   C N N 314 
PRO OXT  O N N 315 
PRO H    H N N 316 
PRO HA   H N N 317 
PRO HB2  H N N 318 
PRO HB3  H N N 319 
PRO HG2  H N N 320 
PRO HG3  H N N 321 
PRO HD2  H N N 322 
PRO HD3  H N N 323 
PRO HXT  H N N 324 
SER N    N N N 325 
SER CA   C N S 326 
SER C    C N N 327 
SER O    O N N 328 
SER CB   C N N 329 
SER OG   O N N 330 
SER OXT  O N N 331 
SER H    H N N 332 
SER H2   H N N 333 
SER HA   H N N 334 
SER HB2  H N N 335 
SER HB3  H N N 336 
SER HG   H N N 337 
SER HXT  H N N 338 
THR N    N N N 339 
THR CA   C N S 340 
THR C    C N N 341 
THR O    O N N 342 
THR CB   C N R 343 
THR OG1  O N N 344 
THR CG2  C N N 345 
THR OXT  O N N 346 
THR H    H N N 347 
THR H2   H N N 348 
THR HA   H N N 349 
THR HB   H N N 350 
THR HG1  H N N 351 
THR HG21 H N N 352 
THR HG22 H N N 353 
THR HG23 H N N 354 
THR HXT  H N N 355 
TYR N    N N N 356 
TYR CA   C N S 357 
TYR C    C N N 358 
TYR O    O N N 359 
TYR CB   C N N 360 
TYR CG   C Y N 361 
TYR CD1  C Y N 362 
TYR CD2  C Y N 363 
TYR CE1  C Y N 364 
TYR CE2  C Y N 365 
TYR CZ   C Y N 366 
TYR OH   O N N 367 
TYR OXT  O N N 368 
TYR H    H N N 369 
TYR H2   H N N 370 
TYR HA   H N N 371 
TYR HB2  H N N 372 
TYR HB3  H N N 373 
TYR HD1  H N N 374 
TYR HD2  H N N 375 
TYR HE1  H N N 376 
TYR HE2  H N N 377 
TYR HH   H N N 378 
TYR HXT  H N N 379 
VAL N    N N N 380 
VAL CA   C N S 381 
VAL C    C N N 382 
VAL O    O N N 383 
VAL CB   C N N 384 
VAL CG1  C N N 385 
VAL CG2  C N N 386 
VAL OXT  O N N 387 
VAL H    H N N 388 
VAL H2   H N N 389 
VAL HA   H N N 390 
VAL HB   H N N 391 
VAL HG11 H N N 392 
VAL HG12 H N N 393 
VAL HG13 H N N 394 
VAL HG21 H N N 395 
VAL HG22 H N N 396 
VAL HG23 H N N 397 
VAL HXT  H N N 398 
# 
loop_
_chem_comp_bond.comp_id 
_chem_comp_bond.atom_id_1 
_chem_comp_bond.atom_id_2 
_chem_comp_bond.value_order 
_chem_comp_bond.pdbx_aromatic_flag 
_chem_comp_bond.pdbx_stereo_config 
_chem_comp_bond.pdbx_ordinal 
ALA N   CA   sing N N 1   
ALA N   H    sing N N 2   
ALA N   H2   sing N N 3   
ALA CA  C    sing N N 4   
ALA CA  CB   sing N N 5   
ALA CA  HA   sing N N 6   
ALA C   O    doub N N 7   
ALA C   OXT  sing N N 8   
ALA CB  HB1  sing N N 9   
ALA CB  HB2  sing N N 10  
ALA CB  HB3  sing N N 11  
ALA OXT HXT  sing N N 12  
ARG N   CA   sing N N 13  
ARG N   H    sing N N 14  
ARG N   H2   sing N N 15  
ARG CA  C    sing N N 16  
ARG CA  CB   sing N N 17  
ARG CA  HA   sing N N 18  
ARG C   O    doub N N 19  
ARG C   OXT  sing N N 20  
ARG CB  CG   sing N N 21  
ARG CB  HB2  sing N N 22  
ARG CB  HB3  sing N N 23  
ARG CG  CD   sing N N 24  
ARG CG  HG2  sing N N 25  
ARG CG  HG3  sing N N 26  
ARG CD  NE   sing N N 27  
ARG CD  HD2  sing N N 28  
ARG CD  HD3  sing N N 29  
ARG NE  CZ   sing N N 30  
ARG NE  HE   sing N N 31  
ARG CZ  NH1  sing N N 32  
ARG CZ  NH2  doub N N 33  
ARG NH1 HH11 sing N N 34  
ARG NH1 HH12 sing N N 35  
ARG NH2 HH21 sing N N 36  
ARG NH2 HH22 sing N N 37  
ARG OXT HXT  sing N N 38  
ASN N   CA   sing N N 39  
ASN N   H    sing N N 40  
ASN N   H2   sing N N 41  
ASN CA  C    sing N N 42  
ASN CA  CB   sing N N 43  
ASN CA  HA   sing N N 44  
ASN C   O    doub N N 45  
ASN C   OXT  sing N N 46  
ASN CB  CG   sing N N 47  
ASN CB  HB2  sing N N 48  
ASN CB  HB3  sing N N 49  
ASN CG  OD1  doub N N 50  
ASN CG  ND2  sing N N 51  
ASN ND2 HD21 sing N N 52  
ASN ND2 HD22 sing N N 53  
ASN OXT HXT  sing N N 54  
ASP N   CA   sing N N 55  
ASP N   H    sing N N 56  
ASP N   H2   sing N N 57  
ASP CA  C    sing N N 58  
ASP CA  CB   sing N N 59  
ASP CA  HA   sing N N 60  
ASP C   O    doub N N 61  
ASP C   OXT  sing N N 62  
ASP CB  CG   sing N N 63  
ASP CB  HB2  sing N N 64  
ASP CB  HB3  sing N N 65  
ASP CG  OD1  doub N N 66  
ASP CG  OD2  sing N N 67  
ASP OD2 HD2  sing N N 68  
ASP OXT HXT  sing N N 69  
BTK C   O    doub N N 70  
BTK C   CA   sing N N 71  
BTK C   OXT  sing N N 72  
BTK N   CA   sing N N 73  
BTK N   H    sing N N 74  
BTK N   H2   sing N N 75  
BTK CA  CB   sing N N 76  
BTK CA  HA   sing N N 77  
BTK CB  CG   sing N N 78  
BTK CB  HB2  sing N N 79  
BTK CB  HB3  sing N N 80  
BTK CD  CE   sing N N 81  
BTK CD  CG   sing N N 82  
BTK CD  HD2  sing N N 83  
BTK CD  HD3  sing N N 84  
BTK CE  NZ   sing N N 85  
BTK CE  HE2  sing N N 86  
BTK CE  HE3  sing N N 87  
BTK CG  HG2  sing N N 88  
BTK CG  HG3  sing N N 89  
BTK NZ  CAN  sing N N 90  
BTK NZ  HNZ  sing N N 91  
BTK CAA CAF  sing N N 92  
BTK CAA HAA  sing N N 93  
BTK CAA HAAA sing N N 94  
BTK CAA HAAB sing N N 95  
BTK OAD CAN  doub N N 96  
BTK CAF CAJ  sing N N 97  
BTK CAF HAF  sing N N 98  
BTK CAF HAFA sing N N 99  
BTK CAJ CAN  sing N N 100 
BTK CAJ HAJ  sing N N 101 
BTK CAJ HAJA sing N N 102 
BTK OXT HXT  sing N N 103 
CYS N   CA   sing N N 104 
CYS N   H    sing N N 105 
CYS N   H2   sing N N 106 
CYS CA  C    sing N N 107 
CYS CA  CB   sing N N 108 
CYS CA  HA   sing N N 109 
CYS C   O    doub N N 110 
CYS C   OXT  sing N N 111 
CYS CB  SG   sing N N 112 
CYS CB  HB2  sing N N 113 
CYS CB  HB3  sing N N 114 
CYS SG  HG   sing N N 115 
CYS OXT HXT  sing N N 116 
GLN N   CA   sing N N 117 
GLN N   H    sing N N 118 
GLN N   H2   sing N N 119 
GLN CA  C    sing N N 120 
GLN CA  CB   sing N N 121 
GLN CA  HA   sing N N 122 
GLN C   O    doub N N 123 
GLN C   OXT  sing N N 124 
GLN CB  CG   sing N N 125 
GLN CB  HB2  sing N N 126 
GLN CB  HB3  sing N N 127 
GLN CG  CD   sing N N 128 
GLN CG  HG2  sing N N 129 
GLN CG  HG3  sing N N 130 
GLN CD  OE1  doub N N 131 
GLN CD  NE2  sing N N 132 
GLN NE2 HE21 sing N N 133 
GLN NE2 HE22 sing N N 134 
GLN OXT HXT  sing N N 135 
GLU N   CA   sing N N 136 
GLU N   H    sing N N 137 
GLU N   H2   sing N N 138 
GLU CA  C    sing N N 139 
GLU CA  CB   sing N N 140 
GLU CA  HA   sing N N 141 
GLU C   O    doub N N 142 
GLU C   OXT  sing N N 143 
GLU CB  CG   sing N N 144 
GLU CB  HB2  sing N N 145 
GLU CB  HB3  sing N N 146 
GLU CG  CD   sing N N 147 
GLU CG  HG2  sing N N 148 
GLU CG  HG3  sing N N 149 
GLU CD  OE1  doub N N 150 
GLU CD  OE2  sing N N 151 
GLU OE2 HE2  sing N N 152 
GLU OXT HXT  sing N N 153 
GLY N   CA   sing N N 154 
GLY N   H    sing N N 155 
GLY N   H2   sing N N 156 
GLY CA  C    sing N N 157 
GLY CA  HA2  sing N N 158 
GLY CA  HA3  sing N N 159 
GLY C   O    doub N N 160 
GLY C   OXT  sing N N 161 
GLY OXT HXT  sing N N 162 
HIS N   CA   sing N N 163 
HIS N   H    sing N N 164 
HIS N   H2   sing N N 165 
HIS CA  C    sing N N 166 
HIS CA  CB   sing N N 167 
HIS CA  HA   sing N N 168 
HIS C   O    doub N N 169 
HIS C   OXT  sing N N 170 
HIS CB  CG   sing N N 171 
HIS CB  HB2  sing N N 172 
HIS CB  HB3  sing N N 173 
HIS CG  ND1  sing Y N 174 
HIS CG  CD2  doub Y N 175 
HIS ND1 CE1  doub Y N 176 
HIS ND1 HD1  sing N N 177 
HIS CD2 NE2  sing Y N 178 
HIS CD2 HD2  sing N N 179 
HIS CE1 NE2  sing Y N 180 
HIS CE1 HE1  sing N N 181 
HIS NE2 HE2  sing N N 182 
HIS OXT HXT  sing N N 183 
HOH O   H1   sing N N 184 
HOH O   H2   sing N N 185 
ILE N   CA   sing N N 186 
ILE N   H    sing N N 187 
ILE N   H2   sing N N 188 
ILE CA  C    sing N N 189 
ILE CA  CB   sing N N 190 
ILE CA  HA   sing N N 191 
ILE C   O    doub N N 192 
ILE C   OXT  sing N N 193 
ILE CB  CG1  sing N N 194 
ILE CB  CG2  sing N N 195 
ILE CB  HB   sing N N 196 
ILE CG1 CD1  sing N N 197 
ILE CG1 HG12 sing N N 198 
ILE CG1 HG13 sing N N 199 
ILE CG2 HG21 sing N N 200 
ILE CG2 HG22 sing N N 201 
ILE CG2 HG23 sing N N 202 
ILE CD1 HD11 sing N N 203 
ILE CD1 HD12 sing N N 204 
ILE CD1 HD13 sing N N 205 
ILE OXT HXT  sing N N 206 
LEU N   CA   sing N N 207 
LEU N   H    sing N N 208 
LEU N   H2   sing N N 209 
LEU CA  C    sing N N 210 
LEU CA  CB   sing N N 211 
LEU CA  HA   sing N N 212 
LEU C   O    doub N N 213 
LEU C   OXT  sing N N 214 
LEU CB  CG   sing N N 215 
LEU CB  HB2  sing N N 216 
LEU CB  HB3  sing N N 217 
LEU CG  CD1  sing N N 218 
LEU CG  CD2  sing N N 219 
LEU CG  HG   sing N N 220 
LEU CD1 HD11 sing N N 221 
LEU CD1 HD12 sing N N 222 
LEU CD1 HD13 sing N N 223 
LEU CD2 HD21 sing N N 224 
LEU CD2 HD22 sing N N 225 
LEU CD2 HD23 sing N N 226 
LEU OXT HXT  sing N N 227 
LYS N   CA   sing N N 228 
LYS N   H    sing N N 229 
LYS N   H2   sing N N 230 
LYS CA  C    sing N N 231 
LYS CA  CB   sing N N 232 
LYS CA  HA   sing N N 233 
LYS C   O    doub N N 234 
LYS C   OXT  sing N N 235 
LYS CB  CG   sing N N 236 
LYS CB  HB2  sing N N 237 
LYS CB  HB3  sing N N 238 
LYS CG  CD   sing N N 239 
LYS CG  HG2  sing N N 240 
LYS CG  HG3  sing N N 241 
LYS CD  CE   sing N N 242 
LYS CD  HD2  sing N N 243 
LYS CD  HD3  sing N N 244 
LYS CE  NZ   sing N N 245 
LYS CE  HE2  sing N N 246 
LYS CE  HE3  sing N N 247 
LYS NZ  HZ1  sing N N 248 
LYS NZ  HZ2  sing N N 249 
LYS NZ  HZ3  sing N N 250 
LYS OXT HXT  sing N N 251 
MET N   CA   sing N N 252 
MET N   H    sing N N 253 
MET N   H2   sing N N 254 
MET CA  C    sing N N 255 
MET CA  CB   sing N N 256 
MET CA  HA   sing N N 257 
MET C   O    doub N N 258 
MET C   OXT  sing N N 259 
MET CB  CG   sing N N 260 
MET CB  HB2  sing N N 261 
MET CB  HB3  sing N N 262 
MET CG  SD   sing N N 263 
MET CG  HG2  sing N N 264 
MET CG  HG3  sing N N 265 
MET SD  CE   sing N N 266 
MET CE  HE1  sing N N 267 
MET CE  HE2  sing N N 268 
MET CE  HE3  sing N N 269 
MET OXT HXT  sing N N 270 
PHE N   CA   sing N N 271 
PHE N   H    sing N N 272 
PHE N   H2   sing N N 273 
PHE CA  C    sing N N 274 
PHE CA  CB   sing N N 275 
PHE CA  HA   sing N N 276 
PHE C   O    doub N N 277 
PHE C   OXT  sing N N 278 
PHE CB  CG   sing N N 279 
PHE CB  HB2  sing N N 280 
PHE CB  HB3  sing N N 281 
PHE CG  CD1  doub Y N 282 
PHE CG  CD2  sing Y N 283 
PHE CD1 CE1  sing Y N 284 
PHE CD1 HD1  sing N N 285 
PHE CD2 CE2  doub Y N 286 
PHE CD2 HD2  sing N N 287 
PHE CE1 CZ   doub Y N 288 
PHE CE1 HE1  sing N N 289 
PHE CE2 CZ   sing Y N 290 
PHE CE2 HE2  sing N N 291 
PHE CZ  HZ   sing N N 292 
PHE OXT HXT  sing N N 293 
PRO N   CA   sing N N 294 
PRO N   CD   sing N N 295 
PRO N   H    sing N N 296 
PRO CA  C    sing N N 297 
PRO CA  CB   sing N N 298 
PRO CA  HA   sing N N 299 
PRO C   O    doub N N 300 
PRO C   OXT  sing N N 301 
PRO CB  CG   sing N N 302 
PRO CB  HB2  sing N N 303 
PRO CB  HB3  sing N N 304 
PRO CG  CD   sing N N 305 
PRO CG  HG2  sing N N 306 
PRO CG  HG3  sing N N 307 
PRO CD  HD2  sing N N 308 
PRO CD  HD3  sing N N 309 
PRO OXT HXT  sing N N 310 
SER N   CA   sing N N 311 
SER N   H    sing N N 312 
SER N   H2   sing N N 313 
SER CA  C    sing N N 314 
SER CA  CB   sing N N 315 
SER CA  HA   sing N N 316 
SER C   O    doub N N 317 
SER C   OXT  sing N N 318 
SER CB  OG   sing N N 319 
SER CB  HB2  sing N N 320 
SER CB  HB3  sing N N 321 
SER OG  HG   sing N N 322 
SER OXT HXT  sing N N 323 
THR N   CA   sing N N 324 
THR N   H    sing N N 325 
THR N   H2   sing N N 326 
THR CA  C    sing N N 327 
THR CA  CB   sing N N 328 
THR CA  HA   sing N N 329 
THR C   O    doub N N 330 
THR C   OXT  sing N N 331 
THR CB  OG1  sing N N 332 
THR CB  CG2  sing N N 333 
THR CB  HB   sing N N 334 
THR OG1 HG1  sing N N 335 
THR CG2 HG21 sing N N 336 
THR CG2 HG22 sing N N 337 
THR CG2 HG23 sing N N 338 
THR OXT HXT  sing N N 339 
TYR N   CA   sing N N 340 
TYR N   H    sing N N 341 
TYR N   H2   sing N N 342 
TYR CA  C    sing N N 343 
TYR CA  CB   sing N N 344 
TYR CA  HA   sing N N 345 
TYR C   O    doub N N 346 
TYR C   OXT  sing N N 347 
TYR CB  CG   sing N N 348 
TYR CB  HB2  sing N N 349 
TYR CB  HB3  sing N N 350 
TYR CG  CD1  doub Y N 351 
TYR CG  CD2  sing Y N 352 
TYR CD1 CE1  sing Y N 353 
TYR CD1 HD1  sing N N 354 
TYR CD2 CE2  doub Y N 355 
TYR CD2 HD2  sing N N 356 
TYR CE1 CZ   doub Y N 357 
TYR CE1 HE1  sing N N 358 
TYR CE2 CZ   sing Y N 359 
TYR CE2 HE2  sing N N 360 
TYR CZ  OH   sing N N 361 
TYR OH  HH   sing N N 362 
TYR OXT HXT  sing N N 363 
VAL N   CA   sing N N 364 
VAL N   H    sing N N 365 
VAL N   H2   sing N N 366 
VAL CA  C    sing N N 367 
VAL CA  CB   sing N N 368 
VAL CA  HA   sing N N 369 
VAL C   O    doub N N 370 
VAL C   OXT  sing N N 371 
VAL CB  CG1  sing N N 372 
VAL CB  CG2  sing N N 373 
VAL CB  HB   sing N N 374 
VAL CG1 HG11 sing N N 375 
VAL CG1 HG12 sing N N 376 
VAL CG1 HG13 sing N N 377 
VAL CG2 HG21 sing N N 378 
VAL CG2 HG22 sing N N 379 
VAL CG2 HG23 sing N N 380 
VAL OXT HXT  sing N N 381 
# 
_pdbx_entity_nonpoly.entity_id   3 
_pdbx_entity_nonpoly.name        water 
_pdbx_entity_nonpoly.comp_id     HOH 
# 
_pdbx_initial_refinement_model.id               1 
_pdbx_initial_refinement_model.entity_id_list   ? 
_pdbx_initial_refinement_model.type             'experimental model' 
_pdbx_initial_refinement_model.source_name      PDB 
_pdbx_initial_refinement_model.accession_code   3HME 
_pdbx_initial_refinement_model.details          'PDB entry 3HME' 
# 
